data_5D8Q
#
_entry.id   5D8Q
#
_cell.length_a   117.864
_cell.length_b   169.989
_cell.length_c   125.662
_cell.angle_alpha   90.000
_cell.angle_beta   90.000
_cell.angle_gamma   90.000
#
_symmetry.space_group_name_H-M   'P 21 21 2'
#
loop_
_entity.id
_entity.type
_entity.pdbx_description
1 polymer Ferroxidase
2 non-polymer ARSENIC
3 non-polymer 'MAGNESIUM ION'
4 non-polymer 'PROTOPORPHYRIN IX CONTAINING FE'
5 water water
#
_entity_poly.entity_id   1
_entity_poly.type   'polypeptide(L)'
_entity_poly.pdbx_seq_one_letter_code
;MKGDKKVIQHLNKILGNELIAINQYFLHSRMWNDWGLKRLGAHEYHESIDEMKHADKLIERILFLEGAPNLQDLGKLLIG
ENTQEMLQCDLNLELKATKDLREAIVHCEQVHDYVSRDLLKDILESEEEHIDYLETQLGLIQKVGLENYLQSHMHEDD
;
_entity_poly.pdbx_strand_id   A,B,C,D,E,F,G,H,I,J,K,L
#
loop_
_chem_comp.id
_chem_comp.type
_chem_comp.name
_chem_comp.formula
ARS non-polymer ARSENIC As
HEM non-polymer 'PROTOPORPHYRIN IX CONTAINING FE' 'C34 H32 Fe N4 O4'
MG non-polymer 'MAGNESIUM ION' 'Mg 2'
#
# COMPACT_ATOMS: atom_id res chain seq x y z
N MET A 1 22.29 -3.75 42.33
CA MET A 1 23.41 -2.86 42.76
C MET A 1 22.83 -1.67 43.55
N LYS A 2 23.19 -1.49 44.82
CA LYS A 2 22.52 -0.45 45.61
C LYS A 2 22.86 0.93 45.03
N GLY A 3 21.92 1.56 44.33
CA GLY A 3 22.19 2.87 43.78
C GLY A 3 22.04 3.99 44.82
N ASP A 4 22.46 5.19 44.42
CA ASP A 4 22.30 6.40 45.23
C ASP A 4 20.82 6.76 45.49
N LYS A 5 20.49 7.09 46.75
CA LYS A 5 19.09 7.38 47.08
C LYS A 5 18.54 8.55 46.27
N LYS A 6 19.29 9.65 46.17
CA LYS A 6 18.79 10.82 45.42
C LYS A 6 18.82 10.60 43.92
N VAL A 7 19.80 9.87 43.38
CA VAL A 7 19.73 9.47 41.98
C VAL A 7 18.40 8.78 41.72
N ILE A 8 18.08 7.80 42.56
CA ILE A 8 16.84 7.07 42.38
C ILE A 8 15.65 8.01 42.44
N GLN A 9 15.71 9.04 43.31
CA GLN A 9 14.60 9.97 43.41
C GLN A 9 14.47 10.84 42.17
N HIS A 10 15.60 11.28 41.58
CA HIS A 10 15.53 11.98 40.30
C HIS A 10 14.94 11.11 39.22
N LEU A 11 15.31 9.83 39.19
CA LEU A 11 14.82 8.97 38.11
C LEU A 11 13.33 8.77 38.22
N ASN A 12 12.84 8.57 39.44
CA ASN A 12 11.40 8.55 39.64
C ASN A 12 10.73 9.88 39.23
N LYS A 13 11.42 11.02 39.42
CA LYS A 13 10.84 12.30 38.97
C LYS A 13 10.78 12.41 37.44
N ILE A 14 11.86 12.01 36.75
CA ILE A 14 11.84 12.00 35.29
C ILE A 14 10.79 11.02 34.78
N LEU A 15 10.67 9.86 35.44
CA LEU A 15 9.60 8.92 35.09
C LEU A 15 8.22 9.56 35.19
N GLY A 16 7.97 10.32 36.28
CA GLY A 16 6.71 11.05 36.42
C GLY A 16 6.46 12.02 35.27
N ASN A 17 7.48 12.71 34.82
CA ASN A 17 7.35 13.53 33.63
C ASN A 17 6.98 12.69 32.42
N GLU A 18 7.60 11.51 32.26
CA GLU A 18 7.26 10.68 31.10
C GLU A 18 5.82 10.23 31.18
N LEU A 19 5.36 9.89 32.37
CA LEU A 19 4.00 9.39 32.48
C LEU A 19 2.99 10.45 32.11
N ILE A 20 3.26 11.71 32.45
CA ILE A 20 2.35 12.79 32.03
C ILE A 20 2.32 12.87 30.52
N ALA A 21 3.50 12.92 29.91
CA ALA A 21 3.63 13.12 28.48
C ALA A 21 2.95 12.01 27.69
N ILE A 22 3.12 10.78 28.14
CA ILE A 22 2.50 9.63 27.46
C ILE A 22 1.03 9.89 27.28
N ASN A 23 0.34 10.09 28.42
CA ASN A 23 -1.11 10.33 28.39
C ASN A 23 -1.44 11.60 27.61
N GLN A 24 -0.70 12.68 27.83
CA GLN A 24 -1.02 13.94 27.15
C GLN A 24 -0.87 13.78 25.63
N TYR A 25 0.23 13.17 25.18
CA TYR A 25 0.43 12.98 23.73
C TYR A 25 -0.59 11.99 23.17
N PHE A 26 -0.89 10.93 23.90
CA PHE A 26 -1.85 9.97 23.37
C PHE A 26 -3.23 10.61 23.21
N LEU A 27 -3.65 11.40 24.19
CA LEU A 27 -4.95 12.09 24.05
C LEU A 27 -4.93 13.16 22.96
N HIS A 28 -3.85 13.92 22.84
CA HIS A 28 -3.81 14.89 21.75
C HIS A 28 -3.88 14.21 20.40
N SER A 29 -3.20 13.05 20.28
CA SER A 29 -3.16 12.31 19.02
C SER A 29 -4.55 11.85 18.63
N ARG A 30 -5.28 11.32 19.59
CA ARG A 30 -6.60 10.83 19.29
C ARG A 30 -7.58 11.96 19.06
N MET A 31 -7.36 13.12 19.69
CA MET A 31 -8.15 14.30 19.33
C MET A 31 -7.89 14.71 17.89
N TRP A 32 -6.61 14.80 17.49
CA TRP A 32 -6.35 15.16 16.09
C TRP A 32 -6.92 14.11 15.14
N ASN A 33 -6.79 12.82 15.44
CA ASN A 33 -7.45 11.81 14.60
C ASN A 33 -8.97 12.03 14.57
N ASP A 34 -9.57 12.24 15.74
CA ASP A 34 -11.02 12.45 15.82
C ASP A 34 -11.49 13.64 15.00
N TRP A 35 -10.73 14.74 15.00
CA TRP A 35 -11.05 15.86 14.12
C TRP A 35 -10.67 15.64 12.65
N GLY A 36 -10.12 14.49 12.28
CA GLY A 36 -9.81 14.27 10.89
C GLY A 36 -8.47 14.83 10.48
N LEU A 37 -7.66 15.28 11.41
CA LEU A 37 -6.31 15.73 11.13
C LEU A 37 -5.35 14.55 11.33
N LYS A 38 -5.39 13.60 10.38
CA LYS A 38 -4.75 12.29 10.58
C LYS A 38 -3.22 12.35 10.60
N ARG A 39 -2.60 13.29 9.88
CA ARG A 39 -1.14 13.37 9.91
C ARG A 39 -0.65 13.83 11.27
N LEU A 40 -1.32 14.83 11.87
CA LEU A 40 -0.98 15.21 13.25
C LEU A 40 -1.28 14.08 14.24
N GLY A 41 -2.40 13.39 14.06
CA GLY A 41 -2.67 12.27 14.93
C GLY A 41 -1.52 11.26 14.89
N ALA A 42 -1.10 10.87 13.67
CA ALA A 42 -0.02 9.88 13.55
C ALA A 42 1.26 10.41 14.17
N HIS A 43 1.62 11.65 13.87
CA HIS A 43 2.86 12.13 14.44
C HIS A 43 2.80 12.14 15.96
N GLU A 44 1.71 12.66 16.55
CA GLU A 44 1.62 12.72 18.00
C GLU A 44 1.60 11.32 18.60
N TYR A 45 0.98 10.37 17.90
CA TYR A 45 1.04 8.98 18.34
C TYR A 45 2.47 8.53 18.52
N HIS A 46 3.33 8.84 17.57
CA HIS A 46 4.70 8.32 17.70
C HIS A 46 5.46 9.01 18.81
N GLU A 47 5.14 10.28 19.12
CA GLU A 47 5.73 10.93 20.30
C GLU A 47 5.29 10.22 21.57
N SER A 48 4.03 9.83 21.64
CA SER A 48 3.56 9.06 22.79
C SER A 48 4.37 7.78 22.96
N ILE A 49 4.48 6.97 21.90
CA ILE A 49 5.28 5.73 21.94
C ILE A 49 6.68 5.99 22.46
N ASP A 50 7.32 7.05 21.98
CA ASP A 50 8.68 7.36 22.39
C ASP A 50 8.76 7.61 23.88
N GLU A 51 7.84 8.40 24.43
CA GLU A 51 7.84 8.59 25.87
C GLU A 51 7.56 7.25 26.58
N MET A 52 6.72 6.41 26.02
CA MET A 52 6.58 5.07 26.60
C MET A 52 7.92 4.32 26.66
N LYS A 53 8.72 4.36 25.58
CA LYS A 53 10.00 3.67 25.59
C LYS A 53 10.97 4.27 26.60
N HIS A 54 10.92 5.60 26.79
CA HIS A 54 11.73 6.25 27.83
C HIS A 54 11.33 5.80 29.21
N ALA A 55 10.02 5.65 29.45
CA ALA A 55 9.52 5.27 30.77
C ALA A 55 9.91 3.84 31.10
N ASP A 56 9.87 2.96 30.09
CA ASP A 56 10.40 1.61 30.22
C ASP A 56 11.86 1.59 30.68
N LYS A 57 12.74 2.32 29.98
CA LYS A 57 14.16 2.25 30.36
C LYS A 57 14.40 2.84 31.76
N LEU A 58 13.68 3.92 32.12
CA LEU A 58 13.77 4.44 33.48
C LEU A 58 13.30 3.40 34.51
N ILE A 59 12.18 2.72 34.24
CA ILE A 59 11.70 1.72 35.20
C ILE A 59 12.75 0.62 35.37
N GLU A 60 13.38 0.19 34.27
CA GLU A 60 14.37 -0.88 34.34
C GLU A 60 15.57 -0.48 35.16
N ARG A 61 16.00 0.77 35.00
CA ARG A 61 17.16 1.27 35.72
C ARG A 61 16.84 1.44 37.20
N ILE A 62 15.68 2.03 37.51
CA ILE A 62 15.26 2.19 38.91
C ILE A 62 15.25 0.83 39.61
N LEU A 63 14.71 -0.21 38.95
CA LEU A 63 14.63 -1.51 39.62
C LEU A 63 16.01 -2.09 39.81
N PHE A 64 16.89 -1.93 38.82
CA PHE A 64 18.25 -2.42 38.94
C PHE A 64 18.97 -1.79 40.12
N LEU A 65 18.73 -0.51 40.38
CA LEU A 65 19.37 0.22 41.44
C LEU A 65 18.69 0.01 42.78
N GLU A 66 17.70 -0.89 42.81
CA GLU A 66 17.06 -1.38 44.03
C GLU A 66 16.11 -0.33 44.58
N GLY A 67 15.38 0.30 43.67
CA GLY A 67 14.38 1.29 44.01
C GLY A 67 12.99 0.81 43.64
N ALA A 68 12.01 1.64 43.98
CA ALA A 68 10.60 1.38 43.72
C ALA A 68 10.10 2.33 42.64
N PRO A 69 9.89 1.89 41.42
CA PRO A 69 9.34 2.79 40.41
C PRO A 69 8.00 3.32 40.87
N ASN A 70 7.79 4.64 40.70
CA ASN A 70 6.53 5.29 41.08
C ASN A 70 5.69 5.48 39.82
N LEU A 71 4.76 4.56 39.59
CA LEU A 71 3.81 4.73 38.51
C LEU A 71 2.48 5.27 38.98
N GLN A 72 2.31 5.49 40.29
CA GLN A 72 1.00 5.86 40.84
C GLN A 72 0.71 7.35 40.82
N ASP A 73 1.71 8.21 41.03
CA ASP A 73 1.42 9.62 41.26
C ASP A 73 1.55 10.33 39.92
N LEU A 74 0.41 10.68 39.33
CA LEU A 74 0.35 11.22 37.98
C LEU A 74 0.14 12.71 38.06
N GLY A 75 1.08 13.47 37.54
CA GLY A 75 1.00 14.92 37.51
C GLY A 75 -0.03 15.40 36.55
N LYS A 76 -0.09 16.74 36.45
CA LYS A 76 -1.12 17.44 35.69
C LYS A 76 -0.85 17.40 34.19
N LEU A 77 -1.82 16.88 33.44
CA LEU A 77 -1.84 16.89 31.99
C LEU A 77 -2.22 18.27 31.47
N LEU A 78 -1.55 18.69 30.42
CA LEU A 78 -1.83 19.97 29.78
C LEU A 78 -2.54 19.67 28.46
N ILE A 79 -3.87 19.70 28.49
CA ILE A 79 -4.71 19.30 27.36
C ILE A 79 -5.28 20.56 26.74
N GLY A 80 -5.17 20.66 25.42
CA GLY A 80 -5.49 21.89 24.72
C GLY A 80 -6.80 21.75 23.98
N GLU A 81 -7.26 22.88 23.45
CA GLU A 81 -8.60 22.99 22.86
C GLU A 81 -8.56 23.03 21.35
N ASN A 82 -7.45 23.48 20.79
CA ASN A 82 -7.26 23.57 19.36
C ASN A 82 -5.81 23.18 19.07
N THR A 83 -5.53 22.98 17.79
CA THR A 83 -4.20 22.50 17.38
C THR A 83 -3.08 23.38 17.96
N GLN A 84 -3.28 24.69 17.90
CA GLN A 84 -2.27 25.63 18.33
C GLN A 84 -2.00 25.52 19.82
N GLU A 85 -3.04 25.46 20.64
CA GLU A 85 -2.81 25.32 22.07
C GLU A 85 -2.24 23.96 22.44
N MET A 86 -2.70 22.88 21.78
CA MET A 86 -2.11 21.56 22.02
C MET A 86 -0.60 21.56 21.74
N LEU A 87 -0.16 22.14 20.62
CA LEU A 87 1.29 22.18 20.39
C LEU A 87 1.99 22.95 21.50
N GLN A 88 1.41 24.10 21.92
CA GLN A 88 2.00 24.91 22.98
C GLN A 88 1.98 24.19 24.32
N CYS A 89 0.90 23.44 24.62
CA CYS A 89 0.89 22.61 25.83
C CYS A 89 2.00 21.57 25.82
N ASP A 90 2.14 20.84 24.71
CA ASP A 90 3.27 19.91 24.56
C ASP A 90 4.58 20.62 24.83
N LEU A 91 4.76 21.80 24.23
CA LEU A 91 6.03 22.51 24.38
C LEU A 91 6.31 22.89 25.83
N ASN A 92 5.32 23.45 26.52
CA ASN A 92 5.46 23.77 27.95
C ASN A 92 5.86 22.56 28.75
N LEU A 93 5.15 21.45 28.55
CA LEU A 93 5.53 20.23 29.25
C LEU A 93 6.97 19.82 28.88
N GLU A 94 7.32 19.88 27.60
CA GLU A 94 8.70 19.49 27.23
C GLU A 94 9.76 20.40 27.88
N LEU A 95 9.44 21.68 28.12
CA LEU A 95 10.44 22.57 28.72
C LEU A 95 10.60 22.31 30.21
N LYS A 96 9.52 21.93 30.90
CA LYS A 96 9.72 21.49 32.29
C LYS A 96 10.52 20.19 32.36
N ALA A 97 10.28 19.24 31.43
CA ALA A 97 11.01 17.96 31.42
C ALA A 97 12.53 18.15 31.24
N THR A 98 12.92 18.98 30.28
CA THR A 98 14.35 19.21 30.07
C THR A 98 15.00 19.89 31.28
N LYS A 99 14.30 20.79 31.97
CA LYS A 99 14.87 21.34 33.20
C LYS A 99 15.14 20.22 34.21
N ASP A 100 14.13 19.38 34.48
CA ASP A 100 14.36 18.30 35.46
C ASP A 100 15.45 17.35 34.98
N LEU A 101 15.54 17.10 33.67
CA LEU A 101 16.61 16.23 33.16
C LEU A 101 18.00 16.81 33.44
N ARG A 102 18.17 18.12 33.25
CA ARG A 102 19.48 18.74 33.51
C ARG A 102 19.87 18.63 34.98
N GLU A 103 18.95 18.93 35.91
CA GLU A 103 19.26 18.83 37.34
C GLU A 103 19.56 17.40 37.76
N ALA A 104 18.83 16.43 37.22
CA ALA A 104 19.14 15.04 37.53
C ALA A 104 20.53 14.62 37.03
N ILE A 105 20.88 15.05 35.80
CA ILE A 105 22.21 14.73 35.26
C ILE A 105 23.30 15.32 36.15
N VAL A 106 23.12 16.58 36.60
CA VAL A 106 24.13 17.19 37.45
C VAL A 106 24.36 16.31 38.67
N HIS A 107 23.27 15.87 39.30
CA HIS A 107 23.45 15.04 40.48
C HIS A 107 24.11 13.70 40.14
N CYS A 108 23.74 13.07 39.02
CA CYS A 108 24.38 11.79 38.67
C CYS A 108 25.89 11.98 38.56
N GLU A 109 26.34 13.09 37.97
CA GLU A 109 27.77 13.33 37.80
C GLU A 109 28.49 13.49 39.14
N GLN A 110 27.86 14.16 40.12
CA GLN A 110 28.53 14.38 41.40
C GLN A 110 28.75 13.07 42.15
N VAL A 111 27.79 12.16 42.08
CA VAL A 111 27.90 10.86 42.75
C VAL A 111 28.46 9.79 41.83
N HIS A 112 28.94 10.15 40.63
CA HIS A 112 29.60 9.22 39.70
C HIS A 112 28.67 8.13 39.16
N ASP A 113 27.35 8.31 39.12
CA ASP A 113 26.48 7.36 38.47
C ASP A 113 26.44 7.72 36.99
N TYR A 114 27.52 7.34 36.28
CA TYR A 114 27.72 7.76 34.90
C TYR A 114 26.81 7.04 33.91
N VAL A 115 26.44 5.79 34.17
CA VAL A 115 25.48 5.10 33.31
C VAL A 115 24.09 5.73 33.42
N SER A 116 23.66 6.12 34.64
CA SER A 116 22.41 6.88 34.75
C SER A 116 22.50 8.21 33.98
N ARG A 117 23.64 8.90 34.07
CA ARG A 117 23.79 10.13 33.31
C ARG A 117 23.62 9.90 31.83
N ASP A 118 24.23 8.82 31.31
CA ASP A 118 24.19 8.54 29.87
C ASP A 118 22.76 8.21 29.44
N LEU A 119 22.05 7.43 30.24
CA LEU A 119 20.61 7.25 30.02
C LEU A 119 19.87 8.59 29.94
N LEU A 120 20.07 9.45 30.94
CA LEU A 120 19.34 10.72 30.94
C LEU A 120 19.74 11.61 29.78
N LYS A 121 21.01 11.56 29.34
CA LYS A 121 21.40 12.35 28.19
C LYS A 121 20.67 11.91 26.93
N ASP A 122 20.46 10.59 26.74
CA ASP A 122 19.80 10.11 25.53
C ASP A 122 18.35 10.56 25.50
N ILE A 123 17.67 10.49 26.63
CA ILE A 123 16.31 11.01 26.73
C ILE A 123 16.31 12.52 26.42
N LEU A 124 17.24 13.27 27.02
CA LEU A 124 17.29 14.71 26.78
C LEU A 124 17.40 15.01 25.29
N GLU A 125 18.20 14.21 24.58
CA GLU A 125 18.37 14.38 23.14
C GLU A 125 17.05 14.18 22.41
N SER A 126 16.33 13.11 22.75
CA SER A 126 14.96 12.94 22.26
C SER A 126 14.05 14.13 22.60
N GLU A 127 14.08 14.59 23.85
CA GLU A 127 13.18 15.68 24.21
C GLU A 127 13.51 16.96 23.45
N GLU A 128 14.81 17.20 23.17
CA GLU A 128 15.15 18.42 22.45
C GLU A 128 14.68 18.31 21.01
N GLU A 129 14.69 17.10 20.45
CA GLU A 129 14.14 16.87 19.12
C GLU A 129 12.63 17.09 19.09
N HIS A 130 11.95 16.77 20.17
CA HIS A 130 10.53 17.08 20.22
C HIS A 130 10.28 18.60 20.37
N ILE A 131 11.09 19.26 21.19
CA ILE A 131 10.99 20.72 21.33
C ILE A 131 11.18 21.37 19.97
N ASP A 132 12.22 20.94 19.24
CA ASP A 132 12.44 21.39 17.87
C ASP A 132 11.19 21.18 17.03
N TYR A 133 10.68 19.95 17.01
CA TYR A 133 9.48 19.70 16.21
C TYR A 133 8.35 20.67 16.58
N LEU A 134 8.09 20.84 17.88
CA LEU A 134 6.92 21.62 18.32
C LEU A 134 7.08 23.10 17.98
N GLU A 135 8.20 23.70 18.36
CA GLU A 135 8.47 25.08 17.96
C GLU A 135 8.32 25.27 16.46
N THR A 136 8.85 24.31 15.66
CA THR A 136 8.81 24.43 14.20
C THR A 136 7.37 24.42 13.68
N GLN A 137 6.48 23.63 14.31
CA GLN A 137 5.09 23.64 13.88
C GLN A 137 4.43 24.99 14.21
N LEU A 138 4.68 25.51 15.40
CA LEU A 138 4.13 26.82 15.73
C LEU A 138 4.65 27.89 14.79
N GLY A 139 5.90 27.78 14.33
CA GLY A 139 6.38 28.73 13.33
C GLY A 139 5.75 28.58 11.95
N LEU A 140 5.38 27.35 11.57
CA LEU A 140 4.78 27.16 10.25
C LEU A 140 3.34 27.63 10.19
N ILE A 141 2.60 27.48 11.28
CA ILE A 141 1.29 28.10 11.39
C ILE A 141 1.42 29.61 11.12
N GLN A 142 2.41 30.26 11.72
CA GLN A 142 2.66 31.67 11.42
C GLN A 142 2.95 31.88 9.94
N LYS A 143 3.75 30.98 9.31
CA LYS A 143 4.22 31.22 7.94
C LYS A 143 3.17 30.89 6.88
N VAL A 144 2.45 29.76 6.98
CA VAL A 144 1.50 29.39 5.94
C VAL A 144 0.08 29.70 6.31
N GLY A 145 -0.18 30.18 7.54
CA GLY A 145 -1.54 30.35 8.03
C GLY A 145 -2.15 29.06 8.57
N LEU A 146 -2.97 29.20 9.63
CA LEU A 146 -3.55 28.05 10.31
C LEU A 146 -4.33 27.19 9.35
N GLU A 147 -5.05 27.80 8.43
CA GLU A 147 -5.92 27.01 7.58
C GLU A 147 -5.12 26.14 6.62
N ASN A 148 -4.01 26.64 6.09
CA ASN A 148 -3.14 25.81 5.23
C ASN A 148 -2.43 24.76 6.05
N TYR A 149 -1.92 25.16 7.21
CA TYR A 149 -1.27 24.21 8.09
C TYR A 149 -2.16 23.00 8.34
N LEU A 150 -3.39 23.23 8.76
CA LEU A 150 -4.30 22.15 9.05
C LEU A 150 -4.63 21.36 7.80
N GLN A 151 -4.82 22.08 6.68
CA GLN A 151 -5.10 21.39 5.41
C GLN A 151 -4.02 20.37 5.13
N SER A 152 -2.77 20.74 5.40
CA SER A 152 -1.65 19.89 5.02
C SER A 152 -1.50 18.73 5.98
N HIS A 153 -2.39 18.63 6.99
CA HIS A 153 -2.33 17.59 8.00
C HIS A 153 -3.63 16.80 8.10
N MET A 154 -4.49 16.90 7.08
CA MET A 154 -5.72 16.12 7.01
C MET A 154 -5.43 14.67 6.65
N HIS A 155 -4.65 14.46 5.58
CA HIS A 155 -4.37 13.15 5.03
C HIS A 155 -2.95 12.70 5.37
N GLU A 156 -2.78 11.40 5.63
CA GLU A 156 -1.44 10.85 5.95
C GLU A 156 -0.54 10.77 4.72
N MET B 1 -21.32 12.63 16.85
CA MET B 1 -22.68 12.14 17.13
C MET B 1 -22.89 12.15 18.64
N LYS B 2 -23.72 13.07 19.13
CA LYS B 2 -23.84 13.29 20.57
C LYS B 2 -24.32 12.00 21.21
N GLY B 3 -23.52 11.50 22.16
CA GLY B 3 -23.85 10.30 22.87
C GLY B 3 -24.56 10.55 24.20
N ASP B 4 -25.01 9.44 24.80
CA ASP B 4 -25.72 9.48 26.06
C ASP B 4 -24.76 9.82 27.19
N LYS B 5 -25.13 10.79 28.03
CA LYS B 5 -24.23 11.23 29.10
C LYS B 5 -23.74 10.08 29.96
N LYS B 6 -24.64 9.19 30.38
CA LYS B 6 -24.22 8.19 31.35
C LYS B 6 -23.41 7.08 30.68
N VAL B 7 -23.69 6.77 29.41
CA VAL B 7 -22.81 5.89 28.63
C VAL B 7 -21.38 6.42 28.68
N ILE B 8 -21.21 7.73 28.41
CA ILE B 8 -19.88 8.31 28.39
C ILE B 8 -19.20 8.15 29.73
N GLN B 9 -19.96 8.34 30.82
CA GLN B 9 -19.37 8.24 32.15
C GLN B 9 -18.96 6.80 32.45
N HIS B 10 -19.76 5.84 31.97
CA HIS B 10 -19.36 4.43 32.00
C HIS B 10 -18.08 4.21 31.21
N LEU B 11 -18.06 4.66 29.96
CA LEU B 11 -16.84 4.48 29.15
C LEU B 11 -15.64 5.08 29.86
N ASN B 12 -15.79 6.29 30.41
CA ASN B 12 -14.67 6.89 31.14
C ASN B 12 -14.28 6.06 32.34
N LYS B 13 -15.25 5.39 32.99
CA LYS B 13 -14.90 4.54 34.12
C LYS B 13 -14.17 3.27 33.68
N ILE B 14 -14.66 2.63 32.62
CA ILE B 14 -13.91 1.51 32.06
C ILE B 14 -12.50 1.96 31.68
N LEU B 15 -12.39 3.11 31.02
CA LEU B 15 -11.10 3.64 30.67
C LEU B 15 -10.23 3.86 31.89
N GLY B 16 -10.81 4.39 32.95
CA GLY B 16 -10.04 4.52 34.19
C GLY B 16 -9.47 3.20 34.66
N ASN B 17 -10.27 2.13 34.56
CA ASN B 17 -9.76 0.83 34.98
C ASN B 17 -8.66 0.36 34.05
N GLU B 18 -8.85 0.54 32.74
CA GLU B 18 -7.79 0.18 31.80
C GLU B 18 -6.49 0.90 32.13
N LEU B 19 -6.57 2.14 32.63
CA LEU B 19 -5.36 2.90 32.88
C LEU B 19 -4.64 2.44 34.13
N ILE B 20 -5.38 1.97 35.14
CA ILE B 20 -4.72 1.32 36.28
C ILE B 20 -4.02 0.05 35.81
N ALA B 21 -4.73 -0.76 35.00
CA ALA B 21 -4.21 -2.07 34.58
C ALA B 21 -2.96 -1.91 33.71
N ILE B 22 -2.99 -0.98 32.73
CA ILE B 22 -1.80 -0.68 31.94
C ILE B 22 -0.59 -0.53 32.83
N ASN B 23 -0.70 0.31 33.86
CA ASN B 23 0.48 0.60 34.67
C ASN B 23 0.85 -0.52 35.62
N GLN B 24 -0.14 -1.19 36.20
CA GLN B 24 0.15 -2.25 37.13
C GLN B 24 0.81 -3.42 36.42
N TYR B 25 0.31 -3.76 35.25
CA TYR B 25 0.88 -4.90 34.54
C TYR B 25 2.26 -4.56 34.00
N PHE B 26 2.44 -3.33 33.48
CA PHE B 26 3.75 -2.98 32.95
C PHE B 26 4.79 -3.01 34.06
N LEU B 27 4.44 -2.49 35.24
CA LEU B 27 5.38 -2.57 36.34
C LEU B 27 5.60 -4.02 36.78
N HIS B 28 4.54 -4.83 36.87
CA HIS B 28 4.72 -6.24 37.23
C HIS B 28 5.60 -6.95 36.20
N SER B 29 5.38 -6.66 34.91
CA SER B 29 6.23 -7.18 33.86
C SER B 29 7.71 -6.89 34.14
N ARG B 30 8.04 -5.64 34.43
CA ARG B 30 9.44 -5.28 34.60
C ARG B 30 10.03 -5.80 35.90
N MET B 31 9.20 -5.99 36.95
CA MET B 31 9.67 -6.63 38.17
C MET B 31 10.09 -8.07 37.87
N TRP B 32 9.24 -8.80 37.15
CA TRP B 32 9.59 -10.16 36.76
C TRP B 32 10.85 -10.21 35.89
N ASN B 33 10.91 -9.41 34.81
CA ASN B 33 12.17 -9.35 34.04
C ASN B 33 13.36 -9.05 34.96
N ASP B 34 13.20 -8.08 35.87
CA ASP B 34 14.28 -7.69 36.77
C ASP B 34 14.71 -8.81 37.71
N TRP B 35 13.79 -9.75 38.01
CA TRP B 35 14.12 -10.86 38.88
C TRP B 35 14.67 -12.06 38.13
N GLY B 36 14.76 -12.00 36.81
CA GLY B 36 15.19 -13.10 35.97
C GLY B 36 14.09 -14.02 35.52
N LEU B 37 12.84 -13.65 35.75
CA LEU B 37 11.70 -14.47 35.42
C LEU B 37 11.10 -13.99 34.10
N LYS B 38 11.90 -14.18 33.04
CA LYS B 38 11.67 -13.45 31.81
C LYS B 38 10.45 -13.93 31.07
N ARG B 39 10.02 -15.17 31.31
CA ARG B 39 8.80 -15.65 30.68
C ARG B 39 7.58 -14.98 31.28
N LEU B 40 7.59 -14.75 32.59
CA LEU B 40 6.48 -14.05 33.22
C LEU B 40 6.50 -12.59 32.82
N GLY B 41 7.71 -12.04 32.74
CA GLY B 41 7.85 -10.66 32.28
C GLY B 41 7.27 -10.44 30.91
N ALA B 42 7.57 -11.36 29.96
CA ALA B 42 7.07 -11.22 28.60
C ALA B 42 5.57 -11.39 28.56
N HIS B 43 5.03 -12.35 29.32
CA HIS B 43 3.59 -12.55 29.25
C HIS B 43 2.84 -11.34 29.79
N GLU B 44 3.29 -10.80 30.92
CA GLU B 44 2.65 -9.65 31.54
C GLU B 44 2.82 -8.40 30.70
N TYR B 45 3.95 -8.28 29.99
CA TYR B 45 4.13 -7.17 29.06
C TYR B 45 2.99 -7.14 28.04
N HIS B 46 2.60 -8.31 27.54
CA HIS B 46 1.59 -8.41 26.49
C HIS B 46 0.20 -8.15 27.05
N GLU B 47 -0.04 -8.58 28.28
CA GLU B 47 -1.25 -8.15 28.97
C GLU B 47 -1.31 -6.62 29.07
N SER B 48 -0.21 -5.99 29.49
CA SER B 48 -0.17 -4.52 29.52
C SER B 48 -0.55 -3.95 28.16
N ILE B 49 0.01 -4.52 27.08
CA ILE B 49 -0.17 -3.96 25.74
C ILE B 49 -1.62 -4.11 25.30
N ASP B 50 -2.26 -5.25 25.62
CA ASP B 50 -3.66 -5.41 25.27
C ASP B 50 -4.55 -4.40 26.05
N GLU B 51 -4.21 -4.11 27.30
CA GLU B 51 -4.94 -3.05 28.00
C GLU B 51 -4.75 -1.72 27.29
N MET B 52 -3.54 -1.43 26.83
CA MET B 52 -3.32 -0.17 26.11
C MET B 52 -4.19 -0.09 24.87
N LYS B 53 -4.36 -1.20 24.16
CA LYS B 53 -5.20 -1.19 22.97
C LYS B 53 -6.66 -0.95 23.32
N HIS B 54 -7.12 -1.51 24.46
CA HIS B 54 -8.49 -1.23 24.92
C HIS B 54 -8.68 0.24 25.28
N ALA B 55 -7.73 0.85 25.98
CA ALA B 55 -7.83 2.28 26.27
C ALA B 55 -7.94 3.11 25.00
N ASP B 56 -7.11 2.83 24.00
CA ASP B 56 -7.22 3.51 22.70
C ASP B 56 -8.64 3.42 22.16
N LYS B 57 -9.24 2.22 22.14
CA LYS B 57 -10.56 2.09 21.50
C LYS B 57 -11.62 2.81 22.34
N LEU B 58 -11.49 2.78 23.66
CA LEU B 58 -12.40 3.54 24.51
C LEU B 58 -12.25 5.04 24.27
N ILE B 59 -11.00 5.52 24.24
CA ILE B 59 -10.75 6.94 23.99
C ILE B 59 -11.39 7.36 22.66
N GLU B 60 -11.19 6.55 21.61
CA GLU B 60 -11.77 6.91 20.31
C GLU B 60 -13.28 6.96 20.37
N ARG B 61 -13.91 6.00 21.05
CA ARG B 61 -15.36 6.02 21.16
C ARG B 61 -15.83 7.28 21.87
N ILE B 62 -15.24 7.60 23.03
CA ILE B 62 -15.70 8.74 23.83
C ILE B 62 -15.68 10.00 22.97
N LEU B 63 -14.59 10.21 22.22
CA LEU B 63 -14.45 11.41 21.38
C LEU B 63 -15.50 11.45 20.28
N PHE B 64 -15.75 10.30 19.63
CA PHE B 64 -16.84 10.23 18.64
C PHE B 64 -18.17 10.65 19.26
N LEU B 65 -18.45 10.18 20.49
CA LEU B 65 -19.71 10.49 21.18
C LEU B 65 -19.70 11.87 21.83
N GLU B 66 -18.66 12.64 21.52
CA GLU B 66 -18.55 14.04 21.91
C GLU B 66 -18.34 14.19 23.41
N GLY B 67 -17.69 13.23 24.06
CA GLY B 67 -17.30 13.39 25.44
C GLY B 67 -15.81 13.69 25.54
N ALA B 68 -15.35 13.77 26.79
CA ALA B 68 -13.96 14.06 27.08
C ALA B 68 -13.28 12.91 27.81
N PRO B 69 -12.34 12.21 27.19
CA PRO B 69 -11.72 11.08 27.87
C PRO B 69 -10.97 11.55 29.09
N ASN B 70 -11.05 10.77 30.17
CA ASN B 70 -10.35 11.09 31.40
C ASN B 70 -9.12 10.21 31.54
N LEU B 71 -7.97 10.83 31.37
CA LEU B 71 -6.66 10.21 31.50
C LEU B 71 -5.89 10.77 32.68
N GLN B 72 -6.49 11.73 33.39
CA GLN B 72 -5.83 12.41 34.50
C GLN B 72 -5.99 11.65 35.80
N ASP B 73 -7.16 11.04 36.01
CA ASP B 73 -7.49 10.42 37.29
C ASP B 73 -7.04 8.96 37.22
N LEU B 74 -6.02 8.62 38.00
CA LEU B 74 -5.48 7.28 38.05
C LEU B 74 -5.82 6.67 39.40
N GLY B 75 -6.55 5.57 39.40
CA GLY B 75 -6.92 4.90 40.64
C GLY B 75 -5.72 4.20 41.28
N LYS B 76 -6.00 3.48 42.35
CA LYS B 76 -4.92 2.85 43.09
C LYS B 76 -4.36 1.64 42.34
N LEU B 77 -3.04 1.55 42.24
CA LEU B 77 -2.40 0.35 41.71
C LEU B 77 -2.24 -0.67 42.82
N LEU B 78 -2.42 -1.93 42.48
CA LEU B 78 -2.14 -3.05 43.39
C LEU B 78 -0.85 -3.73 42.93
N ILE B 79 0.27 -3.33 43.53
CA ILE B 79 1.60 -3.83 43.19
C ILE B 79 1.98 -4.92 44.18
N GLY B 80 2.11 -6.15 43.71
CA GLY B 80 2.52 -7.23 44.58
C GLY B 80 3.99 -7.17 44.91
N GLU B 81 4.41 -8.08 45.80
CA GLU B 81 5.80 -8.10 46.22
C GLU B 81 6.47 -9.42 45.94
N ASN B 82 5.72 -10.41 45.50
CA ASN B 82 6.26 -11.68 45.05
C ASN B 82 5.29 -12.24 44.01
N THR B 83 5.74 -13.26 43.31
CA THR B 83 5.01 -13.71 42.14
C THR B 83 3.54 -14.00 42.47
N GLN B 84 3.30 -14.75 43.55
CA GLN B 84 1.93 -15.11 43.87
C GLN B 84 1.08 -13.90 44.23
N GLU B 85 1.65 -12.96 44.99
CA GLU B 85 0.92 -11.73 45.27
C GLU B 85 0.68 -10.90 44.01
N MET B 86 1.69 -10.75 43.14
CA MET B 86 1.48 -9.95 41.95
C MET B 86 0.33 -10.48 41.14
N LEU B 87 0.26 -11.81 40.98
CA LEU B 87 -0.79 -12.47 40.20
C LEU B 87 -2.14 -12.31 40.88
N GLN B 88 -2.17 -12.46 42.20
CA GLN B 88 -3.39 -12.18 42.95
C GLN B 88 -3.86 -10.75 42.69
N CYS B 89 -2.94 -9.79 42.83
CA CYS B 89 -3.26 -8.38 42.58
C CYS B 89 -3.86 -8.16 41.18
N ASP B 90 -3.31 -8.82 40.15
CA ASP B 90 -3.89 -8.71 38.81
C ASP B 90 -5.29 -9.28 38.79
N LEU B 91 -5.46 -10.46 39.40
CA LEU B 91 -6.79 -11.06 39.45
C LEU B 91 -7.78 -10.14 40.18
N ASN B 92 -7.37 -9.56 41.30
CA ASN B 92 -8.27 -8.64 41.99
C ASN B 92 -8.63 -7.45 41.12
N LEU B 93 -7.69 -6.96 40.30
CA LEU B 93 -8.04 -5.86 39.42
C LEU B 93 -9.04 -6.30 38.37
N GLU B 94 -8.83 -7.49 37.79
CA GLU B 94 -9.69 -7.93 36.69
C GLU B 94 -11.12 -8.15 37.16
N LEU B 95 -11.28 -8.63 38.38
CA LEU B 95 -12.63 -8.91 38.88
C LEU B 95 -13.38 -7.61 39.13
N LYS B 96 -12.73 -6.62 39.74
CA LYS B 96 -13.35 -5.30 39.73
C LYS B 96 -13.71 -4.90 38.31
N ALA B 97 -12.79 -5.12 37.35
CA ALA B 97 -13.00 -4.55 36.02
C ALA B 97 -14.19 -5.19 35.31
N THR B 98 -14.35 -6.51 35.41
CA THR B 98 -15.49 -7.11 34.73
C THR B 98 -16.80 -6.66 35.37
N LYS B 99 -16.82 -6.53 36.70
CA LYS B 99 -18.03 -6.03 37.35
C LYS B 99 -18.46 -4.72 36.72
N ASP B 100 -17.52 -3.77 36.61
CA ASP B 100 -17.83 -2.50 35.97
C ASP B 100 -18.22 -2.67 34.51
N LEU B 101 -17.62 -3.64 33.80
CA LEU B 101 -17.99 -3.79 32.39
C LEU B 101 -19.43 -4.25 32.26
N ARG B 102 -19.82 -5.24 33.08
CA ARG B 102 -21.19 -5.72 33.06
C ARG B 102 -22.20 -4.58 33.35
N GLU B 103 -21.89 -3.72 34.33
CA GLU B 103 -22.80 -2.62 34.64
C GLU B 103 -22.98 -1.68 33.45
N ALA B 104 -21.88 -1.38 32.76
CA ALA B 104 -21.95 -0.45 31.64
C ALA B 104 -22.74 -1.06 30.50
N ILE B 105 -22.52 -2.35 30.21
CA ILE B 105 -23.29 -3.01 29.15
C ILE B 105 -24.78 -2.91 29.44
N VAL B 106 -25.18 -3.29 30.65
CA VAL B 106 -26.57 -3.12 31.09
C VAL B 106 -27.08 -1.76 30.66
N HIS B 107 -26.32 -0.72 31.00
CA HIS B 107 -26.81 0.61 30.67
C HIS B 107 -26.82 0.88 29.16
N CYS B 108 -25.82 0.35 28.41
CA CYS B 108 -25.81 0.60 26.97
C CYS B 108 -27.01 -0.04 26.32
N GLU B 109 -27.38 -1.23 26.81
CA GLU B 109 -28.56 -1.91 26.31
C GLU B 109 -29.79 -1.08 26.58
N GLN B 110 -29.91 -0.53 27.80
CA GLN B 110 -31.11 0.26 28.13
C GLN B 110 -31.26 1.48 27.24
N VAL B 111 -30.17 2.19 26.89
CA VAL B 111 -30.38 3.39 26.07
C VAL B 111 -30.15 3.11 24.59
N HIS B 112 -30.07 1.83 24.22
CA HIS B 112 -29.97 1.42 22.82
C HIS B 112 -28.65 1.84 22.15
N ASP B 113 -27.58 1.99 22.93
CA ASP B 113 -26.28 2.30 22.34
C ASP B 113 -25.61 0.94 22.11
N TYR B 114 -26.05 0.30 21.03
CA TYR B 114 -25.64 -1.07 20.72
C TYR B 114 -24.23 -1.19 20.17
N VAL B 115 -23.67 -0.14 19.58
CA VAL B 115 -22.26 -0.20 19.19
C VAL B 115 -21.35 -0.11 20.42
N SER B 116 -21.60 0.84 21.32
CA SER B 116 -20.84 0.83 22.58
C SER B 116 -20.98 -0.50 23.28
N ARG B 117 -22.19 -1.08 23.32
CA ARG B 117 -22.34 -2.36 23.99
C ARG B 117 -21.35 -3.38 23.42
N ASP B 118 -21.29 -3.48 22.10
CA ASP B 118 -20.40 -4.42 21.44
C ASP B 118 -18.94 -4.16 21.76
N LEU B 119 -18.50 -2.91 21.80
CA LEU B 119 -17.12 -2.63 22.20
C LEU B 119 -16.84 -3.19 23.60
N LEU B 120 -17.75 -2.94 24.55
CA LEU B 120 -17.51 -3.40 25.91
C LEU B 120 -17.56 -4.93 25.98
N LYS B 121 -18.41 -5.56 25.18
CA LYS B 121 -18.45 -7.03 25.15
C LYS B 121 -17.10 -7.59 24.71
N ASP B 122 -16.53 -7.05 23.63
CA ASP B 122 -15.23 -7.51 23.15
C ASP B 122 -14.15 -7.32 24.21
N ILE B 123 -14.13 -6.17 24.88
CA ILE B 123 -13.20 -6.00 25.99
C ILE B 123 -13.51 -6.98 27.11
N LEU B 124 -14.79 -7.28 27.34
CA LEU B 124 -15.13 -8.20 28.43
C LEU B 124 -14.62 -9.61 28.14
N GLU B 125 -14.70 -10.04 26.88
CA GLU B 125 -14.15 -11.33 26.46
C GLU B 125 -12.65 -11.42 26.75
N SER B 126 -11.90 -10.35 26.43
CA SER B 126 -10.48 -10.32 26.74
C SER B 126 -10.23 -10.38 28.23
N GLU B 127 -10.95 -9.56 29.01
CA GLU B 127 -10.67 -9.56 30.44
C GLU B 127 -10.99 -10.92 31.05
N GLU B 128 -12.04 -11.61 30.56
CA GLU B 128 -12.30 -12.97 31.02
C GLU B 128 -11.19 -13.94 30.58
N GLU B 129 -10.55 -13.70 29.42
CA GLU B 129 -9.38 -14.52 29.06
C GLU B 129 -8.25 -14.30 30.05
N HIS B 130 -8.03 -13.05 30.47
CA HIS B 130 -6.95 -12.80 31.42
C HIS B 130 -7.27 -13.39 32.78
N ILE B 131 -8.54 -13.33 33.20
CA ILE B 131 -8.90 -13.97 34.46
C ILE B 131 -8.57 -15.45 34.36
N ASP B 132 -8.96 -16.06 33.24
CA ASP B 132 -8.63 -17.47 33.03
C ASP B 132 -7.13 -17.70 33.13
N TYR B 133 -6.33 -16.79 32.58
CA TYR B 133 -4.88 -17.03 32.63
C TYR B 133 -4.38 -16.91 34.05
N LEU B 134 -4.85 -15.89 34.80
CA LEU B 134 -4.42 -15.63 36.17
C LEU B 134 -4.82 -16.76 37.12
N GLU B 135 -6.10 -17.10 37.14
CA GLU B 135 -6.54 -18.24 37.93
C GLU B 135 -5.71 -19.47 37.61
N THR B 136 -5.45 -19.73 36.33
CA THR B 136 -4.70 -20.94 35.97
C THR B 136 -3.29 -20.90 36.56
N GLN B 137 -2.62 -19.74 36.56
CA GLN B 137 -1.24 -19.72 37.07
C GLN B 137 -1.19 -20.04 38.56
N LEU B 138 -2.03 -19.37 39.36
CA LEU B 138 -2.11 -19.67 40.77
C LEU B 138 -2.41 -21.15 41.02
N GLY B 139 -3.32 -21.74 40.24
CA GLY B 139 -3.51 -23.19 40.29
C GLY B 139 -2.20 -23.96 40.05
N LEU B 140 -1.43 -23.55 39.02
CA LEU B 140 -0.22 -24.30 38.68
C LEU B 140 0.83 -24.18 39.77
N ILE B 141 0.92 -23.01 40.40
CA ILE B 141 1.81 -22.89 41.54
C ILE B 141 1.46 -23.97 42.58
N GLN B 142 0.17 -24.30 42.73
CA GLN B 142 -0.19 -25.36 43.67
C GLN B 142 0.25 -26.72 43.15
N LYS B 143 -0.13 -27.06 41.92
CA LYS B 143 0.14 -28.40 41.39
C LYS B 143 1.63 -28.73 41.30
N VAL B 144 2.50 -27.76 40.98
CA VAL B 144 3.92 -28.08 40.76
C VAL B 144 4.83 -27.46 41.81
N GLY B 145 4.27 -26.64 42.70
CA GLY B 145 5.04 -25.97 43.74
C GLY B 145 5.68 -24.69 43.24
N LEU B 146 5.82 -23.71 44.14
CA LEU B 146 6.34 -22.42 43.71
C LEU B 146 7.70 -22.56 43.02
N GLU B 147 8.59 -23.39 43.58
CA GLU B 147 9.95 -23.55 43.05
C GLU B 147 9.90 -23.96 41.58
N ASN B 148 9.20 -25.04 41.25
CA ASN B 148 9.11 -25.44 39.85
C ASN B 148 8.45 -24.35 39.01
N TYR B 149 7.37 -23.75 39.52
CA TYR B 149 6.65 -22.75 38.72
C TYR B 149 7.60 -21.64 38.28
N LEU B 150 8.48 -21.21 39.16
CA LEU B 150 9.37 -20.12 38.80
C LEU B 150 10.43 -20.60 37.82
N GLN B 151 11.00 -21.78 38.10
CA GLN B 151 11.96 -22.39 37.19
C GLN B 151 11.41 -22.42 35.76
N SER B 152 10.14 -22.78 35.59
CA SER B 152 9.49 -22.86 34.29
C SER B 152 9.30 -21.50 33.65
N HIS B 153 9.62 -20.43 34.35
CA HIS B 153 9.37 -19.09 33.87
C HIS B 153 10.64 -18.26 33.89
N MET B 154 11.80 -18.89 34.08
CA MET B 154 13.04 -18.14 33.99
C MET B 154 13.32 -17.74 32.56
N HIS B 155 13.29 -18.73 31.69
CA HIS B 155 13.75 -18.61 30.32
C HIS B 155 12.55 -18.46 29.40
N GLU B 156 12.79 -17.84 28.25
CA GLU B 156 11.70 -17.60 27.29
C GLU B 156 11.53 -18.66 26.20
N MET C 1 -13.28 -19.06 36.97
CA MET C 1 -14.20 -17.93 37.33
C MET C 1 -15.60 -18.46 37.71
N LYS C 2 -16.02 -18.32 38.97
CA LYS C 2 -17.30 -18.86 39.40
C LYS C 2 -18.41 -18.38 38.48
N GLY C 3 -19.10 -19.31 37.82
CA GLY C 3 -20.20 -18.98 36.94
C GLY C 3 -21.58 -19.08 37.60
N ASP C 4 -22.59 -18.70 36.83
CA ASP C 4 -24.00 -18.83 37.23
C ASP C 4 -24.45 -20.29 37.05
N LYS C 5 -24.95 -20.92 38.13
CA LYS C 5 -25.26 -22.36 38.08
C LYS C 5 -26.23 -22.69 36.95
N LYS C 6 -27.23 -21.84 36.75
CA LYS C 6 -28.20 -22.08 35.70
C LYS C 6 -27.62 -21.88 34.31
N VAL C 7 -26.67 -20.93 34.13
CA VAL C 7 -26.00 -20.79 32.83
C VAL C 7 -25.34 -22.10 32.49
N ILE C 8 -24.59 -22.63 33.45
CA ILE C 8 -23.88 -23.89 33.28
C ILE C 8 -24.82 -25.00 32.88
N GLN C 9 -26.05 -24.99 33.39
CA GLN C 9 -27.01 -26.03 33.06
C GLN C 9 -27.55 -25.85 31.66
N HIS C 10 -27.73 -24.59 31.25
CA HIS C 10 -28.07 -24.29 29.87
C HIS C 10 -26.92 -24.69 28.94
N LEU C 11 -25.67 -24.44 29.38
CA LEU C 11 -24.53 -24.78 28.54
C LEU C 11 -24.44 -26.28 28.37
N ASN C 12 -24.64 -27.03 29.46
CA ASN C 12 -24.66 -28.50 29.36
C ASN C 12 -25.82 -28.98 28.47
N LYS C 13 -26.96 -28.31 28.53
CA LYS C 13 -28.05 -28.78 27.68
C LYS C 13 -27.74 -28.53 26.21
N ILE C 14 -27.18 -27.37 25.89
CA ILE C 14 -26.74 -27.10 24.52
C ILE C 14 -25.69 -28.12 24.10
N LEU C 15 -24.71 -28.37 24.99
CA LEU C 15 -23.72 -29.39 24.75
C LEU C 15 -24.39 -30.71 24.45
N GLY C 16 -25.53 -30.97 25.10
CA GLY C 16 -26.23 -32.23 24.89
C GLY C 16 -26.84 -32.34 23.52
N ASN C 17 -27.44 -31.27 23.00
CA ASN C 17 -27.91 -31.33 21.64
C ASN C 17 -26.74 -31.45 20.65
N GLU C 18 -25.57 -30.88 20.99
CA GLU C 18 -24.42 -30.98 20.10
C GLU C 18 -23.99 -32.43 19.96
N LEU C 19 -23.91 -33.15 21.08
CA LEU C 19 -23.44 -34.54 21.03
C LEU C 19 -24.38 -35.42 20.23
N ILE C 20 -25.69 -35.19 20.34
CA ILE C 20 -26.63 -35.96 19.52
C ILE C 20 -26.34 -35.70 18.06
N ALA C 21 -26.19 -34.42 17.72
CA ALA C 21 -25.98 -33.99 16.34
C ALA C 21 -24.70 -34.57 15.75
N ILE C 22 -23.62 -34.61 16.54
CA ILE C 22 -22.37 -35.20 16.08
C ILE C 22 -22.61 -36.62 15.63
N ASN C 23 -23.20 -37.45 16.50
CA ASN C 23 -23.39 -38.86 16.16
C ASN C 23 -24.40 -39.05 15.03
N GLN C 24 -25.42 -38.19 14.95
CA GLN C 24 -26.45 -38.36 13.93
C GLN C 24 -25.92 -37.95 12.57
N TYR C 25 -25.35 -36.76 12.49
CA TYR C 25 -24.83 -36.26 11.22
C TYR C 25 -23.70 -37.17 10.74
N PHE C 26 -22.89 -37.70 11.65
CA PHE C 26 -21.79 -38.56 11.23
C PHE C 26 -22.34 -39.85 10.64
N LEU C 27 -23.23 -40.51 11.40
CA LEU C 27 -23.87 -41.72 10.90
C LEU C 27 -24.60 -41.44 9.59
N HIS C 28 -25.28 -40.32 9.48
CA HIS C 28 -25.95 -40.02 8.20
C HIS C 28 -24.93 -39.90 7.07
N SER C 29 -23.73 -39.36 7.35
CA SER C 29 -22.77 -39.11 6.27
C SER C 29 -22.20 -40.42 5.71
N ARG C 30 -21.85 -41.33 6.60
CA ARG C 30 -21.34 -42.64 6.17
C ARG C 30 -22.41 -43.44 5.42
N MET C 31 -23.64 -43.45 5.94
CA MET C 31 -24.78 -43.99 5.17
C MET C 31 -24.77 -43.45 3.75
N TRP C 32 -24.70 -42.13 3.60
CA TRP C 32 -24.76 -41.57 2.25
C TRP C 32 -23.56 -41.97 1.41
N ASN C 33 -22.38 -42.09 2.02
CA ASN C 33 -21.21 -42.58 1.28
C ASN C 33 -21.43 -44.03 0.87
N ASP C 34 -21.91 -44.83 1.83
CA ASP C 34 -22.15 -46.24 1.62
C ASP C 34 -23.07 -46.52 0.45
N TRP C 35 -23.99 -45.59 0.16
CA TRP C 35 -24.95 -45.74 -0.92
C TRP C 35 -24.44 -45.18 -2.21
N GLY C 36 -23.22 -44.62 -2.21
CA GLY C 36 -22.68 -43.98 -3.40
C GLY C 36 -23.13 -42.54 -3.60
N LEU C 37 -23.70 -41.92 -2.58
CA LEU C 37 -24.07 -40.50 -2.68
C LEU C 37 -23.01 -39.64 -1.99
N LYS C 38 -21.81 -39.62 -2.61
CA LYS C 38 -20.60 -39.19 -1.90
C LYS C 38 -20.60 -37.67 -1.65
N ARG C 39 -21.27 -36.91 -2.50
CA ARG C 39 -21.43 -35.48 -2.29
C ARG C 39 -22.33 -35.18 -1.09
N LEU C 40 -23.46 -35.89 -0.97
CA LEU C 40 -24.26 -35.73 0.22
C LEU C 40 -23.44 -36.11 1.45
N GLY C 41 -22.57 -37.10 1.30
CA GLY C 41 -21.87 -37.61 2.46
C GLY C 41 -20.77 -36.68 2.92
N ALA C 42 -20.10 -36.03 1.97
CA ALA C 42 -19.04 -35.11 2.32
C ALA C 42 -19.62 -33.90 3.04
N HIS C 43 -20.70 -33.33 2.51
CA HIS C 43 -21.39 -32.22 3.20
C HIS C 43 -21.82 -32.60 4.61
N GLU C 44 -22.43 -33.77 4.76
CA GLU C 44 -22.90 -34.15 6.09
C GLU C 44 -21.74 -34.40 7.04
N TYR C 45 -20.58 -34.84 6.53
CA TYR C 45 -19.43 -35.02 7.40
C TYR C 45 -18.92 -33.68 7.93
N HIS C 46 -18.84 -32.68 7.05
CA HIS C 46 -18.43 -31.35 7.51
C HIS C 46 -19.45 -30.73 8.48
N GLU C 47 -20.75 -31.03 8.32
CA GLU C 47 -21.73 -30.68 9.34
C GLU C 47 -21.36 -31.33 10.67
N SER C 48 -21.07 -32.63 10.66
CA SER C 48 -20.69 -33.30 11.90
C SER C 48 -19.47 -32.66 12.55
N ILE C 49 -18.42 -32.39 11.76
CA ILE C 49 -17.19 -31.76 12.29
C ILE C 49 -17.53 -30.43 12.94
N ASP C 50 -18.32 -29.62 12.24
CA ASP C 50 -18.80 -28.36 12.79
C ASP C 50 -19.41 -28.56 14.19
N GLU C 51 -20.36 -29.51 14.31
CA GLU C 51 -20.97 -29.73 15.62
C GLU C 51 -19.92 -30.11 16.65
N MET C 52 -18.92 -30.91 16.24
CA MET C 52 -17.79 -31.23 17.14
C MET C 52 -17.11 -29.94 17.62
N LYS C 53 -16.92 -28.96 16.72
CA LYS C 53 -16.25 -27.73 17.11
C LYS C 53 -17.09 -26.90 18.08
N HIS C 54 -18.41 -26.86 17.91
CA HIS C 54 -19.26 -26.22 18.91
C HIS C 54 -19.15 -26.91 20.27
N ALA C 55 -19.18 -28.25 20.29
CA ALA C 55 -19.10 -28.96 21.56
C ALA C 55 -17.81 -28.64 22.28
N ASP C 56 -16.70 -28.58 21.53
CA ASP C 56 -15.41 -28.25 22.12
C ASP C 56 -15.43 -26.87 22.78
N LYS C 57 -15.97 -25.87 22.10
CA LYS C 57 -16.00 -24.55 22.72
C LYS C 57 -16.98 -24.53 23.90
N LEU C 58 -18.11 -25.23 23.80
CA LEU C 58 -19.01 -25.31 24.97
C LEU C 58 -18.32 -25.95 26.16
N ILE C 59 -17.59 -27.05 25.92
CA ILE C 59 -16.92 -27.74 27.02
C ILE C 59 -15.91 -26.83 27.67
N GLU C 60 -15.08 -26.19 26.85
CA GLU C 60 -14.08 -25.23 27.32
C GLU C 60 -14.71 -24.20 28.26
N ARG C 61 -15.83 -23.62 27.87
CA ARG C 61 -16.40 -22.56 28.71
C ARG C 61 -16.91 -23.13 30.04
N ILE C 62 -17.68 -24.22 29.97
CA ILE C 62 -18.24 -24.84 31.17
C ILE C 62 -17.13 -25.04 32.19
N LEU C 63 -15.99 -25.58 31.74
CA LEU C 63 -14.84 -25.77 32.65
C LEU C 63 -14.28 -24.44 33.14
N PHE C 64 -14.27 -23.41 32.28
CA PHE C 64 -13.78 -22.13 32.76
C PHE C 64 -14.68 -21.61 33.87
N LEU C 65 -15.99 -21.77 33.71
CA LEU C 65 -16.99 -21.35 34.69
C LEU C 65 -17.10 -22.30 35.89
N GLU C 66 -16.19 -23.27 35.99
CA GLU C 66 -16.10 -24.23 37.09
C GLU C 66 -17.32 -25.15 37.20
N GLY C 67 -17.99 -25.40 36.08
CA GLY C 67 -18.93 -26.51 35.99
C GLY C 67 -18.25 -27.84 35.64
N ALA C 68 -19.07 -28.84 35.40
CA ALA C 68 -18.61 -30.18 35.04
C ALA C 68 -19.30 -30.52 33.73
N PRO C 69 -18.55 -30.62 32.64
CA PRO C 69 -19.19 -30.93 31.36
C PRO C 69 -19.75 -32.35 31.35
N ASN C 70 -20.89 -32.50 30.69
CA ASN C 70 -21.64 -33.76 30.68
C ASN C 70 -21.51 -34.40 29.31
N LEU C 71 -20.61 -35.36 29.18
CA LEU C 71 -20.51 -36.09 27.92
C LEU C 71 -21.11 -37.47 28.01
N GLN C 72 -21.81 -37.77 29.12
CA GLN C 72 -22.33 -39.10 29.45
C GLN C 72 -23.77 -39.35 28.99
N ASP C 73 -24.67 -38.35 29.10
CA ASP C 73 -26.10 -38.58 28.90
C ASP C 73 -26.53 -38.27 27.47
N LEU C 74 -26.14 -39.16 26.56
CA LEU C 74 -26.52 -39.01 25.15
C LEU C 74 -28.01 -39.21 24.96
N GLY C 75 -28.62 -38.35 24.17
CA GLY C 75 -30.03 -38.40 23.89
C GLY C 75 -30.31 -39.18 22.64
N LYS C 76 -31.49 -38.96 22.07
CA LYS C 76 -31.98 -39.82 21.01
C LYS C 76 -31.56 -39.28 19.65
N LEU C 77 -30.84 -40.10 18.88
CA LEU C 77 -30.50 -39.79 17.51
C LEU C 77 -31.72 -40.02 16.62
N LEU C 78 -31.88 -39.17 15.62
CA LEU C 78 -32.96 -39.29 14.64
C LEU C 78 -32.36 -39.79 13.33
N ILE C 79 -32.35 -41.11 13.13
CA ILE C 79 -31.73 -41.73 11.97
C ILE C 79 -32.81 -42.01 10.92
N GLY C 80 -32.80 -41.29 9.81
CA GLY C 80 -33.70 -41.58 8.72
C GLY C 80 -33.30 -42.82 7.94
N GLU C 81 -34.28 -43.32 7.14
CA GLU C 81 -34.10 -44.54 6.35
C GLU C 81 -33.99 -44.27 4.86
N ASN C 82 -34.34 -43.08 4.40
CA ASN C 82 -33.90 -42.66 3.09
C ASN C 82 -33.44 -41.21 3.17
N THR C 83 -33.03 -40.69 2.02
CA THR C 83 -32.40 -39.37 1.97
C THR C 83 -33.37 -38.27 2.42
N GLN C 84 -34.59 -38.26 1.87
CA GLN C 84 -35.59 -37.26 2.26
C GLN C 84 -35.84 -37.27 3.76
N GLU C 85 -35.97 -38.46 4.32
CA GLU C 85 -36.19 -38.65 5.74
C GLU C 85 -34.98 -38.23 6.57
N MET C 86 -33.77 -38.49 6.05
CA MET C 86 -32.55 -38.12 6.77
C MET C 86 -32.42 -36.59 6.85
N LEU C 87 -32.76 -35.90 5.78
CA LEU C 87 -32.73 -34.45 5.77
C LEU C 87 -33.71 -33.88 6.78
N GLN C 88 -34.95 -34.38 6.75
CA GLN C 88 -35.97 -33.95 7.69
C GLN C 88 -35.57 -34.27 9.13
N CYS C 89 -34.88 -35.37 9.36
CA CYS C 89 -34.45 -35.69 10.72
C CYS C 89 -33.41 -34.70 11.23
N ASP C 90 -32.47 -34.27 10.35
CA ASP C 90 -31.51 -33.25 10.73
C ASP C 90 -32.24 -31.95 11.05
N LEU C 91 -33.21 -31.60 10.18
CA LEU C 91 -34.02 -30.41 10.38
C LEU C 91 -34.65 -30.40 11.75
N ASN C 92 -35.33 -31.49 12.12
CA ASN C 92 -36.04 -31.52 13.39
C ASN C 92 -35.07 -31.37 14.54
N LEU C 93 -33.92 -32.05 14.46
CA LEU C 93 -32.93 -31.95 15.52
C LEU C 93 -32.50 -30.50 15.69
N GLU C 94 -32.51 -29.73 14.59
CA GLU C 94 -31.97 -28.37 14.54
C GLU C 94 -32.99 -27.36 15.06
N LEU C 95 -34.23 -27.45 14.60
CA LEU C 95 -35.32 -26.67 15.22
C LEU C 95 -35.34 -26.84 16.73
N LYS C 96 -35.25 -28.08 17.22
CA LYS C 96 -35.11 -28.25 18.66
C LYS C 96 -33.89 -27.52 19.18
N ALA C 97 -32.75 -27.62 18.45
CA ALA C 97 -31.50 -27.07 18.96
C ALA C 97 -31.57 -25.55 19.07
N THR C 98 -32.19 -24.90 18.09
CA THR C 98 -32.30 -23.45 18.06
C THR C 98 -33.24 -22.92 19.13
N LYS C 99 -34.34 -23.64 19.41
CA LYS C 99 -35.22 -23.20 20.49
C LYS C 99 -34.46 -23.20 21.81
N ASP C 100 -33.62 -24.21 22.02
CA ASP C 100 -32.86 -24.27 23.27
C ASP C 100 -31.77 -23.20 23.34
N LEU C 101 -31.25 -22.76 22.19
CA LEU C 101 -30.24 -21.69 22.19
C LEU C 101 -30.87 -20.34 22.55
N ARG C 102 -31.99 -20.01 21.92
CA ARG C 102 -32.75 -18.82 22.28
C ARG C 102 -33.09 -18.78 23.77
N GLU C 103 -33.41 -19.92 24.38
CA GLU C 103 -33.69 -19.95 25.81
C GLU C 103 -32.42 -19.75 26.63
N ALA C 104 -31.33 -20.40 26.26
CA ALA C 104 -30.06 -20.15 26.93
C ALA C 104 -29.71 -18.66 26.86
N ILE C 105 -29.92 -18.06 25.69
CA ILE C 105 -29.46 -16.69 25.49
C ILE C 105 -30.31 -15.73 26.32
N VAL C 106 -31.58 -16.04 26.51
CA VAL C 106 -32.39 -15.15 27.37
C VAL C 106 -31.82 -15.15 28.78
N HIS C 107 -31.53 -16.33 29.32
CA HIS C 107 -31.05 -16.38 30.69
C HIS C 107 -29.66 -15.79 30.82
N CYS C 108 -28.79 -16.00 29.82
CA CYS C 108 -27.48 -15.35 29.86
C CYS C 108 -27.66 -13.84 29.96
N GLU C 109 -28.51 -13.28 29.11
CA GLU C 109 -28.75 -11.84 29.13
C GLU C 109 -29.21 -11.40 30.51
N GLN C 110 -30.18 -12.12 31.08
CA GLN C 110 -30.74 -11.75 32.38
C GLN C 110 -29.68 -11.77 33.47
N VAL C 111 -28.74 -12.71 33.45
CA VAL C 111 -27.74 -12.75 34.52
C VAL C 111 -26.45 -12.02 34.12
N HIS C 112 -26.46 -11.28 33.01
CA HIS C 112 -25.31 -10.48 32.55
C HIS C 112 -24.10 -11.31 32.14
N ASP C 113 -24.25 -12.58 31.72
CA ASP C 113 -23.12 -13.38 31.22
C ASP C 113 -23.08 -13.18 29.71
N TYR C 114 -22.56 -12.04 29.33
CA TYR C 114 -22.58 -11.58 27.96
C TYR C 114 -21.59 -12.32 27.05
N VAL C 115 -20.51 -12.89 27.60
CA VAL C 115 -19.58 -13.69 26.79
C VAL C 115 -20.20 -15.05 26.44
N SER C 116 -20.87 -15.69 27.42
CA SER C 116 -21.60 -16.93 27.14
C SER C 116 -22.68 -16.70 26.09
N ARG C 117 -23.43 -15.61 26.22
CA ARG C 117 -24.41 -15.26 25.20
C ARG C 117 -23.77 -15.09 23.83
N ASP C 118 -22.60 -14.46 23.77
CA ASP C 118 -22.00 -14.22 22.46
C ASP C 118 -21.59 -15.52 21.80
N LEU C 119 -21.05 -16.45 22.59
CA LEU C 119 -20.79 -17.82 22.14
C LEU C 119 -22.04 -18.49 21.57
N LEU C 120 -23.15 -18.42 22.30
CA LEU C 120 -24.37 -19.09 21.87
C LEU C 120 -24.95 -18.42 20.63
N LYS C 121 -24.89 -17.09 20.56
CA LYS C 121 -25.30 -16.42 19.33
C LYS C 121 -24.47 -16.89 18.13
N ASP C 122 -23.15 -17.06 18.31
CA ASP C 122 -22.33 -17.58 17.20
C ASP C 122 -22.83 -18.95 16.77
N ILE C 123 -22.98 -19.85 17.74
CA ILE C 123 -23.50 -21.20 17.46
C ILE C 123 -24.88 -21.12 16.80
N LEU C 124 -25.78 -20.32 17.37
CA LEU C 124 -27.10 -20.13 16.78
C LEU C 124 -27.00 -19.72 15.32
N GLU C 125 -26.08 -18.81 15.00
CA GLU C 125 -25.93 -18.39 13.62
C GLU C 125 -25.53 -19.56 12.73
N SER C 126 -24.68 -20.45 13.25
CA SER C 126 -24.28 -21.64 12.51
C SER C 126 -25.45 -22.63 12.40
N GLU C 127 -26.27 -22.75 13.45
CA GLU C 127 -27.39 -23.67 13.32
C GLU C 127 -28.41 -23.16 12.31
N GLU C 128 -28.59 -21.84 12.19
CA GLU C 128 -29.57 -21.35 11.23
C GLU C 128 -29.07 -21.53 9.81
N GLU C 129 -27.75 -21.42 9.59
CA GLU C 129 -27.17 -21.79 8.30
C GLU C 129 -27.48 -23.25 7.95
N HIS C 130 -27.25 -24.15 8.91
CA HIS C 130 -27.62 -25.53 8.71
C HIS C 130 -29.10 -25.68 8.32
N ILE C 131 -30.00 -24.98 9.02
CA ILE C 131 -31.41 -25.13 8.72
C ILE C 131 -31.68 -24.68 7.30
N ASP C 132 -31.12 -23.55 6.92
CA ASP C 132 -31.26 -23.08 5.54
C ASP C 132 -30.80 -24.15 4.52
N TYR C 133 -29.67 -24.81 4.76
CA TYR C 133 -29.21 -25.83 3.83
C TYR C 133 -30.23 -26.96 3.72
N LEU C 134 -30.67 -27.49 4.85
CA LEU C 134 -31.62 -28.60 4.84
C LEU C 134 -32.93 -28.23 4.15
N GLU C 135 -33.52 -27.08 4.51
CA GLU C 135 -34.77 -26.63 3.86
C GLU C 135 -34.58 -26.44 2.37
N THR C 136 -33.39 -26.02 1.94
CA THR C 136 -33.16 -25.85 0.51
C THR C 136 -32.99 -27.18 -0.22
N GLN C 137 -32.41 -28.19 0.42
CA GLN C 137 -32.35 -29.51 -0.21
C GLN C 137 -33.77 -30.07 -0.41
N LEU C 138 -34.55 -30.13 0.67
CA LEU C 138 -35.94 -30.55 0.55
C LEU C 138 -36.65 -29.77 -0.54
N GLY C 139 -36.47 -28.45 -0.56
CA GLY C 139 -37.00 -27.68 -1.67
C GLY C 139 -36.57 -28.21 -3.00
N LEU C 140 -35.33 -28.72 -3.09
CA LEU C 140 -34.73 -29.05 -4.38
C LEU C 140 -35.19 -30.42 -4.87
N ILE C 141 -35.27 -31.36 -3.95
CA ILE C 141 -35.94 -32.62 -4.23
C ILE C 141 -37.27 -32.38 -4.95
N GLN C 142 -38.01 -31.32 -4.55
CA GLN C 142 -39.33 -31.06 -5.12
C GLN C 142 -39.24 -30.39 -6.48
N LYS C 143 -38.27 -29.50 -6.66
CA LYS C 143 -38.15 -28.80 -7.92
C LYS C 143 -37.59 -29.70 -9.01
N VAL C 144 -36.52 -30.46 -8.72
CA VAL C 144 -35.88 -31.28 -9.75
C VAL C 144 -36.28 -32.75 -9.66
N GLY C 145 -37.02 -33.16 -8.64
CA GLY C 145 -37.34 -34.57 -8.46
C GLY C 145 -36.28 -35.30 -7.66
N LEU C 146 -36.71 -36.34 -6.94
CA LEU C 146 -35.76 -37.06 -6.10
C LEU C 146 -34.66 -37.71 -6.93
N GLU C 147 -34.97 -38.10 -8.16
CA GLU C 147 -34.01 -38.92 -8.92
C GLU C 147 -32.87 -38.04 -9.38
N ASN C 148 -33.21 -36.89 -9.97
CA ASN C 148 -32.18 -35.97 -10.41
C ASN C 148 -31.41 -35.42 -9.23
N TYR C 149 -32.08 -35.16 -8.11
CA TYR C 149 -31.36 -34.66 -6.94
C TYR C 149 -30.35 -35.69 -6.44
N LEU C 150 -30.73 -36.96 -6.41
CA LEU C 150 -29.78 -37.98 -5.99
C LEU C 150 -28.66 -38.14 -7.01
N GLN C 151 -28.97 -37.96 -8.31
CA GLN C 151 -27.94 -38.05 -9.36
C GLN C 151 -26.89 -36.95 -9.20
N SER C 152 -27.32 -35.72 -8.90
CA SER C 152 -26.41 -34.59 -8.74
C SER C 152 -25.63 -34.64 -7.45
N HIS C 153 -25.83 -35.66 -6.60
CA HIS C 153 -25.04 -35.84 -5.40
C HIS C 153 -24.29 -37.18 -5.38
N MET C 154 -24.18 -37.86 -6.52
CA MET C 154 -23.39 -39.09 -6.57
C MET C 154 -21.90 -38.80 -6.47
N HIS C 155 -21.42 -37.87 -7.30
CA HIS C 155 -20.00 -37.51 -7.38
C HIS C 155 -19.80 -36.06 -6.91
N GLU C 156 -18.53 -35.68 -6.68
CA GLU C 156 -18.19 -34.27 -6.39
C GLU C 156 -17.74 -33.52 -7.66
N MET D 1 -8.72 3.70 -53.23
CA MET D 1 -10.19 3.53 -53.45
C MET D 1 -10.82 4.92 -53.64
N LYS D 2 -11.31 5.22 -54.86
CA LYS D 2 -11.85 6.56 -55.14
C LYS D 2 -12.93 6.87 -54.14
N GLY D 3 -12.69 7.89 -53.31
CA GLY D 3 -13.69 8.28 -52.35
C GLY D 3 -14.30 9.63 -52.68
N ASP D 4 -15.46 9.91 -52.10
CA ASP D 4 -16.19 11.15 -52.34
C ASP D 4 -15.29 12.37 -52.13
N LYS D 5 -15.33 13.33 -53.06
CA LYS D 5 -14.40 14.45 -52.99
C LYS D 5 -14.79 15.46 -51.89
N LYS D 6 -16.03 15.43 -51.42
CA LYS D 6 -16.40 16.40 -50.40
C LYS D 6 -16.11 15.88 -49.00
N VAL D 7 -16.37 14.60 -48.74
CA VAL D 7 -15.79 13.90 -47.60
C VAL D 7 -14.33 14.28 -47.44
N ILE D 8 -13.58 14.10 -48.53
CA ILE D 8 -12.16 14.37 -48.50
C ILE D 8 -11.87 15.83 -48.19
N GLN D 9 -12.77 16.73 -48.58
CA GLN D 9 -12.63 18.13 -48.17
C GLN D 9 -12.99 18.31 -46.67
N HIS D 10 -14.02 17.62 -46.18
CA HIS D 10 -14.25 17.62 -44.73
C HIS D 10 -13.00 17.18 -43.98
N LEU D 11 -12.53 15.96 -44.27
CA LEU D 11 -11.42 15.32 -43.55
C LEU D 11 -10.23 16.24 -43.48
N ASN D 12 -9.90 16.87 -44.60
CA ASN D 12 -8.88 17.92 -44.61
C ASN D 12 -9.24 19.13 -43.77
N LYS D 13 -10.55 19.36 -43.51
CA LYS D 13 -10.95 20.46 -42.62
C LYS D 13 -10.77 20.04 -41.17
N ILE D 14 -11.33 18.87 -40.82
CA ILE D 14 -11.09 18.28 -39.51
C ILE D 14 -9.59 18.25 -39.24
N LEU D 15 -8.82 17.87 -40.27
CA LEU D 15 -7.37 17.76 -40.12
C LEU D 15 -6.76 19.12 -39.78
N GLY D 16 -7.18 20.16 -40.50
CA GLY D 16 -6.67 21.49 -40.23
C GLY D 16 -7.05 22.02 -38.85
N ASN D 17 -8.17 21.55 -38.30
CA ASN D 17 -8.47 21.88 -36.90
C ASN D 17 -7.51 21.14 -35.96
N GLU D 18 -7.26 19.86 -36.22
CA GLU D 18 -6.26 19.15 -35.42
C GLU D 18 -4.92 19.88 -35.44
N LEU D 19 -4.56 20.46 -36.59
CA LEU D 19 -3.23 21.05 -36.70
C LEU D 19 -3.14 22.34 -35.90
N ILE D 20 -4.22 23.13 -35.85
CA ILE D 20 -4.28 24.22 -34.87
C ILE D 20 -4.13 23.65 -33.48
N ALA D 21 -4.96 22.65 -33.14
CA ALA D 21 -4.98 22.12 -31.78
C ALA D 21 -3.58 21.69 -31.34
N ILE D 22 -2.87 20.94 -32.19
CA ILE D 22 -1.55 20.47 -31.83
C ILE D 22 -0.68 21.63 -31.39
N ASN D 23 -0.57 22.64 -32.25
CA ASN D 23 0.34 23.75 -31.97
C ASN D 23 -0.14 24.57 -30.78
N GLN D 24 -1.45 24.84 -30.70
CA GLN D 24 -1.94 25.63 -29.58
C GLN D 24 -1.68 24.91 -28.25
N TYR D 25 -2.14 23.67 -28.14
CA TYR D 25 -1.96 22.94 -26.89
C TYR D 25 -0.47 22.75 -26.57
N PHE D 26 0.38 22.58 -27.59
CA PHE D 26 1.80 22.36 -27.31
C PHE D 26 2.46 23.64 -26.82
N LEU D 27 1.99 24.80 -27.28
CA LEU D 27 2.55 26.03 -26.74
C LEU D 27 2.01 26.30 -25.33
N HIS D 28 0.73 26.04 -25.08
CA HIS D 28 0.21 26.22 -23.72
C HIS D 28 0.96 25.32 -22.75
N SER D 29 1.10 24.04 -23.09
CA SER D 29 1.89 23.12 -22.27
C SER D 29 3.22 23.73 -21.86
N ARG D 30 3.98 24.21 -22.85
CA ARG D 30 5.31 24.70 -22.59
C ARG D 30 5.33 26.05 -21.90
N MET D 31 4.26 26.84 -22.05
CA MET D 31 4.13 28.04 -21.21
C MET D 31 3.88 27.65 -19.77
N TRP D 32 2.97 26.71 -19.57
CA TRP D 32 2.69 26.27 -18.21
C TRP D 32 3.95 25.71 -17.54
N ASN D 33 4.73 24.89 -18.28
CA ASN D 33 5.97 24.36 -17.71
C ASN D 33 6.94 25.47 -17.41
N ASP D 34 6.97 26.48 -18.27
CA ASP D 34 7.90 27.58 -18.08
C ASP D 34 7.49 28.49 -16.92
N TRP D 35 6.22 28.46 -16.51
CA TRP D 35 5.78 29.14 -15.28
C TRP D 35 5.89 28.28 -14.03
N GLY D 36 6.24 27.00 -14.18
CA GLY D 36 6.29 26.11 -13.04
C GLY D 36 4.97 25.45 -12.71
N LEU D 37 4.03 25.46 -13.63
CA LEU D 37 2.78 24.73 -13.45
C LEU D 37 2.89 23.39 -14.19
N LYS D 38 3.71 22.53 -13.59
CA LYS D 38 4.15 21.34 -14.33
C LYS D 38 3.02 20.33 -14.53
N ARG D 39 2.05 20.30 -13.64
CA ARG D 39 0.92 19.38 -13.83
C ARG D 39 0.02 19.85 -14.96
N LEU D 40 -0.16 21.17 -15.10
CA LEU D 40 -0.87 21.70 -16.26
C LEU D 40 -0.11 21.42 -17.55
N GLY D 41 1.20 21.71 -17.55
CA GLY D 41 2.00 21.45 -18.72
C GLY D 41 1.94 19.99 -19.14
N ALA D 42 2.08 19.07 -18.18
CA ALA D 42 2.02 17.66 -18.55
C ALA D 42 0.66 17.31 -19.13
N HIS D 43 -0.43 17.79 -18.52
CA HIS D 43 -1.74 17.37 -19.00
C HIS D 43 -1.99 17.88 -20.41
N GLU D 44 -1.61 19.12 -20.66
CA GLU D 44 -1.79 19.75 -21.96
C GLU D 44 -0.83 19.16 -22.99
N TYR D 45 0.36 18.74 -22.54
CA TYR D 45 1.23 17.98 -23.41
C TYR D 45 0.51 16.76 -23.97
N HIS D 46 -0.18 16.02 -23.11
CA HIS D 46 -0.84 14.81 -23.58
C HIS D 46 -2.01 15.13 -24.48
N GLU D 47 -2.72 16.24 -24.24
CA GLU D 47 -3.75 16.65 -25.18
C GLU D 47 -3.14 16.94 -26.55
N SER D 48 -1.97 17.59 -26.58
CA SER D 48 -1.28 17.83 -27.84
C SER D 48 -1.01 16.51 -28.57
N ILE D 49 -0.35 15.58 -27.88
CA ILE D 49 -0.02 14.29 -28.51
C ILE D 49 -1.28 13.63 -29.01
N ASP D 50 -2.35 13.70 -28.21
CA ASP D 50 -3.62 13.09 -28.58
C ASP D 50 -4.09 13.61 -29.93
N GLU D 51 -4.06 14.94 -30.11
CA GLU D 51 -4.43 15.53 -31.39
C GLU D 51 -3.48 15.09 -32.49
N MET D 52 -2.19 14.97 -32.18
CA MET D 52 -1.25 14.48 -33.17
C MET D 52 -1.62 13.09 -33.67
N LYS D 53 -2.12 12.23 -32.78
CA LYS D 53 -2.59 10.93 -33.21
C LYS D 53 -3.83 11.06 -34.09
N HIS D 54 -4.77 11.94 -33.70
CA HIS D 54 -5.91 12.24 -34.56
C HIS D 54 -5.43 12.71 -35.94
N ALA D 55 -4.48 13.63 -35.97
CA ALA D 55 -3.97 14.15 -37.24
C ALA D 55 -3.41 13.01 -38.10
N ASP D 56 -2.75 12.03 -37.47
CA ASP D 56 -2.12 10.93 -38.19
C ASP D 56 -3.17 10.05 -38.85
N LYS D 57 -4.22 9.70 -38.11
CA LYS D 57 -5.21 8.81 -38.68
C LYS D 57 -5.98 9.47 -39.82
N LEU D 58 -6.18 10.80 -39.79
CA LEU D 58 -6.90 11.47 -40.87
C LEU D 58 -6.07 11.49 -42.12
N ILE D 59 -4.79 11.88 -42.00
CA ILE D 59 -3.88 11.82 -43.12
C ILE D 59 -3.91 10.45 -43.79
N GLU D 60 -3.97 9.38 -43.01
CA GLU D 60 -3.96 8.03 -43.57
C GLU D 60 -5.26 7.69 -44.29
N ARG D 61 -6.40 8.10 -43.72
CA ARG D 61 -7.68 7.84 -44.39
C ARG D 61 -7.80 8.66 -45.67
N ILE D 62 -7.24 9.87 -45.66
CA ILE D 62 -7.26 10.73 -46.85
C ILE D 62 -6.46 10.09 -47.97
N LEU D 63 -5.18 9.80 -47.70
CA LEU D 63 -4.30 9.15 -48.69
C LEU D 63 -4.90 7.87 -49.26
N PHE D 64 -5.58 7.08 -48.43
CA PHE D 64 -6.21 5.87 -48.90
C PHE D 64 -7.39 6.15 -49.82
N LEU D 65 -8.10 7.27 -49.56
CA LEU D 65 -9.27 7.68 -50.35
C LEU D 65 -8.88 8.46 -51.61
N GLU D 66 -7.59 8.76 -51.76
CA GLU D 66 -6.91 9.24 -52.97
C GLU D 66 -6.86 10.76 -52.96
N GLY D 67 -7.12 11.37 -51.80
CA GLY D 67 -6.98 12.79 -51.66
C GLY D 67 -5.56 13.18 -51.28
N ALA D 68 -5.35 14.49 -51.21
CA ALA D 68 -4.05 15.08 -50.90
C ALA D 68 -4.11 15.83 -49.56
N PRO D 69 -3.59 15.26 -48.48
CA PRO D 69 -3.64 15.94 -47.18
C PRO D 69 -3.04 17.35 -47.25
N ASN D 70 -3.63 18.27 -46.48
CA ASN D 70 -3.14 19.65 -46.39
C ASN D 70 -2.57 19.89 -45.00
N LEU D 71 -1.24 20.03 -44.93
CA LEU D 71 -0.54 20.44 -43.71
C LEU D 71 0.13 21.80 -43.91
N GLN D 72 -0.24 22.52 -44.96
CA GLN D 72 0.40 23.77 -45.31
C GLN D 72 -0.34 24.97 -44.73
N ASP D 73 -1.67 24.85 -44.59
CA ASP D 73 -2.51 25.97 -44.15
C ASP D 73 -2.77 25.86 -42.64
N LEU D 74 -2.10 26.70 -41.88
CA LEU D 74 -2.18 26.64 -40.42
C LEU D 74 -3.17 27.71 -39.95
N GLY D 75 -4.33 27.25 -39.45
CA GLY D 75 -5.33 28.10 -38.83
C GLY D 75 -4.83 29.11 -37.81
N LYS D 76 -5.78 29.83 -37.17
CA LYS D 76 -5.48 30.86 -36.18
C LYS D 76 -5.31 30.20 -34.81
N LEU D 77 -4.10 30.35 -34.24
CA LEU D 77 -3.82 29.78 -32.92
C LEU D 77 -4.35 30.73 -31.84
N LEU D 78 -5.15 30.18 -30.92
CA LEU D 78 -5.72 30.93 -29.81
C LEU D 78 -4.84 30.77 -28.56
N ILE D 79 -3.95 31.73 -28.33
CA ILE D 79 -2.93 31.66 -27.27
C ILE D 79 -3.31 32.61 -26.13
N GLY D 80 -3.64 32.06 -24.95
CA GLY D 80 -3.92 32.92 -23.82
C GLY D 80 -2.68 33.59 -23.26
N GLU D 81 -2.92 34.53 -22.34
CA GLU D 81 -1.88 35.23 -21.59
C GLU D 81 -1.88 34.89 -20.09
N ASN D 82 -2.88 34.16 -19.60
CA ASN D 82 -2.85 33.59 -18.24
C ASN D 82 -3.53 32.23 -18.29
N THR D 83 -3.48 31.51 -17.15
CA THR D 83 -4.01 30.15 -17.14
C THR D 83 -5.47 30.15 -17.56
N GLN D 84 -6.25 31.09 -17.03
CA GLN D 84 -7.69 31.08 -17.24
C GLN D 84 -8.05 31.41 -18.69
N GLU D 85 -7.38 32.40 -19.26
CA GLU D 85 -7.54 32.62 -20.70
C GLU D 85 -7.11 31.39 -21.50
N MET D 86 -5.94 30.81 -21.17
CA MET D 86 -5.46 29.60 -21.88
C MET D 86 -6.53 28.52 -21.94
N LEU D 87 -7.17 28.22 -20.82
CA LEU D 87 -8.19 27.17 -20.87
C LEU D 87 -9.38 27.54 -21.74
N GLN D 88 -9.82 28.81 -21.69
CA GLN D 88 -10.97 29.22 -22.50
C GLN D 88 -10.61 29.25 -23.98
N CYS D 89 -9.38 29.62 -24.32
CA CYS D 89 -8.91 29.44 -25.69
C CYS D 89 -9.01 27.99 -26.15
N ASP D 90 -8.54 27.03 -25.32
CA ASP D 90 -8.70 25.63 -25.69
C ASP D 90 -10.16 25.29 -25.89
N LEU D 91 -11.00 25.76 -24.97
CA LEU D 91 -12.42 25.44 -25.08
C LEU D 91 -13.02 26.11 -26.31
N ASN D 92 -12.66 27.36 -26.59
CA ASN D 92 -13.15 28.00 -27.81
C ASN D 92 -12.91 27.11 -29.01
N LEU D 93 -11.64 26.71 -29.21
CA LEU D 93 -11.24 25.83 -30.32
C LEU D 93 -12.05 24.55 -30.37
N GLU D 94 -12.24 23.89 -29.23
CA GLU D 94 -12.84 22.55 -29.23
C GLU D 94 -14.30 22.58 -29.62
N LEU D 95 -14.99 23.69 -29.35
CA LEU D 95 -16.37 23.82 -29.79
C LEU D 95 -16.44 24.06 -31.29
N LYS D 96 -15.51 24.88 -31.83
CA LYS D 96 -15.39 24.99 -33.28
C LYS D 96 -15.14 23.63 -33.91
N ALA D 97 -14.30 22.79 -33.28
CA ALA D 97 -13.94 21.47 -33.83
C ALA D 97 -15.14 20.53 -33.86
N THR D 98 -15.88 20.46 -32.76
CA THR D 98 -17.03 19.57 -32.67
C THR D 98 -18.13 19.97 -33.66
N LYS D 99 -18.35 21.28 -33.83
CA LYS D 99 -19.23 21.75 -34.89
C LYS D 99 -18.80 21.17 -36.24
N ASP D 100 -17.52 21.34 -36.59
CA ASP D 100 -17.04 20.79 -37.86
C ASP D 100 -17.11 19.27 -37.92
N LEU D 101 -16.91 18.58 -36.80
CA LEU D 101 -17.01 17.12 -36.82
C LEU D 101 -18.40 16.66 -37.16
N ARG D 102 -19.42 17.30 -36.59
CA ARG D 102 -20.80 16.89 -36.85
C ARG D 102 -21.20 17.17 -38.30
N GLU D 103 -20.84 18.34 -38.82
CA GLU D 103 -21.08 18.64 -40.22
C GLU D 103 -20.59 17.44 -41.04
N ALA D 104 -19.26 17.29 -41.10
CA ALA D 104 -18.58 16.18 -41.77
C ALA D 104 -19.23 14.82 -41.58
N ILE D 105 -19.70 14.50 -40.37
CA ILE D 105 -20.32 13.19 -40.13
C ILE D 105 -21.64 13.05 -40.88
N VAL D 106 -22.47 14.11 -40.88
CA VAL D 106 -23.74 14.07 -41.60
C VAL D 106 -23.48 13.78 -43.07
N HIS D 107 -22.47 14.42 -43.65
CA HIS D 107 -22.11 14.19 -45.05
C HIS D 107 -21.63 12.76 -45.29
N CYS D 108 -20.77 12.24 -44.42
CA CYS D 108 -20.36 10.85 -44.55
C CYS D 108 -21.58 9.96 -44.63
N GLU D 109 -22.61 10.28 -43.84
CA GLU D 109 -23.80 9.46 -43.79
C GLU D 109 -24.56 9.50 -45.11
N GLN D 110 -24.60 10.67 -45.74
CA GLN D 110 -25.33 10.82 -46.99
C GLN D 110 -24.75 9.90 -48.05
N VAL D 111 -23.44 10.01 -48.27
CA VAL D 111 -22.76 9.26 -49.32
C VAL D 111 -22.45 7.82 -48.93
N HIS D 112 -22.62 7.44 -47.67
CA HIS D 112 -22.37 6.08 -47.20
C HIS D 112 -20.88 5.77 -46.97
N ASP D 113 -20.03 6.76 -46.73
CA ASP D 113 -18.70 6.53 -46.16
C ASP D 113 -18.79 6.17 -44.68
N TYR D 114 -19.51 5.11 -44.40
CA TYR D 114 -19.67 4.67 -43.02
C TYR D 114 -18.36 4.53 -42.25
N VAL D 115 -17.26 4.21 -42.94
CA VAL D 115 -16.00 3.97 -42.23
C VAL D 115 -15.36 5.30 -41.82
N SER D 116 -15.38 6.31 -42.69
CA SER D 116 -14.89 7.63 -42.30
C SER D 116 -15.79 8.25 -41.22
N ARG D 117 -17.09 7.98 -41.25
CA ARG D 117 -17.93 8.41 -40.15
C ARG D 117 -17.41 7.84 -38.83
N ASP D 118 -17.18 6.52 -38.79
CA ASP D 118 -16.75 5.90 -37.55
C ASP D 118 -15.42 6.48 -37.06
N LEU D 119 -14.53 6.85 -37.98
CA LEU D 119 -13.31 7.50 -37.53
C LEU D 119 -13.61 8.87 -36.92
N LEU D 120 -14.61 9.55 -37.47
CA LEU D 120 -14.93 10.90 -37.05
C LEU D 120 -15.66 10.87 -35.71
N LYS D 121 -16.57 9.90 -35.56
CA LYS D 121 -17.23 9.65 -34.29
C LYS D 121 -16.24 9.34 -33.16
N ASP D 122 -15.13 8.65 -33.47
CA ASP D 122 -14.14 8.38 -32.43
C ASP D 122 -13.41 9.67 -32.05
N ILE D 123 -12.95 10.43 -33.05
CA ILE D 123 -12.35 11.72 -32.75
C ILE D 123 -13.34 12.62 -32.00
N LEU D 124 -14.62 12.57 -32.37
CA LEU D 124 -15.58 13.43 -31.71
C LEU D 124 -15.68 13.08 -30.23
N GLU D 125 -15.66 11.79 -29.90
CA GLU D 125 -15.66 11.38 -28.50
C GLU D 125 -14.43 11.93 -27.78
N SER D 126 -13.25 11.86 -28.38
CA SER D 126 -12.06 12.41 -27.74
C SER D 126 -12.25 13.88 -27.42
N GLU D 127 -12.77 14.65 -28.37
CA GLU D 127 -12.86 16.09 -28.16
C GLU D 127 -13.92 16.43 -27.11
N GLU D 128 -15.04 15.70 -27.10
CA GLU D 128 -16.02 15.91 -26.05
C GLU D 128 -15.41 15.63 -24.68
N GLU D 129 -14.54 14.61 -24.62
CA GLU D 129 -13.81 14.34 -23.39
C GLU D 129 -12.97 15.54 -23.01
N HIS D 130 -12.29 16.12 -24.00
CA HIS D 130 -11.45 17.26 -23.72
C HIS D 130 -12.31 18.48 -23.37
N ILE D 131 -13.52 18.57 -23.89
CA ILE D 131 -14.37 19.71 -23.51
C ILE D 131 -14.74 19.59 -22.04
N ASP D 132 -15.16 18.39 -21.61
CA ASP D 132 -15.43 18.15 -20.20
C ASP D 132 -14.25 18.57 -19.32
N TYR D 133 -13.03 18.18 -19.72
CA TYR D 133 -11.87 18.50 -18.91
C TYR D 133 -11.73 20.00 -18.78
N LEU D 134 -11.89 20.69 -19.88
CA LEU D 134 -11.68 22.12 -19.90
C LEU D 134 -12.78 22.86 -19.14
N GLU D 135 -14.04 22.47 -19.32
CA GLU D 135 -15.12 23.05 -18.52
C GLU D 135 -14.88 22.84 -17.03
N THR D 136 -14.51 21.61 -16.64
CA THR D 136 -14.36 21.26 -15.24
C THR D 136 -13.23 22.06 -14.58
N GLN D 137 -12.12 22.26 -15.30
CA GLN D 137 -11.04 23.14 -14.81
C GLN D 137 -11.53 24.59 -14.62
N LEU D 138 -12.31 25.11 -15.55
CA LEU D 138 -12.84 26.44 -15.35
C LEU D 138 -13.76 26.48 -14.12
N GLY D 139 -14.64 25.50 -13.99
CA GLY D 139 -15.50 25.44 -12.82
C GLY D 139 -14.75 25.19 -11.53
N LEU D 140 -13.61 24.48 -11.59
CA LEU D 140 -12.82 24.30 -10.37
C LEU D 140 -12.16 25.60 -9.92
N ILE D 141 -11.70 26.42 -10.88
CA ILE D 141 -11.14 27.72 -10.54
C ILE D 141 -12.13 28.57 -9.73
N GLN D 142 -13.43 28.45 -10.01
CA GLN D 142 -14.44 29.18 -9.25
C GLN D 142 -14.60 28.60 -7.86
N LYS D 143 -14.56 27.27 -7.74
CA LYS D 143 -14.88 26.64 -6.48
C LYS D 143 -13.74 26.78 -5.45
N VAL D 144 -12.47 26.66 -5.88
CA VAL D 144 -11.34 26.65 -4.94
C VAL D 144 -10.52 27.91 -4.98
N GLY D 145 -10.81 28.83 -5.89
CA GLY D 145 -10.02 30.05 -6.03
C GLY D 145 -8.79 29.81 -6.91
N LEU D 146 -8.35 30.85 -7.62
CA LEU D 146 -7.27 30.70 -8.59
C LEU D 146 -5.96 30.33 -7.93
N GLU D 147 -5.64 30.95 -6.78
CA GLU D 147 -4.38 30.67 -6.12
C GLU D 147 -4.30 29.20 -5.70
N ASN D 148 -5.41 28.64 -5.22
CA ASN D 148 -5.40 27.21 -4.89
C ASN D 148 -5.33 26.37 -6.16
N TYR D 149 -6.04 26.79 -7.20
CA TYR D 149 -6.07 26.00 -8.42
C TYR D 149 -4.67 25.87 -9.00
N LEU D 150 -3.95 27.00 -9.12
CA LEU D 150 -2.59 26.93 -9.64
C LEU D 150 -1.69 26.14 -8.70
N GLN D 151 -1.82 26.37 -7.39
CA GLN D 151 -1.01 25.64 -6.40
C GLN D 151 -1.09 24.14 -6.63
N SER D 152 -2.31 23.65 -6.85
CA SER D 152 -2.53 22.23 -7.08
C SER D 152 -1.93 21.74 -8.39
N HIS D 153 -1.42 22.63 -9.24
CA HIS D 153 -0.85 22.24 -10.52
C HIS D 153 0.62 22.64 -10.63
N MET D 154 1.25 23.00 -9.51
CA MET D 154 2.69 23.26 -9.50
C MET D 154 3.48 21.96 -9.77
N HIS D 155 3.26 20.93 -8.97
CA HIS D 155 4.03 19.69 -9.01
C HIS D 155 3.25 18.61 -9.76
N GLU D 156 3.98 17.59 -10.24
CA GLU D 156 3.36 16.42 -10.86
C GLU D 156 3.24 15.25 -9.86
N MET E 1 -21.22 20.70 -20.99
CA MET E 1 -21.54 20.98 -22.41
C MET E 1 -23.05 21.01 -22.59
N LYS E 2 -23.58 22.13 -23.06
CA LYS E 2 -25.02 22.31 -23.11
C LYS E 2 -25.60 21.33 -24.12
N GLY E 3 -26.48 20.44 -23.67
CA GLY E 3 -27.05 19.40 -24.49
C GLY E 3 -28.49 19.65 -24.92
N ASP E 4 -28.96 18.75 -25.77
CA ASP E 4 -30.32 18.79 -26.29
C ASP E 4 -31.28 18.24 -25.26
N LYS E 5 -32.30 19.04 -24.93
CA LYS E 5 -33.18 18.71 -23.80
C LYS E 5 -33.94 17.41 -24.04
N LYS E 6 -34.32 17.13 -25.29
CA LYS E 6 -35.02 15.87 -25.54
C LYS E 6 -34.06 14.68 -25.61
N VAL E 7 -32.78 14.91 -25.90
CA VAL E 7 -31.75 13.87 -25.72
C VAL E 7 -31.67 13.48 -24.24
N ILE E 8 -31.52 14.49 -23.38
CA ILE E 8 -31.45 14.27 -21.94
C ILE E 8 -32.71 13.58 -21.43
N GLN E 9 -33.88 13.95 -21.97
CA GLN E 9 -35.11 13.25 -21.62
C GLN E 9 -35.07 11.78 -22.03
N HIS E 10 -34.55 11.49 -23.22
CA HIS E 10 -34.38 10.09 -23.61
C HIS E 10 -33.40 9.39 -22.68
N LEU E 11 -32.26 10.02 -22.41
CA LEU E 11 -31.28 9.38 -21.54
C LEU E 11 -31.88 9.10 -20.17
N ASN E 12 -32.67 10.05 -19.63
CA ASN E 12 -33.33 9.80 -18.36
C ASN E 12 -34.37 8.70 -18.49
N LYS E 13 -35.06 8.63 -19.63
CA LYS E 13 -35.97 7.49 -19.82
C LYS E 13 -35.22 6.16 -19.78
N ILE E 14 -34.12 6.04 -20.55
CA ILE E 14 -33.36 4.78 -20.55
C ILE E 14 -32.81 4.51 -19.17
N LEU E 15 -32.23 5.55 -18.53
CA LEU E 15 -31.75 5.37 -17.17
C LEU E 15 -32.79 4.73 -16.30
N GLY E 16 -34.04 5.20 -16.38
CA GLY E 16 -35.08 4.65 -15.52
C GLY E 16 -35.42 3.21 -15.84
N ASN E 17 -35.38 2.85 -17.12
CA ASN E 17 -35.50 1.43 -17.47
C ASN E 17 -34.41 0.61 -16.78
N GLU E 18 -33.16 1.11 -16.78
CA GLU E 18 -32.06 0.32 -16.21
C GLU E 18 -32.26 0.12 -14.71
N LEU E 19 -32.73 1.16 -14.00
CA LEU E 19 -32.93 1.05 -12.54
C LEU E 19 -33.98 0.02 -12.19
N ILE E 20 -34.98 -0.15 -13.05
CA ILE E 20 -35.91 -1.26 -12.86
C ILE E 20 -35.18 -2.60 -13.05
N ALA E 21 -34.38 -2.71 -14.13
CA ALA E 21 -33.67 -3.97 -14.41
C ALA E 21 -32.77 -4.35 -13.23
N ILE E 22 -32.03 -3.39 -12.68
CA ILE E 22 -31.17 -3.66 -11.54
C ILE E 22 -31.95 -4.33 -10.42
N ASN E 23 -33.03 -3.67 -9.96
CA ASN E 23 -33.73 -4.23 -8.82
C ASN E 23 -34.40 -5.55 -9.21
N GLN E 24 -34.99 -5.62 -10.40
CA GLN E 24 -35.66 -6.85 -10.81
C GLN E 24 -34.67 -7.99 -10.90
N TYR E 25 -33.59 -7.81 -11.65
CA TYR E 25 -32.63 -8.90 -11.79
C TYR E 25 -31.98 -9.19 -10.45
N PHE E 26 -31.68 -8.15 -9.66
CA PHE E 26 -31.05 -8.45 -8.39
C PHE E 26 -32.00 -9.28 -7.53
N LEU E 27 -33.30 -9.03 -7.60
CA LEU E 27 -34.19 -9.79 -6.73
C LEU E 27 -34.33 -11.22 -7.24
N HIS E 28 -34.56 -11.36 -8.54
CA HIS E 28 -34.60 -12.72 -9.12
C HIS E 28 -33.31 -13.47 -8.79
N SER E 29 -32.17 -12.78 -8.87
CA SER E 29 -30.92 -13.42 -8.55
C SER E 29 -30.94 -13.96 -7.14
N ARG E 30 -31.39 -13.15 -6.19
CA ARG E 30 -31.36 -13.62 -4.82
C ARG E 30 -32.45 -14.64 -4.55
N MET E 31 -33.53 -14.63 -5.34
CA MET E 31 -34.56 -15.66 -5.15
C MET E 31 -33.99 -16.99 -5.62
N TRP E 32 -33.36 -16.97 -6.80
CA TRP E 32 -32.79 -18.22 -7.32
C TRP E 32 -31.77 -18.79 -6.36
N ASN E 33 -30.89 -17.94 -5.84
CA ASN E 33 -29.95 -18.43 -4.83
C ASN E 33 -30.67 -19.01 -3.64
N ASP E 34 -31.67 -18.28 -3.12
CA ASP E 34 -32.40 -18.70 -1.93
C ASP E 34 -32.97 -20.11 -2.05
N TRP E 35 -33.42 -20.49 -3.26
CA TRP E 35 -34.01 -21.78 -3.52
C TRP E 35 -32.99 -22.90 -3.76
N GLY E 36 -31.78 -22.56 -4.17
CA GLY E 36 -30.73 -23.54 -4.44
C GLY E 36 -30.24 -23.55 -5.85
N LEU E 37 -30.80 -22.71 -6.71
CA LEU E 37 -30.40 -22.63 -8.12
C LEU E 37 -29.25 -21.62 -8.25
N LYS E 38 -28.11 -22.02 -7.69
CA LYS E 38 -26.95 -21.13 -7.57
C LYS E 38 -26.40 -20.71 -8.93
N ARG E 39 -26.47 -21.57 -9.95
CA ARG E 39 -25.99 -21.14 -11.27
C ARG E 39 -26.87 -20.06 -11.86
N LEU E 40 -28.19 -20.16 -11.67
CA LEU E 40 -29.09 -19.10 -12.12
C LEU E 40 -28.87 -17.83 -11.31
N GLY E 41 -28.80 -17.97 -10.00
CA GLY E 41 -28.44 -16.89 -9.12
C GLY E 41 -27.26 -16.12 -9.67
N ALA E 42 -26.12 -16.81 -9.88
CA ALA E 42 -24.91 -16.14 -10.37
C ALA E 42 -25.14 -15.45 -11.70
N HIS E 43 -25.75 -16.14 -12.67
CA HIS E 43 -25.91 -15.48 -13.97
C HIS E 43 -26.82 -14.26 -13.85
N GLU E 44 -27.94 -14.41 -13.14
CA GLU E 44 -28.83 -13.27 -12.96
C GLU E 44 -28.12 -12.13 -12.23
N TYR E 45 -27.38 -12.45 -11.17
CA TYR E 45 -26.54 -11.45 -10.50
C TYR E 45 -25.68 -10.65 -11.49
N HIS E 46 -25.07 -11.33 -12.47
CA HIS E 46 -24.17 -10.60 -13.37
C HIS E 46 -24.95 -9.74 -14.35
N GLU E 47 -26.16 -10.14 -14.72
CA GLU E 47 -26.98 -9.24 -15.52
C GLU E 47 -27.26 -7.95 -14.75
N SER E 48 -27.53 -8.07 -13.45
CA SER E 48 -27.81 -6.88 -12.64
C SER E 48 -26.62 -5.92 -12.64
N ILE E 49 -25.43 -6.46 -12.38
CA ILE E 49 -24.23 -5.63 -12.38
C ILE E 49 -24.11 -4.88 -13.69
N ASP E 50 -24.40 -5.55 -14.82
CA ASP E 50 -24.30 -4.87 -16.11
C ASP E 50 -25.24 -3.68 -16.22
N GLU E 51 -26.49 -3.82 -15.74
CA GLU E 51 -27.43 -2.69 -15.77
C GLU E 51 -26.94 -1.58 -14.85
N MET E 52 -26.42 -1.93 -13.68
CA MET E 52 -25.75 -0.95 -12.85
C MET E 52 -24.65 -0.22 -13.61
N LYS E 53 -23.84 -0.92 -14.40
CA LYS E 53 -22.75 -0.27 -15.13
C LYS E 53 -23.29 0.65 -16.23
N HIS E 54 -24.34 0.22 -16.92
CA HIS E 54 -25.01 1.09 -17.88
C HIS E 54 -25.63 2.33 -17.18
N ALA E 55 -26.33 2.11 -16.08
CA ALA E 55 -26.86 3.25 -15.33
C ALA E 55 -25.75 4.25 -15.03
N ASP E 56 -24.60 3.74 -14.59
CA ASP E 56 -23.50 4.61 -14.20
C ASP E 56 -23.05 5.46 -15.37
N LYS E 57 -23.03 4.90 -16.58
CA LYS E 57 -22.51 5.70 -17.66
C LYS E 57 -23.58 6.68 -18.13
N LEU E 58 -24.84 6.26 -18.12
CA LEU E 58 -25.94 7.19 -18.40
C LEU E 58 -25.95 8.35 -17.41
N ILE E 59 -25.89 8.06 -16.12
CA ILE E 59 -25.80 9.11 -15.11
C ILE E 59 -24.67 10.08 -15.45
N GLU E 60 -23.50 9.56 -15.87
CA GLU E 60 -22.34 10.41 -16.16
C GLU E 60 -22.61 11.32 -17.33
N ARG E 61 -23.23 10.78 -18.37
CA ARG E 61 -23.46 11.53 -19.59
C ARG E 61 -24.48 12.63 -19.35
N ILE E 62 -25.57 12.32 -18.63
CA ILE E 62 -26.61 13.32 -18.32
C ILE E 62 -25.97 14.52 -17.61
N LEU E 63 -25.15 14.25 -16.59
CA LEU E 63 -24.46 15.32 -15.90
C LEU E 63 -23.53 16.10 -16.81
N PHE E 64 -22.87 15.41 -17.77
CA PHE E 64 -21.96 16.12 -18.66
C PHE E 64 -22.71 17.07 -19.55
N LEU E 65 -23.90 16.68 -20.00
CA LEU E 65 -24.75 17.49 -20.86
C LEU E 65 -25.57 18.53 -20.09
N GLU E 66 -25.16 18.78 -18.83
CA GLU E 66 -25.69 19.84 -17.97
C GLU E 66 -27.16 19.60 -17.66
N GLY E 67 -27.51 18.31 -17.55
CA GLY E 67 -28.82 17.87 -17.13
C GLY E 67 -28.75 17.27 -15.74
N ALA E 68 -29.89 16.76 -15.30
CA ALA E 68 -30.07 16.30 -13.91
C ALA E 68 -30.59 14.89 -13.95
N PRO E 69 -29.83 13.90 -13.51
CA PRO E 69 -30.31 12.52 -13.55
C PRO E 69 -31.43 12.32 -12.55
N ASN E 70 -32.38 11.47 -12.95
CA ASN E 70 -33.53 11.10 -12.12
C ASN E 70 -33.36 9.65 -11.73
N LEU E 71 -32.92 9.43 -10.51
CA LEU E 71 -32.94 8.12 -9.88
C LEU E 71 -34.06 8.01 -8.87
N GLN E 72 -35.06 8.90 -8.92
CA GLN E 72 -36.08 8.91 -7.89
C GLN E 72 -37.30 8.09 -8.27
N ASP E 73 -37.67 8.09 -9.56
CA ASP E 73 -38.97 7.59 -10.00
C ASP E 73 -38.81 6.18 -10.59
N LEU E 74 -38.97 5.19 -9.73
CA LEU E 74 -38.81 3.78 -10.06
C LEU E 74 -40.11 3.22 -10.63
N GLY E 75 -40.03 2.65 -11.82
CA GLY E 75 -41.15 1.97 -12.48
C GLY E 75 -41.48 0.60 -11.89
N LYS E 76 -42.39 -0.09 -12.57
CA LYS E 76 -42.95 -1.33 -12.04
C LYS E 76 -41.96 -2.46 -12.24
N LEU E 77 -41.56 -3.12 -11.16
CA LEU E 77 -40.78 -4.35 -11.26
C LEU E 77 -41.68 -5.53 -11.64
N LEU E 78 -41.19 -6.38 -12.55
CA LEU E 78 -41.87 -7.62 -12.93
C LEU E 78 -41.20 -8.79 -12.21
N ILE E 79 -41.84 -9.28 -11.18
CA ILE E 79 -41.27 -10.31 -10.31
C ILE E 79 -42.04 -11.60 -10.52
N GLY E 80 -41.40 -12.58 -11.17
CA GLY E 80 -42.02 -13.88 -11.32
C GLY E 80 -42.08 -14.61 -10.00
N GLU E 81 -42.97 -15.60 -9.94
CA GLU E 81 -43.05 -16.49 -8.79
C GLU E 81 -42.42 -17.85 -9.06
N ASN E 82 -41.94 -18.11 -10.28
CA ASN E 82 -41.14 -19.30 -10.50
C ASN E 82 -40.22 -19.10 -11.71
N THR E 83 -39.38 -20.13 -11.95
CA THR E 83 -38.22 -19.94 -12.84
C THR E 83 -38.67 -19.43 -14.20
N GLN E 84 -39.65 -20.10 -14.81
CA GLN E 84 -40.09 -19.72 -16.15
C GLN E 84 -40.71 -18.33 -16.15
N GLU E 85 -41.43 -17.98 -15.07
CA GLU E 85 -42.03 -16.64 -14.99
C GLU E 85 -40.94 -15.59 -14.83
N MET E 86 -39.98 -15.89 -13.95
CA MET E 86 -38.86 -14.99 -13.76
C MET E 86 -38.22 -14.69 -15.11
N LEU E 87 -37.95 -15.74 -15.91
CA LEU E 87 -37.27 -15.54 -17.20
C LEU E 87 -38.16 -14.77 -18.18
N GLN E 88 -39.46 -15.07 -18.21
CA GLN E 88 -40.33 -14.28 -19.09
C GLN E 88 -40.48 -12.86 -18.58
N CYS E 89 -40.53 -12.68 -17.27
CA CYS E 89 -40.52 -11.31 -16.74
C CYS E 89 -39.29 -10.56 -17.22
N ASP E 90 -38.08 -11.12 -17.02
CA ASP E 90 -36.88 -10.47 -17.54
C ASP E 90 -37.02 -10.23 -19.02
N LEU E 91 -37.62 -11.17 -19.74
CA LEU E 91 -37.69 -11.00 -21.18
C LEU E 91 -38.62 -9.85 -21.53
N ASN E 92 -39.81 -9.82 -20.90
CA ASN E 92 -40.73 -8.69 -21.09
C ASN E 92 -40.02 -7.37 -20.86
N LEU E 93 -39.35 -7.22 -19.72
CA LEU E 93 -38.72 -5.93 -19.47
C LEU E 93 -37.71 -5.57 -20.55
N GLU E 94 -37.02 -6.57 -21.14
CA GLU E 94 -35.96 -6.28 -22.11
C GLU E 94 -36.51 -5.81 -23.43
N LEU E 95 -37.61 -6.42 -23.89
CA LEU E 95 -38.24 -5.95 -25.12
C LEU E 95 -38.65 -4.49 -25.00
N LYS E 96 -39.19 -4.10 -23.85
CA LYS E 96 -39.53 -2.69 -23.63
C LYS E 96 -38.28 -1.82 -23.68
N ALA E 97 -37.24 -2.21 -22.95
CA ALA E 97 -35.95 -1.52 -23.02
C ALA E 97 -35.46 -1.26 -24.45
N THR E 98 -35.58 -2.27 -25.34
CA THR E 98 -34.99 -2.09 -26.67
C THR E 98 -35.87 -1.23 -27.55
N LYS E 99 -37.20 -1.35 -27.42
CA LYS E 99 -38.09 -0.38 -28.05
C LYS E 99 -37.69 1.04 -27.68
N ASP E 100 -37.55 1.30 -26.38
CA ASP E 100 -37.17 2.64 -25.93
C ASP E 100 -35.78 3.01 -26.42
N LEU E 101 -34.83 2.08 -26.32
CA LEU E 101 -33.49 2.32 -26.86
C LEU E 101 -33.53 2.77 -28.31
N ARG E 102 -34.34 2.12 -29.14
CA ARG E 102 -34.34 2.42 -30.56
C ARG E 102 -34.86 3.82 -30.86
N GLU E 103 -35.87 4.28 -30.10
CA GLU E 103 -36.40 5.64 -30.32
C GLU E 103 -35.42 6.70 -29.81
N ALA E 104 -34.75 6.42 -28.70
CA ALA E 104 -33.72 7.34 -28.25
C ALA E 104 -32.59 7.51 -29.28
N ILE E 105 -32.24 6.44 -30.01
CA ILE E 105 -31.16 6.57 -31.00
C ILE E 105 -31.62 7.39 -32.18
N VAL E 106 -32.81 7.08 -32.70
CA VAL E 106 -33.40 7.88 -33.76
C VAL E 106 -33.26 9.36 -33.44
N HIS E 107 -33.65 9.77 -32.21
CA HIS E 107 -33.59 11.20 -31.91
C HIS E 107 -32.15 11.70 -31.85
N CYS E 108 -31.25 10.93 -31.25
CA CYS E 108 -29.84 11.34 -31.22
C CYS E 108 -29.30 11.62 -32.62
N GLU E 109 -29.72 10.82 -33.61
CA GLU E 109 -29.21 10.95 -34.98
C GLU E 109 -29.75 12.21 -35.67
N GLN E 110 -31.03 12.53 -35.42
CA GLN E 110 -31.60 13.79 -35.91
C GLN E 110 -30.77 14.99 -35.45
N VAL E 111 -30.58 15.09 -34.12
CA VAL E 111 -30.00 16.29 -33.53
C VAL E 111 -28.48 16.24 -33.49
N HIS E 112 -27.86 15.20 -34.06
CA HIS E 112 -26.40 15.16 -34.29
C HIS E 112 -25.61 14.87 -33.02
N ASP E 113 -26.21 14.18 -32.06
CA ASP E 113 -25.50 13.88 -30.83
C ASP E 113 -24.93 12.47 -31.01
N TYR E 114 -23.84 12.38 -31.76
CA TYR E 114 -23.42 11.09 -32.26
C TYR E 114 -22.80 10.25 -31.13
N VAL E 115 -22.16 10.91 -30.17
CA VAL E 115 -21.61 10.22 -29.01
C VAL E 115 -22.72 9.56 -28.17
N SER E 116 -23.84 10.26 -27.95
CA SER E 116 -24.91 9.67 -27.13
C SER E 116 -25.56 8.50 -27.84
N ARG E 117 -25.66 8.57 -29.18
CA ARG E 117 -26.11 7.44 -29.99
C ARG E 117 -25.24 6.20 -29.75
N ASP E 118 -23.92 6.39 -29.70
CA ASP E 118 -22.97 5.29 -29.62
C ASP E 118 -23.00 4.67 -28.24
N LEU E 119 -23.06 5.50 -27.20
CA LEU E 119 -23.28 4.98 -25.86
C LEU E 119 -24.49 4.06 -25.84
N LEU E 120 -25.56 4.42 -26.55
CA LEU E 120 -26.82 3.68 -26.49
C LEU E 120 -26.81 2.47 -27.41
N LYS E 121 -26.10 2.58 -28.52
CA LYS E 121 -25.81 1.39 -29.34
C LYS E 121 -25.16 0.29 -28.50
N ASP E 122 -24.13 0.64 -27.72
CA ASP E 122 -23.45 -0.37 -26.92
C ASP E 122 -24.38 -0.93 -25.84
N ILE E 123 -25.23 -0.08 -25.24
CA ILE E 123 -26.21 -0.65 -24.33
C ILE E 123 -27.13 -1.57 -25.09
N LEU E 124 -27.57 -1.14 -26.27
CA LEU E 124 -28.51 -1.96 -27.04
C LEU E 124 -27.92 -3.35 -27.33
N GLU E 125 -26.65 -3.41 -27.78
CA GLU E 125 -25.99 -4.72 -27.97
C GLU E 125 -26.08 -5.57 -26.72
N SER E 126 -25.83 -4.96 -25.56
CA SER E 126 -25.84 -5.67 -24.28
C SER E 126 -27.22 -6.26 -23.97
N GLU E 127 -28.29 -5.54 -24.35
CA GLU E 127 -29.64 -6.00 -24.04
C GLU E 127 -30.09 -7.09 -25.01
N GLU E 128 -29.79 -6.91 -26.29
CA GLU E 128 -30.01 -7.98 -27.26
C GLU E 128 -29.27 -9.24 -26.84
N GLU E 129 -28.01 -9.12 -26.43
CA GLU E 129 -27.34 -10.26 -25.83
C GLU E 129 -28.18 -10.84 -24.68
N HIS E 130 -28.75 -9.99 -23.84
CA HIS E 130 -29.50 -10.56 -22.72
C HIS E 130 -30.77 -11.23 -23.21
N ILE E 131 -31.37 -10.69 -24.26
CA ILE E 131 -32.59 -11.29 -24.81
C ILE E 131 -32.29 -12.70 -25.27
N ASP E 132 -31.28 -12.81 -26.15
CA ASP E 132 -30.83 -14.10 -26.65
C ASP E 132 -30.55 -15.06 -25.50
N TYR E 133 -29.86 -14.58 -24.47
CA TYR E 133 -29.74 -15.42 -23.28
C TYR E 133 -31.11 -15.91 -22.84
N LEU E 134 -32.09 -15.00 -22.73
CA LEU E 134 -33.37 -15.33 -22.08
C LEU E 134 -34.21 -16.30 -22.93
N GLU E 135 -34.39 -16.00 -24.22
CA GLU E 135 -35.06 -16.93 -25.12
C GLU E 135 -34.41 -18.30 -25.08
N THR E 136 -33.09 -18.33 -25.15
CA THR E 136 -32.40 -19.63 -25.15
C THR E 136 -32.74 -20.42 -23.90
N GLN E 137 -32.73 -19.78 -22.73
CA GLN E 137 -33.09 -20.51 -21.51
C GLN E 137 -34.50 -21.06 -21.62
N LEU E 138 -35.46 -20.25 -22.07
CA LEU E 138 -36.84 -20.72 -22.16
C LEU E 138 -36.95 -21.85 -23.17
N GLY E 139 -36.36 -21.66 -24.35
CA GLY E 139 -36.28 -22.74 -25.31
C GLY E 139 -35.52 -23.93 -24.76
N LEU E 140 -34.50 -23.66 -23.94
CA LEU E 140 -33.79 -24.76 -23.33
C LEU E 140 -34.66 -25.55 -22.36
N ILE E 141 -35.69 -24.92 -21.78
CA ILE E 141 -36.53 -25.66 -20.83
C ILE E 141 -37.43 -26.64 -21.57
N GLN E 142 -37.87 -26.30 -22.78
CA GLN E 142 -38.61 -27.25 -23.62
C GLN E 142 -37.76 -28.48 -23.91
N LYS E 143 -36.58 -28.27 -24.50
CA LYS E 143 -35.79 -29.34 -25.10
C LYS E 143 -35.29 -30.35 -24.06
N VAL E 144 -35.08 -29.94 -22.80
CA VAL E 144 -34.61 -30.84 -21.76
C VAL E 144 -35.64 -31.09 -20.67
N GLY E 145 -36.71 -30.29 -20.60
CA GLY E 145 -37.71 -30.46 -19.56
C GLY E 145 -37.30 -29.77 -18.28
N LEU E 146 -38.27 -29.19 -17.55
CA LEU E 146 -37.92 -28.21 -16.53
C LEU E 146 -37.09 -28.83 -15.42
N GLU E 147 -37.38 -30.08 -15.03
CA GLU E 147 -36.59 -30.68 -13.96
C GLU E 147 -35.11 -30.74 -14.30
N ASN E 148 -34.77 -30.97 -15.57
CA ASN E 148 -33.34 -31.12 -15.86
C ASN E 148 -32.67 -29.76 -15.91
N TYR E 149 -33.28 -28.82 -16.64
CA TYR E 149 -32.81 -27.43 -16.63
C TYR E 149 -32.49 -26.98 -15.22
N LEU E 150 -33.41 -27.22 -14.29
CA LEU E 150 -33.19 -26.77 -12.93
C LEU E 150 -32.09 -27.57 -12.26
N GLN E 151 -31.96 -28.86 -12.58
CA GLN E 151 -30.87 -29.63 -12.01
C GLN E 151 -29.53 -29.05 -12.41
N SER E 152 -29.42 -28.63 -13.66
CA SER E 152 -28.20 -28.11 -14.27
C SER E 152 -27.87 -26.70 -13.80
N HIS E 153 -28.67 -26.15 -12.89
CA HIS E 153 -28.39 -24.83 -12.36
C HIS E 153 -28.43 -24.83 -10.83
N MET E 154 -28.39 -26.00 -10.19
CA MET E 154 -28.18 -26.04 -8.75
C MET E 154 -26.79 -25.54 -8.40
N HIS E 155 -25.77 -26.17 -8.99
CA HIS E 155 -24.39 -25.93 -8.62
C HIS E 155 -23.72 -25.01 -9.62
N GLU E 156 -22.80 -24.19 -9.12
CA GLU E 156 -22.04 -23.24 -9.95
C GLU E 156 -20.96 -23.86 -10.83
N MET F 1 14.75 26.59 20.37
CA MET F 1 15.06 26.62 21.84
C MET F 1 16.19 27.64 22.10
N LYS F 2 16.04 28.57 23.02
CA LYS F 2 17.10 29.57 23.20
C LYS F 2 18.26 28.94 23.94
N GLY F 3 19.44 28.86 23.27
CA GLY F 3 20.62 28.34 23.92
C GLY F 3 21.48 29.42 24.59
N ASP F 4 22.41 28.96 25.42
CA ASP F 4 23.45 29.81 25.99
C ASP F 4 24.23 30.53 24.90
N LYS F 5 24.21 31.87 24.95
CA LYS F 5 24.88 32.66 23.91
C LYS F 5 26.34 32.25 23.76
N LYS F 6 27.01 31.92 24.88
CA LYS F 6 28.42 31.58 24.81
C LYS F 6 28.63 30.20 24.21
N VAL F 7 27.79 29.22 24.56
CA VAL F 7 27.81 27.93 23.88
C VAL F 7 27.73 28.14 22.37
N ILE F 8 26.79 28.96 21.94
CA ILE F 8 26.66 29.25 20.51
C ILE F 8 27.97 29.81 19.95
N GLN F 9 28.67 30.64 20.74
CA GLN F 9 29.93 31.19 20.25
C GLN F 9 30.94 30.06 19.99
N HIS F 10 31.12 29.18 20.97
CA HIS F 10 31.96 28.00 20.77
C HIS F 10 31.54 27.20 19.54
N LEU F 11 30.26 26.84 19.43
CA LEU F 11 29.83 26.06 18.27
C LEU F 11 30.28 26.72 16.97
N ASN F 12 30.13 28.05 16.89
CA ASN F 12 30.52 28.80 15.69
C ASN F 12 32.03 28.81 15.51
N LYS F 13 32.78 28.87 16.60
CA LYS F 13 34.22 28.70 16.53
C LYS F 13 34.60 27.33 15.98
N ILE F 14 34.08 26.26 16.60
CA ILE F 14 34.31 24.90 16.10
C ILE F 14 33.92 24.82 14.64
N LEU F 15 32.79 25.41 14.29
CA LEU F 15 32.39 25.40 12.89
C LEU F 15 33.48 26.00 12.02
N GLY F 16 34.03 27.13 12.44
CA GLY F 16 35.03 27.79 11.61
C GLY F 16 36.23 26.90 11.38
N ASN F 17 36.71 26.25 12.46
CA ASN F 17 37.77 25.26 12.33
C ASN F 17 37.41 24.19 11.29
N GLU F 18 36.18 23.67 11.34
CA GLU F 18 35.78 22.67 10.35
C GLU F 18 35.76 23.25 8.94
N LEU F 19 35.38 24.53 8.78
CA LEU F 19 35.37 25.15 7.45
C LEU F 19 36.78 25.28 6.89
N ILE F 20 37.77 25.53 7.76
CA ILE F 20 39.13 25.55 7.28
C ILE F 20 39.53 24.16 6.78
N ALA F 21 39.32 23.15 7.63
CA ALA F 21 39.61 21.77 7.28
C ALA F 21 38.99 21.38 5.94
N ILE F 22 37.70 21.59 5.77
CA ILE F 22 37.08 21.21 4.51
C ILE F 22 37.98 21.64 3.35
N ASN F 23 38.33 22.92 3.33
CA ASN F 23 39.01 23.49 2.17
C ASN F 23 40.45 23.00 2.10
N GLN F 24 41.14 22.99 3.24
CA GLN F 24 42.50 22.48 3.27
C GLN F 24 42.55 21.04 2.76
N TYR F 25 41.74 20.14 3.36
CA TYR F 25 41.85 18.73 2.99
C TYR F 25 41.47 18.51 1.55
N PHE F 26 40.41 19.18 1.08
CA PHE F 26 40.04 19.04 -0.32
C PHE F 26 41.19 19.40 -1.23
N LEU F 27 41.79 20.58 -1.02
CA LEU F 27 42.86 21.02 -1.91
C LEU F 27 44.03 20.03 -1.85
N HIS F 28 44.36 19.57 -0.63
CA HIS F 28 45.42 18.58 -0.47
C HIS F 28 45.07 17.29 -1.20
N SER F 29 43.87 16.76 -0.98
CA SER F 29 43.43 15.62 -1.77
C SER F 29 43.65 15.85 -3.26
N ARG F 30 43.28 17.04 -3.75
CA ARG F 30 43.32 17.24 -5.19
C ARG F 30 44.75 17.45 -5.70
N MET F 31 45.60 18.10 -4.91
CA MET F 31 47.02 18.16 -5.23
C MET F 31 47.58 16.74 -5.37
N TRP F 32 47.38 15.90 -4.34
CA TRP F 32 47.82 14.51 -4.39
C TRP F 32 47.29 13.76 -5.62
N ASN F 33 46.01 13.94 -5.93
CA ASN F 33 45.48 13.29 -7.13
C ASN F 33 46.23 13.79 -8.35
N ASP F 34 46.56 15.09 -8.37
CA ASP F 34 47.19 15.68 -9.53
C ASP F 34 48.63 15.19 -9.70
N TRP F 35 49.32 14.85 -8.60
CA TRP F 35 50.64 14.23 -8.65
C TRP F 35 50.58 12.72 -8.87
N GLY F 36 49.41 12.14 -9.09
CA GLY F 36 49.28 10.72 -9.30
C GLY F 36 49.44 9.88 -8.06
N LEU F 37 49.33 10.50 -6.88
CA LEU F 37 49.25 9.74 -5.63
C LEU F 37 47.77 9.57 -5.27
N LYS F 38 47.13 8.63 -5.99
CA LYS F 38 45.68 8.47 -5.98
C LYS F 38 45.15 7.95 -4.66
N ARG F 39 45.97 7.19 -3.94
CA ARG F 39 45.51 6.64 -2.67
C ARG F 39 45.46 7.72 -1.61
N LEU F 40 46.44 8.63 -1.64
CA LEU F 40 46.42 9.72 -0.66
C LEU F 40 45.33 10.71 -1.01
N GLY F 41 45.11 10.93 -2.31
CA GLY F 41 44.01 11.78 -2.72
C GLY F 41 42.70 11.25 -2.17
N ALA F 42 42.48 9.94 -2.33
CA ALA F 42 41.23 9.32 -1.93
C ALA F 42 41.04 9.40 -0.43
N HIS F 43 42.05 9.05 0.33
CA HIS F 43 41.88 9.10 1.77
C HIS F 43 41.60 10.54 2.20
N GLU F 44 42.42 11.48 1.71
CA GLU F 44 42.28 12.86 2.12
C GLU F 44 40.93 13.40 1.70
N TYR F 45 40.44 12.97 0.52
CA TYR F 45 39.10 13.36 0.08
C TYR F 45 38.02 12.96 1.09
N HIS F 46 38.13 11.74 1.66
CA HIS F 46 37.17 11.33 2.68
C HIS F 46 37.35 12.12 3.97
N GLU F 47 38.57 12.52 4.29
CA GLU F 47 38.72 13.37 5.46
C GLU F 47 37.97 14.67 5.27
N SER F 48 37.92 15.16 4.03
CA SER F 48 37.24 16.40 3.71
C SER F 48 35.73 16.24 3.82
N ILE F 49 35.16 15.21 3.20
CA ILE F 49 33.73 14.91 3.33
C ILE F 49 33.37 14.74 4.80
N ASP F 50 34.23 14.11 5.57
CA ASP F 50 34.03 13.99 7.01
C ASP F 50 33.79 15.34 7.66
N GLU F 51 34.68 16.30 7.41
CA GLU F 51 34.55 17.59 8.09
C GLU F 51 33.30 18.33 7.61
N MET F 52 32.90 18.11 6.37
CA MET F 52 31.67 18.68 5.86
C MET F 52 30.48 18.21 6.67
N LYS F 53 30.47 16.92 7.04
CA LYS F 53 29.37 16.36 7.81
C LYS F 53 29.36 16.93 9.23
N HIS F 54 30.54 17.07 9.85
CA HIS F 54 30.58 17.75 11.13
C HIS F 54 30.01 19.17 11.01
N ALA F 55 30.42 19.88 9.96
CA ALA F 55 29.95 21.25 9.76
C ALA F 55 28.44 21.30 9.63
N ASP F 56 27.88 20.39 8.83
CA ASP F 56 26.42 20.30 8.73
C ASP F 56 25.80 20.21 10.11
N LYS F 57 26.26 19.26 10.92
CA LYS F 57 25.63 19.07 12.22
C LYS F 57 25.82 20.29 13.12
N LEU F 58 26.91 21.03 12.95
CA LEU F 58 27.11 22.20 13.78
C LEU F 58 26.18 23.34 13.35
N ILE F 59 25.95 23.46 12.05
CA ILE F 59 25.04 24.47 11.50
C ILE F 59 23.61 24.21 11.95
N GLU F 60 23.17 22.94 11.90
CA GLU F 60 21.85 22.56 12.38
C GLU F 60 21.67 22.92 13.84
N ARG F 61 22.68 22.61 14.64
CA ARG F 61 22.53 22.81 16.06
C ARG F 61 22.56 24.31 16.39
N ILE F 62 23.47 25.06 15.78
CA ILE F 62 23.48 26.51 15.98
C ILE F 62 22.09 27.09 15.69
N LEU F 63 21.50 26.70 14.55
CA LEU F 63 20.20 27.21 14.17
C LEU F 63 19.14 26.82 15.20
N PHE F 64 19.05 25.53 15.55
CA PHE F 64 18.07 25.09 16.52
C PHE F 64 18.11 25.95 17.79
N LEU F 65 19.31 26.28 18.27
CA LEU F 65 19.52 27.10 19.45
C LEU F 65 19.33 28.58 19.14
N GLU F 66 18.86 28.88 17.92
CA GLU F 66 18.51 30.22 17.47
C GLU F 66 19.74 31.11 17.33
N GLY F 67 20.89 30.50 17.05
CA GLY F 67 22.07 31.24 16.69
C GLY F 67 22.09 31.56 15.20
N ALA F 68 23.12 32.30 14.81
CA ALA F 68 23.39 32.56 13.40
C ALA F 68 24.67 31.84 13.01
N PRO F 69 24.63 30.80 12.22
CA PRO F 69 25.88 30.17 11.80
C PRO F 69 26.71 31.13 10.94
N ASN F 70 28.00 31.19 11.23
CA ASN F 70 28.95 32.03 10.50
C ASN F 70 29.76 31.18 9.53
N LEU F 71 29.40 31.23 8.25
CA LEU F 71 30.17 30.60 7.19
C LEU F 71 30.94 31.62 6.36
N GLN F 72 31.17 32.83 6.90
CA GLN F 72 31.74 33.95 6.14
C GLN F 72 33.22 34.13 6.40
N ASP F 73 33.69 33.91 7.64
CA ASP F 73 35.05 34.27 8.06
C ASP F 73 36.02 33.08 8.01
N LEU F 74 36.46 32.75 6.80
CA LEU F 74 37.34 31.60 6.58
C LEU F 74 38.74 31.85 7.14
N GLY F 75 39.15 31.02 8.09
CA GLY F 75 40.46 31.15 8.70
C GLY F 75 41.60 30.71 7.78
N LYS F 76 42.79 30.64 8.36
CA LYS F 76 44.01 30.44 7.58
C LYS F 76 44.20 28.96 7.21
N LEU F 77 44.15 28.66 5.91
CA LEU F 77 44.51 27.34 5.41
C LEU F 77 46.01 27.13 5.47
N LEU F 78 46.39 25.89 5.80
CA LEU F 78 47.79 25.47 5.90
C LEU F 78 48.07 24.51 4.75
N ILE F 79 48.55 25.05 3.63
CA ILE F 79 48.86 24.25 2.44
C ILE F 79 50.34 23.86 2.45
N GLY F 80 50.62 22.58 2.25
CA GLY F 80 51.99 22.12 2.15
C GLY F 80 52.50 22.12 0.71
N GLU F 81 53.81 22.00 0.55
CA GLU F 81 54.40 21.91 -0.77
C GLU F 81 54.83 20.49 -1.15
N ASN F 82 54.96 19.57 -0.18
CA ASN F 82 55.19 18.16 -0.48
C ASN F 82 54.44 17.29 0.54
N THR F 83 54.24 16.02 0.17
CA THR F 83 53.46 15.07 0.97
C THR F 83 53.70 15.26 2.46
N GLN F 84 54.95 15.17 2.86
CA GLN F 84 55.29 15.20 4.28
C GLN F 84 54.87 16.52 4.93
N GLU F 85 54.98 17.61 4.18
CA GLU F 85 54.59 18.91 4.73
C GLU F 85 53.09 19.03 4.80
N MET F 86 52.40 18.50 3.79
CA MET F 86 50.95 18.47 3.78
C MET F 86 50.41 17.70 4.97
N LEU F 87 50.98 16.53 5.25
CA LEU F 87 50.55 15.75 6.40
C LEU F 87 50.83 16.51 7.69
N GLN F 88 51.96 17.20 7.76
CA GLN F 88 52.28 17.94 8.97
C GLN F 88 51.36 19.16 9.12
N CYS F 89 50.85 19.70 8.01
CA CYS F 89 49.92 20.81 8.11
C CYS F 89 48.57 20.33 8.62
N ASP F 90 48.09 19.20 8.06
CA ASP F 90 46.90 18.52 8.57
C ASP F 90 47.05 18.25 10.07
N LEU F 91 48.21 17.77 10.50
CA LEU F 91 48.38 17.51 11.92
C LEU F 91 48.31 18.81 12.72
N ASN F 92 48.86 19.89 12.19
CA ASN F 92 48.82 21.14 12.96
C ASN F 92 47.39 21.62 13.12
N LEU F 93 46.65 21.68 12.02
CA LEU F 93 45.26 22.10 12.09
C LEU F 93 44.48 21.28 13.13
N GLU F 94 44.61 19.94 13.07
CA GLU F 94 43.80 19.07 13.91
C GLU F 94 44.09 19.29 15.37
N LEU F 95 45.35 19.57 15.70
CA LEU F 95 45.71 19.77 17.09
C LEU F 95 45.13 21.07 17.63
N LYS F 96 45.01 22.09 16.77
CA LYS F 96 44.31 23.29 17.20
C LYS F 96 42.84 22.97 17.42
N ALA F 97 42.28 22.14 16.53
CA ALA F 97 40.85 21.85 16.59
C ALA F 97 40.48 21.12 17.88
N THR F 98 41.35 20.23 18.35
CA THR F 98 41.01 19.49 19.56
C THR F 98 41.17 20.34 20.80
N LYS F 99 42.09 21.29 20.80
CA LYS F 99 42.19 22.22 21.91
C LYS F 99 40.90 23.03 22.04
N ASP F 100 40.37 23.50 20.90
CA ASP F 100 39.12 24.24 20.92
C ASP F 100 37.95 23.35 21.31
N LEU F 101 37.89 22.10 20.78
CA LEU F 101 36.81 21.20 21.17
C LEU F 101 36.76 21.06 22.67
N ARG F 102 37.91 20.81 23.29
CA ARG F 102 37.92 20.59 24.72
C ARG F 102 37.49 21.85 25.48
N GLU F 103 37.93 23.04 25.03
CA GLU F 103 37.44 24.30 25.59
C GLU F 103 35.92 24.33 25.57
N ALA F 104 35.34 23.97 24.43
CA ALA F 104 33.90 24.13 24.24
C ALA F 104 33.12 23.12 25.09
N ILE F 105 33.63 21.89 25.19
CA ILE F 105 33.00 20.90 26.07
C ILE F 105 33.02 21.38 27.52
N VAL F 106 34.10 22.04 27.92
CA VAL F 106 34.19 22.51 29.31
C VAL F 106 33.06 23.48 29.59
N HIS F 107 32.76 24.33 28.62
CA HIS F 107 31.71 25.32 28.82
C HIS F 107 30.33 24.68 28.72
N CYS F 108 30.15 23.75 27.78
CA CYS F 108 28.89 23.02 27.68
C CYS F 108 28.58 22.37 29.02
N GLU F 109 29.53 21.66 29.60
CA GLU F 109 29.32 21.05 30.91
C GLU F 109 28.88 22.09 31.93
N GLN F 110 29.53 23.26 31.90
CA GLN F 110 29.27 24.26 32.92
C GLN F 110 27.84 24.76 32.89
N VAL F 111 27.28 24.93 31.70
CA VAL F 111 25.95 25.52 31.53
C VAL F 111 24.89 24.44 31.37
N HIS F 112 25.30 23.18 31.55
CA HIS F 112 24.40 22.02 31.48
C HIS F 112 23.81 21.81 30.09
N ASP F 113 24.49 22.20 29.02
CA ASP F 113 24.02 21.92 27.67
C ASP F 113 24.65 20.57 27.23
N TYR F 114 24.05 19.49 27.74
CA TYR F 114 24.69 18.18 27.67
C TYR F 114 24.58 17.57 26.28
N VAL F 115 23.57 17.97 25.52
CA VAL F 115 23.44 17.55 24.14
C VAL F 115 24.58 18.12 23.30
N SER F 116 24.77 19.44 23.35
CA SER F 116 25.89 20.04 22.65
C SER F 116 27.20 19.38 23.03
N ARG F 117 27.40 19.14 24.32
CA ARG F 117 28.62 18.46 24.74
C ARG F 117 28.78 17.15 23.98
N ASP F 118 27.69 16.39 23.90
CA ASP F 118 27.75 15.09 23.25
C ASP F 118 28.03 15.25 21.76
N LEU F 119 27.45 16.26 21.13
CA LEU F 119 27.81 16.52 19.74
C LEU F 119 29.30 16.77 19.58
N LEU F 120 29.93 17.51 20.51
CA LEU F 120 31.33 17.91 20.32
C LEU F 120 32.27 16.79 20.68
N LYS F 121 31.86 15.93 21.62
CA LYS F 121 32.60 14.71 21.94
C LYS F 121 32.69 13.79 20.73
N ASP F 122 31.60 13.61 20.00
CA ASP F 122 31.63 12.74 18.82
C ASP F 122 32.51 13.33 17.74
N ILE F 123 32.47 14.64 17.55
CA ILE F 123 33.42 15.28 16.65
C ILE F 123 34.84 15.05 17.16
N LEU F 124 35.06 15.30 18.45
CA LEU F 124 36.40 15.15 19.00
C LEU F 124 36.93 13.75 18.71
N GLU F 125 36.04 12.76 18.77
CA GLU F 125 36.44 11.39 18.54
C GLU F 125 36.92 11.20 17.11
N SER F 126 36.22 11.81 16.16
CA SER F 126 36.67 11.77 14.78
C SER F 126 38.00 12.50 14.62
N GLU F 127 38.12 13.67 15.27
CA GLU F 127 39.36 14.45 15.13
C GLU F 127 40.55 13.66 15.67
N GLU F 128 40.38 12.98 16.80
CA GLU F 128 41.47 12.15 17.33
C GLU F 128 41.78 10.99 16.39
N GLU F 129 40.76 10.43 15.74
CA GLU F 129 41.05 9.39 14.76
C GLU F 129 41.92 9.95 13.66
N HIS F 130 41.65 11.21 13.28
CA HIS F 130 42.41 11.79 12.19
C HIS F 130 43.83 12.09 12.63
N ILE F 131 44.00 12.61 13.85
CA ILE F 131 45.34 12.78 14.39
C ILE F 131 46.10 11.46 14.30
N ASP F 132 45.47 10.38 14.79
CA ASP F 132 46.14 9.09 14.77
C ASP F 132 46.61 8.73 13.36
N TYR F 133 45.77 8.96 12.35
CA TYR F 133 46.13 8.67 10.98
C TYR F 133 47.37 9.45 10.56
N LEU F 134 47.35 10.77 10.78
CA LEU F 134 48.44 11.63 10.33
C LEU F 134 49.75 11.29 11.02
N GLU F 135 49.72 11.07 12.34
CA GLU F 135 50.93 10.66 13.05
C GLU F 135 51.47 9.33 12.52
N THR F 136 50.59 8.44 12.08
CA THR F 136 51.01 7.13 11.61
C THR F 136 51.61 7.19 10.21
N GLN F 137 51.07 8.06 9.33
CA GLN F 137 51.69 8.25 8.03
C GLN F 137 53.09 8.85 8.16
N LEU F 138 53.25 9.81 9.07
CA LEU F 138 54.55 10.41 9.26
C LEU F 138 55.52 9.41 9.83
N GLY F 139 55.03 8.51 10.69
CA GLY F 139 55.89 7.48 11.26
C GLY F 139 56.25 6.41 10.26
N LEU F 140 55.39 6.19 9.26
CA LEU F 140 55.69 5.19 8.25
C LEU F 140 56.62 5.74 7.19
N ILE F 141 56.54 7.03 6.91
CA ILE F 141 57.52 7.67 6.05
C ILE F 141 58.92 7.40 6.59
N GLN F 142 59.08 7.46 7.90
CA GLN F 142 60.39 7.15 8.48
C GLN F 142 60.69 5.66 8.39
N LYS F 143 59.70 4.79 8.63
CA LYS F 143 59.97 3.37 8.71
C LYS F 143 60.33 2.78 7.34
N VAL F 144 59.61 3.16 6.29
CA VAL F 144 59.84 2.59 4.96
C VAL F 144 60.56 3.55 4.01
N GLY F 145 60.79 4.81 4.40
CA GLY F 145 61.35 5.79 3.48
C GLY F 145 60.35 6.45 2.55
N LEU F 146 60.56 7.73 2.23
CA LEU F 146 59.54 8.49 1.52
C LEU F 146 59.22 7.85 0.19
N GLU F 147 60.25 7.37 -0.53
CA GLU F 147 60.02 6.87 -1.88
C GLU F 147 59.13 5.62 -1.84
N ASN F 148 59.32 4.77 -0.83
CA ASN F 148 58.41 3.63 -0.67
C ASN F 148 57.04 4.10 -0.23
N TYR F 149 56.97 4.98 0.77
CA TYR F 149 55.68 5.48 1.22
C TYR F 149 54.85 5.99 0.04
N LEU F 150 55.49 6.70 -0.90
CA LEU F 150 54.76 7.33 -1.99
C LEU F 150 54.41 6.33 -3.06
N GLN F 151 55.32 5.40 -3.32
CA GLN F 151 55.01 4.30 -4.21
C GLN F 151 53.75 3.56 -3.73
N SER F 152 53.66 3.31 -2.42
CA SER F 152 52.53 2.59 -1.85
C SER F 152 51.23 3.36 -2.00
N HIS F 153 51.29 4.67 -2.28
CA HIS F 153 50.08 5.47 -2.37
C HIS F 153 49.81 5.97 -3.78
N MET F 154 50.44 5.34 -4.78
CA MET F 154 50.26 5.75 -6.18
C MET F 154 48.89 5.34 -6.72
N HIS F 155 48.51 4.08 -6.49
CA HIS F 155 47.30 3.47 -7.04
C HIS F 155 46.27 3.27 -5.93
N GLU F 156 44.99 3.44 -6.28
CA GLU F 156 43.91 3.16 -5.33
C GLU F 156 43.80 1.66 -5.06
N MET G 1 -37.12 -20.85 6.74
CA MET G 1 -37.45 -20.93 8.20
C MET G 1 -38.42 -19.80 8.62
N LYS G 2 -39.46 -20.12 9.41
CA LYS G 2 -40.58 -19.20 9.64
C LYS G 2 -40.13 -18.07 10.56
N GLY G 3 -40.04 -16.87 10.03
CA GLY G 3 -39.66 -15.74 10.84
C GLY G 3 -40.83 -15.00 11.46
N ASP G 4 -40.50 -14.12 12.41
CA ASP G 4 -41.47 -13.21 13.01
C ASP G 4 -41.95 -12.15 12.03
N LYS G 5 -43.27 -12.05 11.87
CA LYS G 5 -43.83 -11.14 10.85
C LYS G 5 -43.33 -9.71 11.01
N LYS G 6 -43.16 -9.23 12.25
CA LYS G 6 -42.77 -7.83 12.44
C LYS G 6 -41.26 -7.62 12.23
N VAL G 7 -40.42 -8.57 12.60
CA VAL G 7 -39.03 -8.56 12.13
C VAL G 7 -39.00 -8.32 10.64
N ILE G 8 -39.67 -9.17 9.88
CA ILE G 8 -39.60 -9.05 8.43
C ILE G 8 -39.96 -7.64 7.99
N GLN G 9 -41.03 -7.07 8.57
CA GLN G 9 -41.42 -5.69 8.28
C GLN G 9 -40.32 -4.69 8.61
N HIS G 10 -39.70 -4.82 9.79
CA HIS G 10 -38.52 -4.00 10.11
C HIS G 10 -37.42 -4.18 9.05
N LEU G 11 -37.09 -5.44 8.70
CA LEU G 11 -36.04 -5.68 7.70
C LEU G 11 -36.37 -5.03 6.37
N ASN G 12 -37.65 -5.03 5.97
CA ASN G 12 -37.99 -4.35 4.71
C ASN G 12 -37.92 -2.84 4.86
N LYS G 13 -38.04 -2.34 6.08
CA LYS G 13 -37.91 -0.91 6.30
C LYS G 13 -36.46 -0.49 6.21
N ILE G 14 -35.59 -1.18 6.96
CA ILE G 14 -34.15 -0.94 6.83
C ILE G 14 -33.75 -1.07 5.38
N LEU G 15 -34.24 -2.13 4.71
CA LEU G 15 -33.94 -2.29 3.29
C LEU G 15 -34.41 -1.08 2.52
N GLY G 16 -35.58 -0.56 2.88
CA GLY G 16 -36.06 0.65 2.26
C GLY G 16 -35.06 1.77 2.37
N ASN G 17 -34.50 1.94 3.56
CA ASN G 17 -33.54 3.03 3.74
C ASN G 17 -32.27 2.82 2.90
N GLU G 18 -31.69 1.58 2.91
CA GLU G 18 -30.51 1.30 2.08
C GLU G 18 -30.77 1.62 0.62
N LEU G 19 -31.95 1.24 0.13
CA LEU G 19 -32.26 1.52 -1.27
C LEU G 19 -32.19 3.00 -1.55
N ILE G 20 -32.67 3.85 -0.62
CA ILE G 20 -32.53 5.29 -0.78
C ILE G 20 -31.07 5.70 -0.72
N ALA G 21 -30.35 5.19 0.28
CA ALA G 21 -28.96 5.59 0.47
C ALA G 21 -28.10 5.21 -0.73
N ILE G 22 -28.40 4.08 -1.37
CA ILE G 22 -27.66 3.60 -2.54
C ILE G 22 -27.73 4.63 -3.67
N ASN G 23 -28.94 5.04 -4.07
CA ASN G 23 -29.07 5.94 -5.20
C ASN G 23 -28.58 7.34 -4.82
N GLN G 24 -28.79 7.75 -3.57
CA GLN G 24 -28.41 9.12 -3.19
C GLN G 24 -26.90 9.24 -3.15
N TYR G 25 -26.24 8.26 -2.53
CA TYR G 25 -24.80 8.27 -2.49
C TYR G 25 -24.23 8.10 -3.90
N PHE G 26 -24.87 7.31 -4.75
CA PHE G 26 -24.35 7.16 -6.10
C PHE G 26 -24.51 8.44 -6.90
N LEU G 27 -25.64 9.14 -6.77
CA LEU G 27 -25.79 10.39 -7.50
C LEU G 27 -24.80 11.42 -6.97
N HIS G 28 -24.71 11.58 -5.65
CA HIS G 28 -23.74 12.50 -5.07
C HIS G 28 -22.31 12.16 -5.51
N SER G 29 -21.99 10.87 -5.71
CA SER G 29 -20.65 10.52 -6.16
C SER G 29 -20.39 11.02 -7.57
N ARG G 30 -21.37 10.83 -8.47
CA ARG G 30 -21.18 11.24 -9.86
C ARG G 30 -21.25 12.76 -10.00
N MET G 31 -21.99 13.43 -9.11
CA MET G 31 -21.94 14.89 -9.09
C MET G 31 -20.55 15.37 -8.72
N TRP G 32 -19.98 14.78 -7.68
CA TRP G 32 -18.66 15.21 -7.27
C TRP G 32 -17.59 14.87 -8.33
N ASN G 33 -17.65 13.68 -8.96
CA ASN G 33 -16.77 13.41 -10.11
C ASN G 33 -16.99 14.41 -11.22
N ASP G 34 -18.26 14.71 -11.53
CA ASP G 34 -18.57 15.65 -12.59
C ASP G 34 -18.02 17.04 -12.30
N TRP G 35 -17.85 17.42 -11.04
CA TRP G 35 -17.29 18.74 -10.74
C TRP G 35 -15.79 18.69 -10.59
N GLY G 36 -15.18 17.53 -10.82
CA GLY G 36 -13.74 17.40 -10.66
C GLY G 36 -13.28 17.31 -9.23
N LEU G 37 -14.19 16.97 -8.32
CA LEU G 37 -13.81 16.66 -6.94
C LEU G 37 -13.67 15.14 -6.79
N LYS G 38 -12.59 14.61 -7.41
CA LYS G 38 -12.53 13.16 -7.62
C LYS G 38 -12.32 12.40 -6.31
N ARG G 39 -11.70 13.01 -5.32
CA ARG G 39 -11.54 12.30 -4.06
C ARG G 39 -12.87 12.18 -3.33
N LEU G 40 -13.70 13.24 -3.39
CA LEU G 40 -15.06 13.14 -2.85
C LEU G 40 -15.86 12.14 -3.64
N GLY G 41 -15.72 12.15 -4.97
CA GLY G 41 -16.52 11.25 -5.78
C GLY G 41 -16.20 9.78 -5.48
N ALA G 42 -14.93 9.46 -5.21
CA ALA G 42 -14.55 8.08 -4.98
C ALA G 42 -14.95 7.61 -3.60
N HIS G 43 -14.74 8.45 -2.58
CA HIS G 43 -15.19 8.06 -1.25
C HIS G 43 -16.70 7.82 -1.26
N GLU G 44 -17.44 8.65 -1.97
CA GLU G 44 -18.89 8.57 -1.92
C GLU G 44 -19.38 7.39 -2.74
N TYR G 45 -18.60 6.98 -3.75
CA TYR G 45 -18.90 5.76 -4.51
C TYR G 45 -18.80 4.55 -3.60
N HIS G 46 -17.81 4.53 -2.74
CA HIS G 46 -17.61 3.37 -1.88
C HIS G 46 -18.67 3.31 -0.80
N GLU G 47 -19.16 4.46 -0.34
CA GLU G 47 -20.30 4.45 0.57
C GLU G 47 -21.50 3.85 -0.12
N SER G 48 -21.74 4.23 -1.38
CA SER G 48 -22.82 3.62 -2.15
C SER G 48 -22.67 2.10 -2.19
N ILE G 49 -21.47 1.62 -2.51
CA ILE G 49 -21.24 0.20 -2.63
C ILE G 49 -21.53 -0.49 -1.33
N ASP G 50 -21.08 0.10 -0.22
CA ASP G 50 -21.26 -0.61 1.05
C ASP G 50 -22.73 -0.70 1.42
N GLU G 51 -23.54 0.32 1.05
CA GLU G 51 -24.99 0.23 1.24
C GLU G 51 -25.59 -0.85 0.35
N MET G 52 -25.10 -0.98 -0.88
CA MET G 52 -25.55 -2.10 -1.70
C MET G 52 -25.28 -3.42 -1.00
N LYS G 53 -24.14 -3.55 -0.34
CA LYS G 53 -23.84 -4.83 0.30
C LYS G 53 -24.75 -5.04 1.50
N HIS G 54 -25.10 -3.96 2.20
CA HIS G 54 -26.06 -4.08 3.30
C HIS G 54 -27.41 -4.53 2.76
N ALA G 55 -27.83 -3.98 1.62
CA ALA G 55 -29.12 -4.29 1.05
C ALA G 55 -29.18 -5.77 0.66
N ASP G 56 -28.14 -6.25 -0.02
CA ASP G 56 -28.02 -7.65 -0.42
C ASP G 56 -28.12 -8.61 0.78
N LYS G 57 -27.43 -8.30 1.88
CA LYS G 57 -27.57 -9.15 3.06
C LYS G 57 -28.96 -9.04 3.71
N LEU G 58 -29.62 -7.88 3.64
CA LEU G 58 -31.01 -7.79 4.12
C LEU G 58 -31.95 -8.61 3.23
N ILE G 59 -31.78 -8.50 1.90
CA ILE G 59 -32.59 -9.30 0.99
C ILE G 59 -32.43 -10.79 1.25
N GLU G 60 -31.19 -11.25 1.45
CA GLU G 60 -31.00 -12.67 1.73
C GLU G 60 -31.74 -13.09 2.99
N ARG G 61 -31.57 -12.32 4.06
CA ARG G 61 -32.19 -12.73 5.34
C ARG G 61 -33.71 -12.71 5.24
N ILE G 62 -34.29 -11.72 4.56
CA ILE G 62 -35.74 -11.67 4.39
C ILE G 62 -36.22 -12.94 3.69
N LEU G 63 -35.60 -13.27 2.55
CA LEU G 63 -35.98 -14.50 1.82
C LEU G 63 -35.84 -15.73 2.70
N PHE G 64 -34.75 -15.83 3.48
CA PHE G 64 -34.59 -16.98 4.38
C PHE G 64 -35.73 -17.06 5.40
N LEU G 65 -36.18 -15.90 5.90
CA LEU G 65 -37.28 -15.82 6.86
C LEU G 65 -38.67 -15.86 6.17
N GLU G 66 -38.71 -16.29 4.91
CA GLU G 66 -39.94 -16.57 4.15
C GLU G 66 -40.79 -15.32 3.93
N GLY G 67 -40.18 -14.13 4.07
CA GLY G 67 -40.79 -12.88 3.68
C GLY G 67 -40.51 -12.50 2.25
N ALA G 68 -40.99 -11.32 1.88
CA ALA G 68 -40.91 -10.85 0.49
C ALA G 68 -40.14 -9.54 0.42
N PRO G 69 -38.88 -9.55 -0.03
CA PRO G 69 -38.13 -8.29 -0.14
C PRO G 69 -38.90 -7.27 -0.94
N ASN G 70 -38.86 -6.01 -0.50
CA ASN G 70 -39.55 -4.90 -1.16
C ASN G 70 -38.51 -3.99 -1.81
N LEU G 71 -38.33 -4.13 -3.13
CA LEU G 71 -37.47 -3.23 -3.90
C LEU G 71 -38.27 -2.33 -4.82
N GLN G 72 -39.59 -2.30 -4.67
CA GLN G 72 -40.46 -1.51 -5.52
C GLN G 72 -40.62 -0.06 -5.04
N ASP G 73 -40.65 0.15 -3.71
CA ASP G 73 -41.00 1.44 -3.11
C ASP G 73 -39.75 2.22 -2.72
N LEU G 74 -39.45 3.25 -3.46
CA LEU G 74 -38.27 4.08 -3.20
C LEU G 74 -38.69 5.33 -2.45
N GLY G 75 -38.27 5.45 -1.19
CA GLY G 75 -38.45 6.68 -0.45
C GLY G 75 -37.78 7.87 -1.14
N LYS G 76 -37.78 9.03 -0.47
CA LYS G 76 -37.34 10.29 -1.07
C LYS G 76 -35.82 10.42 -1.02
N LEU G 77 -35.20 10.68 -2.15
CA LEU G 77 -33.78 11.00 -2.18
C LEU G 77 -33.54 12.43 -1.72
N LEU G 78 -32.52 12.61 -0.89
CA LEU G 78 -32.08 13.96 -0.47
C LEU G 78 -30.84 14.38 -1.25
N ILE G 79 -31.05 14.92 -2.45
CA ILE G 79 -29.97 15.40 -3.30
C ILE G 79 -29.66 16.84 -2.96
N GLY G 80 -28.37 17.15 -2.78
CA GLY G 80 -27.93 18.50 -2.52
C GLY G 80 -27.46 19.20 -3.77
N GLU G 81 -27.17 20.47 -3.62
CA GLU G 81 -26.79 21.31 -4.74
C GLU G 81 -25.37 21.84 -4.58
N ASN G 82 -24.72 21.55 -3.46
CA ASN G 82 -23.33 21.93 -3.30
C ASN G 82 -22.74 20.99 -2.25
N THR G 83 -21.44 21.09 -2.06
CA THR G 83 -20.73 20.09 -1.26
C THR G 83 -21.20 20.08 0.19
N GLN G 84 -21.38 21.24 0.81
CA GLN G 84 -21.93 21.24 2.17
C GLN G 84 -23.32 20.62 2.20
N GLU G 85 -24.19 21.01 1.27
CA GLU G 85 -25.54 20.48 1.30
C GLU G 85 -25.52 18.96 1.13
N MET G 86 -24.70 18.45 0.19
CA MET G 86 -24.67 17.01 -0.05
C MET G 86 -24.24 16.26 1.19
N LEU G 87 -23.21 16.75 1.88
CA LEU G 87 -22.77 16.08 3.09
C LEU G 87 -23.88 16.08 4.12
N GLN G 88 -24.53 17.23 4.30
CA GLN G 88 -25.62 17.39 5.27
C GLN G 88 -26.80 16.50 4.92
N CYS G 89 -27.15 16.40 3.64
CA CYS G 89 -28.20 15.49 3.23
C CYS G 89 -27.85 14.04 3.56
N ASP G 90 -26.63 13.60 3.19
CA ASP G 90 -26.20 12.26 3.55
C ASP G 90 -26.34 12.05 5.05
N LEU G 91 -26.01 13.07 5.84
CA LEU G 91 -26.01 12.91 7.29
C LEU G 91 -27.44 12.85 7.84
N ASN G 92 -28.37 13.61 7.26
CA ASN G 92 -29.77 13.51 7.69
C ASN G 92 -30.30 12.11 7.38
N LEU G 93 -29.94 11.57 6.23
CA LEU G 93 -30.37 10.22 5.89
C LEU G 93 -29.87 9.21 6.93
N GLU G 94 -28.60 9.32 7.29
CA GLU G 94 -27.98 8.35 8.20
C GLU G 94 -28.59 8.41 9.59
N LEU G 95 -28.94 9.61 10.06
CA LEU G 95 -29.56 9.73 11.38
C LEU G 95 -30.96 9.12 11.39
N LYS G 96 -31.70 9.25 10.30
CA LYS G 96 -32.95 8.50 10.21
C LYS G 96 -32.67 7.00 10.15
N ALA G 97 -31.66 6.59 9.37
CA ALA G 97 -31.37 5.16 9.23
C ALA G 97 -31.02 4.51 10.57
N THR G 98 -30.18 5.18 11.37
CA THR G 98 -29.80 4.63 12.68
C THR G 98 -30.99 4.60 13.64
N LYS G 99 -31.84 5.63 13.58
CA LYS G 99 -33.05 5.59 14.39
C LYS G 99 -33.83 4.31 14.10
N ASP G 100 -34.09 4.02 12.81
CA ASP G 100 -34.88 2.83 12.49
C ASP G 100 -34.15 1.53 12.84
N LEU G 101 -32.82 1.47 12.65
CA LEU G 101 -32.05 0.30 13.05
C LEU G 101 -32.25 -0.01 14.52
N ARG G 102 -32.08 0.99 15.38
CA ARG G 102 -32.25 0.80 16.82
C ARG G 102 -33.65 0.29 17.22
N GLU G 103 -34.69 0.67 16.50
CA GLU G 103 -36.01 0.16 16.87
C GLU G 103 -36.19 -1.25 16.33
N ALA G 104 -35.66 -1.53 15.14
CA ALA G 104 -35.61 -2.90 14.67
C ALA G 104 -34.89 -3.81 15.68
N ILE G 105 -33.82 -3.34 16.31
CA ILE G 105 -33.05 -4.24 17.16
C ILE G 105 -33.83 -4.54 18.44
N VAL G 106 -34.44 -3.51 19.03
CA VAL G 106 -35.35 -3.72 20.16
C VAL G 106 -36.34 -4.83 19.84
N HIS G 107 -37.05 -4.70 18.71
CA HIS G 107 -38.02 -5.75 18.38
C HIS G 107 -37.33 -7.11 18.25
N CYS G 108 -36.20 -7.17 17.51
CA CYS G 108 -35.50 -8.45 17.38
C CYS G 108 -35.17 -9.02 18.74
N GLU G 109 -34.62 -8.19 19.63
CA GLU G 109 -34.33 -8.68 20.98
C GLU G 109 -35.58 -9.25 21.62
N GLN G 110 -36.73 -8.58 21.41
CA GLN G 110 -37.97 -8.94 22.10
C GLN G 110 -38.42 -10.33 21.71
N VAL G 111 -38.41 -10.64 20.41
CA VAL G 111 -38.85 -11.94 19.91
C VAL G 111 -37.74 -12.97 19.84
N HIS G 112 -36.53 -12.63 20.28
CA HIS G 112 -35.42 -13.58 20.38
C HIS G 112 -34.78 -13.92 19.04
N ASP G 113 -34.92 -13.08 18.03
CA ASP G 113 -34.26 -13.29 16.75
C ASP G 113 -32.87 -12.66 16.85
N TYR G 114 -31.98 -13.39 17.53
CA TYR G 114 -30.67 -12.85 17.82
C TYR G 114 -29.74 -12.80 16.62
N VAL G 115 -29.98 -13.61 15.59
CA VAL G 115 -29.15 -13.54 14.39
C VAL G 115 -29.53 -12.30 13.58
N SER G 116 -30.82 -12.02 13.43
CA SER G 116 -31.21 -10.76 12.80
C SER G 116 -30.68 -9.57 13.60
N ARG G 117 -30.74 -9.64 14.93
CA ARG G 117 -30.16 -8.55 15.71
C ARG G 117 -28.70 -8.35 15.33
N ASP G 118 -27.94 -9.43 15.32
CA ASP G 118 -26.51 -9.35 15.01
C ASP G 118 -26.27 -8.71 13.64
N LEU G 119 -27.06 -9.09 12.63
CA LEU G 119 -26.97 -8.44 11.32
C LEU G 119 -27.19 -6.93 11.45
N LEU G 120 -28.30 -6.53 12.06
CA LEU G 120 -28.62 -5.10 12.16
C LEU G 120 -27.59 -4.32 12.95
N LYS G 121 -27.04 -4.95 13.97
CA LYS G 121 -25.98 -4.29 14.72
C LYS G 121 -24.73 -4.07 13.87
N ASP G 122 -24.40 -4.99 12.95
CA ASP G 122 -23.25 -4.78 12.07
C ASP G 122 -23.50 -3.65 11.08
N ILE G 123 -24.72 -3.58 10.56
CA ILE G 123 -25.06 -2.46 9.70
C ILE G 123 -25.01 -1.15 10.49
N LEU G 124 -25.50 -1.16 11.73
CA LEU G 124 -25.53 0.06 12.55
C LEU G 124 -24.13 0.60 12.79
N GLU G 125 -23.17 -0.31 13.02
CA GLU G 125 -21.75 0.05 13.18
C GLU G 125 -21.24 0.78 11.96
N SER G 126 -21.55 0.23 10.79
CA SER G 126 -21.13 0.86 9.56
C SER G 126 -21.80 2.21 9.39
N GLU G 127 -23.07 2.33 9.80
CA GLU G 127 -23.76 3.61 9.71
C GLU G 127 -23.15 4.63 10.70
N GLU G 128 -22.79 4.19 11.90
CA GLU G 128 -22.15 5.14 12.82
C GLU G 128 -20.78 5.58 12.32
N GLU G 129 -20.00 4.68 11.71
CA GLU G 129 -18.76 5.12 11.04
C GLU G 129 -19.04 6.13 9.93
N HIS G 130 -20.09 5.90 9.14
CA HIS G 130 -20.39 6.87 8.11
C HIS G 130 -20.85 8.20 8.71
N ILE G 131 -21.57 8.18 9.86
CA ILE G 131 -21.91 9.45 10.49
C ILE G 131 -20.64 10.18 10.91
N ASP G 132 -19.72 9.46 11.56
CA ASP G 132 -18.44 10.04 11.95
C ASP G 132 -17.70 10.65 10.75
N TYR G 133 -17.67 9.94 9.63
CA TYR G 133 -17.05 10.52 8.44
C TYR G 133 -17.71 11.84 8.06
N LEU G 134 -19.04 11.86 7.97
CA LEU G 134 -19.78 13.03 7.51
C LEU G 134 -19.63 14.22 8.47
N GLU G 135 -19.73 13.99 9.78
CA GLU G 135 -19.57 15.08 10.72
C GLU G 135 -18.14 15.58 10.68
N THR G 136 -17.19 14.68 10.47
CA THR G 136 -15.78 15.07 10.45
C THR G 136 -15.51 15.95 9.24
N GLN G 137 -16.12 15.63 8.09
CA GLN G 137 -15.94 16.44 6.90
C GLN G 137 -16.50 17.85 7.12
N LEU G 138 -17.73 17.95 7.65
CA LEU G 138 -18.30 19.26 7.90
C LEU G 138 -17.42 20.05 8.84
N GLY G 139 -16.89 19.39 9.86
CA GLY G 139 -15.96 20.06 10.75
C GLY G 139 -14.69 20.52 10.06
N LEU G 140 -14.24 19.81 9.02
CA LEU G 140 -13.01 20.20 8.34
C LEU G 140 -13.24 21.41 7.47
N ILE G 141 -14.41 21.48 6.86
CA ILE G 141 -14.74 22.64 6.03
C ILE G 141 -14.65 23.94 6.84
N GLN G 142 -15.01 23.89 8.14
CA GLN G 142 -14.88 25.07 9.00
C GLN G 142 -13.42 25.32 9.39
N LYS G 143 -12.70 24.25 9.77
CA LYS G 143 -11.32 24.39 10.23
C LYS G 143 -10.41 24.90 9.11
N VAL G 144 -10.50 24.33 7.92
CA VAL G 144 -9.57 24.69 6.84
C VAL G 144 -10.22 25.59 5.81
N GLY G 145 -11.50 25.82 5.89
CA GLY G 145 -12.15 26.71 4.93
C GLY G 145 -12.54 25.91 3.71
N LEU G 146 -13.58 26.36 3.01
CA LEU G 146 -14.21 25.54 1.99
C LEU G 146 -13.29 25.37 0.78
N GLU G 147 -12.68 26.46 0.33
CA GLU G 147 -11.77 26.42 -0.82
C GLU G 147 -10.67 25.36 -0.62
N ASN G 148 -10.00 25.38 0.54
CA ASN G 148 -9.00 24.37 0.89
C ASN G 148 -9.60 22.97 0.97
N TYR G 149 -10.72 22.82 1.68
CA TYR G 149 -11.32 21.50 1.75
C TYR G 149 -11.59 20.96 0.35
N LEU G 150 -12.20 21.78 -0.50
CA LEU G 150 -12.46 21.32 -1.86
C LEU G 150 -11.14 21.06 -2.60
N GLN G 151 -10.17 21.96 -2.44
CA GLN G 151 -8.88 21.80 -3.10
C GLN G 151 -8.29 20.44 -2.78
N SER G 152 -8.34 20.06 -1.52
CA SER G 152 -7.82 18.80 -1.03
C SER G 152 -8.62 17.60 -1.52
N HIS G 153 -9.72 17.81 -2.23
CA HIS G 153 -10.48 16.67 -2.75
C HIS G 153 -10.61 16.69 -4.27
N MET G 154 -9.80 17.51 -4.97
CA MET G 154 -9.79 17.49 -6.43
C MET G 154 -9.22 16.18 -6.93
N HIS G 155 -8.01 15.85 -6.50
CA HIS G 155 -7.23 14.75 -7.05
C HIS G 155 -7.31 13.56 -6.10
N GLU G 156 -7.35 12.36 -6.70
CA GLU G 156 -7.38 11.11 -5.94
C GLU G 156 -6.07 10.79 -5.23
N MET H 1 -22.74 -56.52 0.76
CA MET H 1 -22.29 -57.93 1.02
C MET H 1 -22.73 -58.36 2.42
N LYS H 2 -23.50 -59.45 2.52
CA LYS H 2 -24.05 -59.89 3.80
C LYS H 2 -22.95 -60.55 4.60
N GLY H 3 -22.82 -60.14 5.86
CA GLY H 3 -21.83 -60.69 6.75
C GLY H 3 -22.43 -61.39 7.97
N ASP H 4 -21.57 -62.12 8.63
CA ASP H 4 -21.95 -62.91 9.80
C ASP H 4 -22.57 -62.02 10.87
N LYS H 5 -23.65 -62.51 11.50
CA LYS H 5 -24.40 -61.70 12.47
C LYS H 5 -23.56 -61.46 13.71
N LYS H 6 -23.01 -62.52 14.32
CA LYS H 6 -22.18 -62.29 15.50
C LYS H 6 -20.92 -61.45 15.18
N VAL H 7 -20.54 -61.32 13.90
CA VAL H 7 -19.43 -60.44 13.56
C VAL H 7 -19.85 -58.98 13.74
N ILE H 8 -20.96 -58.61 13.07
CA ILE H 8 -21.52 -57.27 13.16
C ILE H 8 -21.84 -56.91 14.60
N GLN H 9 -22.35 -57.86 15.36
CA GLN H 9 -22.55 -57.61 16.79
C GLN H 9 -21.21 -57.29 17.45
N HIS H 10 -20.18 -58.03 17.07
CA HIS H 10 -18.86 -57.79 17.65
C HIS H 10 -18.35 -56.40 17.28
N LEU H 11 -18.61 -55.97 16.04
CA LEU H 11 -18.12 -54.68 15.59
C LEU H 11 -18.83 -53.54 16.33
N ASN H 12 -20.18 -53.54 16.32
CA ASN H 12 -20.96 -52.61 17.17
C ASN H 12 -20.48 -52.59 18.63
N LYS H 13 -20.04 -53.73 19.19
CA LYS H 13 -19.48 -53.67 20.54
C LYS H 13 -18.15 -52.91 20.59
N ILE H 14 -17.21 -53.22 19.67
CA ILE H 14 -15.95 -52.48 19.62
C ILE H 14 -16.23 -50.99 19.41
N LEU H 15 -17.12 -50.68 18.47
CA LEU H 15 -17.54 -49.31 18.21
C LEU H 15 -18.05 -48.64 19.48
N GLY H 16 -18.87 -49.34 20.27
CA GLY H 16 -19.34 -48.77 21.53
C GLY H 16 -18.18 -48.41 22.44
N ASN H 17 -17.17 -49.27 22.50
CA ASN H 17 -15.99 -48.96 23.32
C ASN H 17 -15.28 -47.71 22.82
N GLU H 18 -15.21 -47.53 21.49
CA GLU H 18 -14.54 -46.36 20.93
C GLU H 18 -15.28 -45.08 21.34
N LEU H 19 -16.61 -45.08 21.20
CA LEU H 19 -17.41 -43.90 21.55
C LEU H 19 -17.21 -43.51 23.01
N ILE H 20 -17.15 -44.48 23.91
CA ILE H 20 -16.78 -44.16 25.29
C ILE H 20 -15.44 -43.45 25.31
N ALA H 21 -14.47 -43.98 24.55
CA ALA H 21 -13.10 -43.48 24.59
C ALA H 21 -12.98 -42.09 23.99
N ILE H 22 -13.65 -41.84 22.87
CA ILE H 22 -13.73 -40.51 22.29
C ILE H 22 -14.15 -39.49 23.36
N ASN H 23 -15.32 -39.69 23.98
CA ASN H 23 -15.81 -38.71 24.95
C ASN H 23 -14.87 -38.61 26.13
N GLN H 24 -14.49 -39.75 26.69
CA GLN H 24 -13.67 -39.72 27.90
C GLN H 24 -12.32 -39.04 27.66
N TYR H 25 -11.71 -39.29 26.50
CA TYR H 25 -10.37 -38.75 26.26
C TYR H 25 -10.46 -37.29 25.89
N PHE H 26 -11.47 -36.94 25.11
CA PHE H 26 -11.68 -35.54 24.78
C PHE H 26 -11.89 -34.71 26.05
N LEU H 27 -12.74 -35.19 26.97
CA LEU H 27 -13.01 -34.41 28.17
C LEU H 27 -11.78 -34.31 29.04
N HIS H 28 -11.02 -35.41 29.18
CA HIS H 28 -9.77 -35.33 29.93
C HIS H 28 -8.80 -34.33 29.30
N SER H 29 -8.80 -34.26 27.96
CA SER H 29 -7.90 -33.33 27.26
C SER H 29 -8.26 -31.88 27.61
N ARG H 30 -9.53 -31.53 27.43
CA ARG H 30 -9.98 -30.19 27.77
C ARG H 30 -9.82 -29.92 29.26
N MET H 31 -9.85 -30.97 30.07
CA MET H 31 -9.62 -30.77 31.51
C MET H 31 -8.17 -30.41 31.76
N TRP H 32 -7.25 -31.18 31.17
CA TRP H 32 -5.85 -30.86 31.33
C TRP H 32 -5.51 -29.48 30.74
N ASN H 33 -6.12 -29.13 29.62
CA ASN H 33 -5.92 -27.80 29.06
C ASN H 33 -6.42 -26.73 30.01
N ASP H 34 -7.64 -26.94 30.53
CA ASP H 34 -8.24 -26.01 31.47
C ASP H 34 -7.36 -25.76 32.68
N TRP H 35 -6.66 -26.80 33.16
CA TRP H 35 -5.78 -26.66 34.31
C TRP H 35 -4.40 -26.12 33.95
N GLY H 36 -4.12 -25.77 32.69
CA GLY H 36 -2.80 -25.25 32.33
C GLY H 36 -1.77 -26.30 32.02
N LEU H 37 -2.17 -27.54 31.78
CA LEU H 37 -1.23 -28.62 31.49
C LEU H 37 -1.32 -28.95 30.01
N LYS H 38 -0.79 -28.03 29.19
CA LYS H 38 -1.12 -28.01 27.77
C LYS H 38 -0.52 -29.23 27.06
N ARG H 39 0.60 -29.73 27.53
CA ARG H 39 1.23 -30.86 26.87
C ARG H 39 0.39 -32.11 27.01
N LEU H 40 -0.13 -32.38 28.22
CA LEU H 40 -1.09 -33.47 28.41
C LEU H 40 -2.34 -33.24 27.60
N GLY H 41 -2.85 -32.01 27.58
CA GLY H 41 -4.05 -31.75 26.82
C GLY H 41 -3.87 -32.04 25.36
N ALA H 42 -2.72 -31.64 24.83
CA ALA H 42 -2.44 -31.91 23.42
C ALA H 42 -2.36 -33.42 23.16
N HIS H 43 -1.58 -34.14 23.98
CA HIS H 43 -1.45 -35.58 23.74
C HIS H 43 -2.79 -36.28 23.89
N GLU H 44 -3.55 -35.93 24.93
CA GLU H 44 -4.84 -36.60 25.16
C GLU H 44 -5.84 -36.31 24.03
N TYR H 45 -5.90 -35.05 23.58
CA TYR H 45 -6.63 -34.71 22.35
C TYR H 45 -6.29 -35.66 21.20
N HIS H 46 -4.99 -35.89 20.95
CA HIS H 46 -4.68 -36.70 19.78
C HIS H 46 -5.07 -38.16 20.00
N GLU H 47 -5.07 -38.65 21.25
CA GLU H 47 -5.69 -39.96 21.53
C GLU H 47 -7.17 -39.99 21.18
N SER H 48 -7.92 -38.92 21.52
CA SER H 48 -9.33 -38.88 21.21
C SER H 48 -9.57 -38.89 19.71
N ILE H 49 -8.75 -38.16 18.95
CA ILE H 49 -8.84 -38.17 17.48
C ILE H 49 -8.56 -39.57 16.92
N ASP H 50 -7.54 -40.27 17.46
CA ASP H 50 -7.27 -41.66 17.11
C ASP H 50 -8.50 -42.53 17.28
N GLU H 51 -9.17 -42.44 18.44
CA GLU H 51 -10.37 -43.25 18.64
C GLU H 51 -11.45 -42.86 17.65
N MET H 52 -11.53 -41.58 17.28
CA MET H 52 -12.55 -41.18 16.32
C MET H 52 -12.33 -41.85 14.97
N LYS H 53 -11.07 -41.90 14.51
CA LYS H 53 -10.82 -42.48 13.19
C LYS H 53 -11.12 -43.98 13.18
N HIS H 54 -10.73 -44.70 14.24
CA HIS H 54 -11.14 -46.09 14.43
C HIS H 54 -12.66 -46.25 14.37
N ALA H 55 -13.41 -45.33 14.99
CA ALA H 55 -14.85 -45.48 14.98
C ALA H 55 -15.40 -45.28 13.58
N ASP H 56 -14.85 -44.32 12.84
CA ASP H 56 -15.26 -44.13 11.45
C ASP H 56 -15.11 -45.41 10.63
N LYS H 57 -14.03 -46.16 10.86
CA LYS H 57 -13.76 -47.32 10.00
C LYS H 57 -14.64 -48.51 10.42
N LEU H 58 -14.87 -48.72 11.72
CA LEU H 58 -15.92 -49.66 12.13
C LEU H 58 -17.27 -49.31 11.49
N ILE H 59 -17.73 -48.09 11.67
CA ILE H 59 -19.00 -47.68 11.08
C ILE H 59 -19.05 -47.99 9.60
N GLU H 60 -17.96 -47.72 8.89
CA GLU H 60 -17.92 -47.99 7.45
C GLU H 60 -18.01 -49.50 7.17
N ARG H 61 -17.33 -50.29 8.00
CA ARG H 61 -17.32 -51.75 7.83
C ARG H 61 -18.68 -52.36 8.18
N ILE H 62 -19.36 -51.82 9.20
CA ILE H 62 -20.67 -52.35 9.59
C ILE H 62 -21.71 -52.11 8.50
N LEU H 63 -21.70 -50.93 7.91
CA LEU H 63 -22.64 -50.62 6.84
C LEU H 63 -22.40 -51.45 5.59
N PHE H 64 -21.14 -51.74 5.25
CA PHE H 64 -20.87 -52.53 4.05
C PHE H 64 -21.41 -53.96 4.20
N LEU H 65 -21.22 -54.55 5.38
CA LEU H 65 -21.73 -55.83 5.84
C LEU H 65 -23.24 -55.83 6.11
N GLU H 66 -23.87 -54.74 5.67
CA GLU H 66 -25.30 -54.53 5.73
C GLU H 66 -25.85 -54.53 7.16
N GLY H 67 -24.99 -54.31 8.14
CA GLY H 67 -25.42 -54.08 9.49
C GLY H 67 -25.91 -52.64 9.69
N ALA H 68 -26.17 -52.32 10.94
CA ALA H 68 -26.73 -51.03 11.32
C ALA H 68 -25.90 -50.54 12.48
N PRO H 69 -25.03 -49.54 12.28
CA PRO H 69 -24.11 -49.17 13.35
C PRO H 69 -24.86 -48.53 14.50
N ASN H 70 -24.35 -48.77 15.71
CA ASN H 70 -24.98 -48.28 16.94
C ASN H 70 -24.13 -47.19 17.63
N LEU H 71 -24.50 -45.95 17.35
CA LEU H 71 -23.93 -44.78 18.01
C LEU H 71 -24.78 -44.29 19.19
N GLN H 72 -25.86 -45.01 19.51
CA GLN H 72 -26.86 -44.52 20.47
C GLN H 72 -26.55 -44.97 21.89
N ASP H 73 -26.05 -46.20 22.05
CA ASP H 73 -25.74 -46.75 23.36
C ASP H 73 -24.32 -46.35 23.75
N LEU H 74 -24.20 -45.65 24.88
CA LEU H 74 -22.95 -45.08 25.34
C LEU H 74 -22.67 -45.52 26.77
N GLY H 75 -21.65 -46.35 26.96
CA GLY H 75 -21.32 -46.90 28.26
C GLY H 75 -20.74 -45.88 29.23
N LYS H 76 -20.21 -46.41 30.32
CA LYS H 76 -19.80 -45.60 31.46
C LYS H 76 -18.47 -44.91 31.18
N LEU H 77 -18.50 -43.56 31.14
CA LEU H 77 -17.28 -42.80 31.05
C LEU H 77 -16.59 -42.82 32.39
N LEU H 78 -15.28 -43.05 32.38
CA LEU H 78 -14.45 -43.04 33.58
C LEU H 78 -13.60 -41.75 33.62
N ILE H 79 -14.17 -40.71 34.22
CA ILE H 79 -13.51 -39.41 34.37
C ILE H 79 -12.74 -39.40 35.70
N GLY H 80 -11.42 -39.23 35.64
CA GLY H 80 -10.65 -38.91 36.83
C GLY H 80 -10.86 -37.47 37.31
N GLU H 81 -10.27 -37.15 38.47
CA GLU H 81 -10.32 -35.81 39.03
C GLU H 81 -8.94 -35.25 39.32
N ASN H 82 -7.89 -36.00 39.08
CA ASN H 82 -6.52 -35.48 39.06
C ASN H 82 -5.72 -36.26 38.02
N THR H 83 -4.47 -35.84 37.79
CA THR H 83 -3.70 -36.37 36.65
C THR H 83 -3.48 -37.88 36.80
N GLN H 84 -3.01 -38.29 37.97
CA GLN H 84 -2.82 -39.71 38.24
C GLN H 84 -4.07 -40.52 37.98
N GLU H 85 -5.25 -40.04 38.40
CA GLU H 85 -6.46 -40.85 38.25
C GLU H 85 -7.00 -40.82 36.83
N MET H 86 -6.90 -39.70 36.14
CA MET H 86 -7.38 -39.67 34.76
C MET H 86 -6.57 -40.65 33.90
N LEU H 87 -5.26 -40.74 34.14
CA LEU H 87 -4.42 -41.69 33.41
C LEU H 87 -4.83 -43.13 33.75
N GLN H 88 -4.99 -43.44 35.05
CA GLN H 88 -5.42 -44.77 35.47
C GLN H 88 -6.79 -45.10 34.90
N CYS H 89 -7.67 -44.11 34.79
CA CYS H 89 -8.97 -44.36 34.15
C CYS H 89 -8.80 -44.74 32.68
N ASP H 90 -8.06 -43.93 31.91
CA ASP H 90 -7.82 -44.25 30.51
C ASP H 90 -7.32 -45.69 30.34
N LEU H 91 -6.39 -46.09 31.21
CA LEU H 91 -5.78 -47.42 31.11
C LEU H 91 -6.82 -48.51 31.36
N ASN H 92 -7.64 -48.37 32.41
CA ASN H 92 -8.65 -49.39 32.69
C ASN H 92 -9.58 -49.53 31.50
N LEU H 93 -9.92 -48.43 30.85
CA LEU H 93 -10.80 -48.51 29.69
C LEU H 93 -10.11 -49.25 28.55
N GLU H 94 -8.81 -49.00 28.38
CA GLU H 94 -8.07 -49.62 27.28
C GLU H 94 -7.95 -51.13 27.50
N LEU H 95 -7.75 -51.56 28.75
CA LEU H 95 -7.64 -52.99 29.00
C LEU H 95 -8.95 -53.71 28.70
N LYS H 96 -10.08 -53.06 28.96
CA LYS H 96 -11.36 -53.63 28.57
C LYS H 96 -11.48 -53.64 27.06
N ALA H 97 -11.02 -52.56 26.41
CA ALA H 97 -11.10 -52.47 24.96
C ALA H 97 -10.31 -53.58 24.26
N THR H 98 -9.18 -54.00 24.85
CA THR H 98 -8.37 -55.02 24.20
C THR H 98 -8.83 -56.44 24.50
N LYS H 99 -9.43 -56.72 25.68
CA LYS H 99 -10.08 -58.01 25.87
C LYS H 99 -11.18 -58.21 24.82
N ASP H 100 -11.97 -57.17 24.55
CA ASP H 100 -13.06 -57.30 23.57
C ASP H 100 -12.52 -57.42 22.15
N LEU H 101 -11.42 -56.75 21.82
CA LEU H 101 -10.90 -56.86 20.45
C LEU H 101 -10.36 -58.25 20.20
N ARG H 102 -9.69 -58.84 21.19
CA ARG H 102 -9.20 -60.21 21.05
C ARG H 102 -10.36 -61.18 20.77
N GLU H 103 -11.42 -61.13 21.61
CA GLU H 103 -12.55 -62.05 21.42
C GLU H 103 -13.21 -61.85 20.06
N ALA H 104 -13.29 -60.61 19.59
CA ALA H 104 -13.89 -60.36 18.30
C ALA H 104 -12.99 -60.81 17.16
N ILE H 105 -11.67 -60.89 17.40
CA ILE H 105 -10.77 -61.39 16.37
C ILE H 105 -10.92 -62.90 16.27
N VAL H 106 -10.85 -63.58 17.40
CA VAL H 106 -11.19 -65.01 17.50
C VAL H 106 -12.43 -65.32 16.66
N HIS H 107 -13.49 -64.52 16.82
CA HIS H 107 -14.71 -64.89 16.11
C HIS H 107 -14.59 -64.68 14.60
N CYS H 108 -13.93 -63.60 14.15
CA CYS H 108 -13.83 -63.35 12.72
C CYS H 108 -13.00 -64.42 12.05
N GLU H 109 -12.02 -64.97 12.79
CA GLU H 109 -11.18 -66.04 12.29
C GLU H 109 -12.00 -67.31 12.06
N GLN H 110 -12.79 -67.72 13.07
CA GLN H 110 -13.62 -68.92 12.96
C GLN H 110 -14.53 -68.88 11.74
N VAL H 111 -15.14 -67.73 11.48
CA VAL H 111 -16.11 -67.56 10.40
C VAL H 111 -15.47 -67.03 9.13
N HIS H 112 -14.14 -66.95 9.09
CA HIS H 112 -13.40 -66.59 7.87
C HIS H 112 -13.69 -65.16 7.41
N ASP H 113 -14.00 -64.24 8.34
CA ASP H 113 -14.05 -62.82 7.96
C ASP H 113 -12.67 -62.22 8.22
N TYR H 114 -11.77 -62.44 7.27
CA TYR H 114 -10.37 -62.12 7.48
C TYR H 114 -10.09 -60.64 7.32
N VAL H 115 -10.86 -59.94 6.49
CA VAL H 115 -10.74 -58.49 6.39
C VAL H 115 -11.18 -57.80 7.68
N SER H 116 -12.31 -58.24 8.28
CA SER H 116 -12.70 -57.63 9.55
C SER H 116 -11.68 -57.96 10.62
N ARG H 117 -11.09 -59.15 10.53
CA ARG H 117 -10.01 -59.48 11.46
C ARG H 117 -8.88 -58.47 11.37
N ASP H 118 -8.52 -58.09 10.14
CA ASP H 118 -7.31 -57.29 9.90
C ASP H 118 -7.54 -55.88 10.39
N LEU H 119 -8.71 -55.31 10.06
CA LEU H 119 -9.15 -54.05 10.67
C LEU H 119 -8.96 -54.07 12.18
N LEU H 120 -9.51 -55.10 12.84
CA LEU H 120 -9.44 -55.11 14.30
C LEU H 120 -8.00 -55.26 14.80
N LYS H 121 -7.18 -56.03 14.08
CA LYS H 121 -5.78 -56.15 14.45
C LYS H 121 -5.11 -54.78 14.41
N ASP H 122 -5.40 -53.99 13.37
CA ASP H 122 -4.87 -52.64 13.30
C ASP H 122 -5.31 -51.80 14.49
N ILE H 123 -6.62 -51.78 14.80
CA ILE H 123 -7.09 -51.02 15.96
C ILE H 123 -6.39 -51.47 17.22
N LEU H 124 -6.26 -52.79 17.36
CA LEU H 124 -5.66 -53.38 18.55
C LEU H 124 -4.22 -52.95 18.73
N GLU H 125 -3.42 -52.90 17.65
CA GLU H 125 -2.06 -52.42 17.82
C GLU H 125 -2.07 -50.95 18.25
N SER H 126 -2.98 -50.16 17.69
CA SER H 126 -3.17 -48.80 18.18
C SER H 126 -3.46 -48.78 19.69
N GLU H 127 -4.40 -49.62 20.16
CA GLU H 127 -4.73 -49.57 21.59
C GLU H 127 -3.54 -50.00 22.45
N GLU H 128 -2.76 -50.98 22.00
CA GLU H 128 -1.59 -51.39 22.78
C GLU H 128 -0.56 -50.25 22.85
N GLU H 129 -0.44 -49.48 21.78
CA GLU H 129 0.39 -48.28 21.87
C GLU H 129 -0.14 -47.34 22.95
N HIS H 130 -1.44 -47.09 22.95
CA HIS H 130 -2.01 -46.22 23.96
C HIS H 130 -1.76 -46.77 25.38
N ILE H 131 -1.83 -48.10 25.54
CA ILE H 131 -1.57 -48.74 26.84
C ILE H 131 -0.13 -48.50 27.26
N ASP H 132 0.81 -48.59 26.32
CA ASP H 132 2.23 -48.36 26.65
C ASP H 132 2.44 -46.90 27.08
N TYR H 133 1.84 -45.96 26.35
CA TYR H 133 1.92 -44.57 26.76
C TYR H 133 1.35 -44.40 28.19
N LEU H 134 0.13 -44.90 28.43
CA LEU H 134 -0.52 -44.74 29.74
C LEU H 134 0.33 -45.32 30.85
N GLU H 135 0.88 -46.52 30.63
CA GLU H 135 1.71 -47.16 31.64
C GLU H 135 3.00 -46.41 31.88
N THR H 136 3.64 -45.94 30.81
CA THR H 136 4.88 -45.19 30.95
C THR H 136 4.67 -43.89 31.74
N GLN H 137 3.62 -43.13 31.42
CA GLN H 137 3.35 -41.92 32.21
C GLN H 137 3.20 -42.24 33.71
N LEU H 138 2.51 -43.33 34.04
CA LEU H 138 2.37 -43.65 35.46
C LEU H 138 3.70 -44.05 36.08
N GLY H 139 4.55 -44.78 35.34
CA GLY H 139 5.89 -44.99 35.83
C GLY H 139 6.69 -43.70 35.97
N LEU H 140 6.50 -42.75 35.04
CA LEU H 140 7.30 -41.51 35.10
C LEU H 140 6.90 -40.65 36.29
N ILE H 141 5.60 -40.59 36.61
CA ILE H 141 5.19 -39.95 37.86
C ILE H 141 5.99 -40.52 39.03
N GLN H 142 6.11 -41.87 39.11
CA GLN H 142 6.87 -42.47 40.21
C GLN H 142 8.35 -42.13 40.15
N LYS H 143 8.91 -41.99 38.96
CA LYS H 143 10.36 -41.78 38.84
C LYS H 143 10.75 -40.35 39.18
N VAL H 144 10.08 -39.36 38.60
CA VAL H 144 10.51 -37.97 38.78
C VAL H 144 9.67 -37.23 39.78
N GLY H 145 8.62 -37.86 40.30
CA GLY H 145 7.72 -37.18 41.22
C GLY H 145 6.63 -36.41 40.48
N LEU H 146 5.45 -36.37 41.11
CA LEU H 146 4.30 -35.79 40.46
C LEU H 146 4.55 -34.34 40.08
N GLU H 147 5.22 -33.58 40.95
CA GLU H 147 5.38 -32.15 40.70
C GLU H 147 6.26 -31.89 39.47
N ASN H 148 7.38 -32.63 39.34
CA ASN H 148 8.20 -32.53 38.13
C ASN H 148 7.41 -33.03 36.93
N TYR H 149 6.73 -34.17 37.07
CA TYR H 149 5.94 -34.67 35.95
C TYR H 149 4.95 -33.62 35.46
N LEU H 150 4.27 -32.93 36.38
CA LEU H 150 3.29 -31.95 35.92
C LEU H 150 4.00 -30.74 35.32
N GLN H 151 5.09 -30.28 35.93
CA GLN H 151 5.94 -29.24 35.36
C GLN H 151 6.30 -29.54 33.91
N SER H 152 6.66 -30.78 33.61
CA SER H 152 7.07 -31.11 32.27
C SER H 152 5.90 -31.20 31.31
N HIS H 153 4.65 -31.18 31.80
CA HIS H 153 3.55 -31.15 30.84
C HIS H 153 2.80 -29.80 30.87
N MET H 154 3.46 -28.75 31.36
CA MET H 154 2.83 -27.42 31.40
C MET H 154 2.82 -26.77 30.02
N HIS H 155 3.98 -26.70 29.38
CA HIS H 155 4.20 -26.02 28.11
C HIS H 155 4.16 -26.98 26.93
N GLU H 156 3.63 -26.50 25.80
CA GLU H 156 3.58 -27.32 24.59
C GLU H 156 4.91 -27.26 23.84
N MET I 1 -35.19 -13.75 -31.22
CA MET I 1 -35.76 -12.40 -31.40
C MET I 1 -36.14 -12.14 -32.85
N LYS I 2 -37.43 -12.13 -33.17
CA LYS I 2 -37.87 -11.95 -34.55
C LYS I 2 -37.29 -10.66 -35.11
N GLY I 3 -36.57 -10.79 -36.23
CA GLY I 3 -35.93 -9.66 -36.87
C GLY I 3 -36.59 -9.31 -38.20
N ASP I 4 -36.24 -8.12 -38.68
CA ASP I 4 -36.74 -7.65 -39.97
C ASP I 4 -36.32 -8.60 -41.10
N LYS I 5 -37.30 -9.01 -41.91
CA LYS I 5 -37.05 -9.99 -42.95
C LYS I 5 -36.06 -9.46 -44.00
N LYS I 6 -36.28 -8.25 -44.52
CA LYS I 6 -35.35 -7.75 -45.52
C LYS I 6 -33.97 -7.46 -44.95
N VAL I 7 -33.80 -7.49 -43.63
CA VAL I 7 -32.45 -7.47 -43.06
C VAL I 7 -31.85 -8.85 -43.14
N ILE I 8 -32.60 -9.87 -42.71
CA ILE I 8 -32.16 -11.25 -42.85
C ILE I 8 -31.72 -11.52 -44.28
N GLN I 9 -32.60 -11.26 -45.25
CA GLN I 9 -32.21 -11.39 -46.65
C GLN I 9 -30.89 -10.67 -46.91
N HIS I 10 -30.77 -9.43 -46.49
CA HIS I 10 -29.52 -8.70 -46.72
C HIS I 10 -28.33 -9.45 -46.13
N LEU I 11 -28.47 -9.89 -44.89
CA LEU I 11 -27.38 -10.59 -44.22
C LEU I 11 -26.89 -11.74 -45.10
N ASN I 12 -27.83 -12.53 -45.60
CA ASN I 12 -27.45 -13.71 -46.37
C ASN I 12 -26.70 -13.31 -47.65
N LYS I 13 -27.19 -12.29 -48.35
CA LYS I 13 -26.43 -11.77 -49.49
C LYS I 13 -24.98 -11.48 -49.10
N ILE I 14 -24.77 -10.84 -47.94
CA ILE I 14 -23.41 -10.55 -47.49
C ILE I 14 -22.68 -11.85 -47.15
N LEU I 15 -23.35 -12.77 -46.44
CA LEU I 15 -22.77 -14.06 -46.13
C LEU I 15 -22.34 -14.79 -47.40
N GLY I 16 -23.17 -14.73 -48.44
CA GLY I 16 -22.83 -15.32 -49.71
C GLY I 16 -21.58 -14.72 -50.34
N ASN I 17 -21.40 -13.41 -50.24
CA ASN I 17 -20.18 -12.80 -50.78
C ASN I 17 -18.95 -13.16 -49.97
N GLU I 18 -19.16 -13.61 -48.73
CA GLU I 18 -18.10 -14.08 -47.85
C GLU I 18 -17.82 -15.56 -48.04
N LEU I 19 -18.81 -16.38 -48.42
CA LEU I 19 -18.53 -17.75 -48.84
C LEU I 19 -17.70 -17.79 -50.11
N ILE I 20 -17.98 -16.89 -51.05
CA ILE I 20 -17.19 -16.74 -52.27
C ILE I 20 -15.77 -16.30 -51.93
N ALA I 21 -15.66 -15.20 -51.20
CA ALA I 21 -14.36 -14.61 -50.90
C ALA I 21 -13.45 -15.61 -50.22
N ILE I 22 -14.02 -16.50 -49.42
CA ILE I 22 -13.26 -17.52 -48.71
C ILE I 22 -12.57 -18.42 -49.73
N ASN I 23 -13.36 -19.24 -50.45
CA ASN I 23 -12.79 -20.23 -51.36
C ASN I 23 -11.84 -19.59 -52.37
N GLN I 24 -12.22 -18.47 -52.96
CA GLN I 24 -11.31 -17.77 -53.87
C GLN I 24 -9.97 -17.49 -53.20
N TYR I 25 -10.00 -16.79 -52.06
CA TYR I 25 -8.77 -16.37 -51.39
C TYR I 25 -7.95 -17.57 -50.92
N PHE I 26 -8.61 -18.65 -50.53
CA PHE I 26 -7.89 -19.85 -50.17
C PHE I 26 -7.19 -20.42 -51.40
N LEU I 27 -7.92 -20.63 -52.48
CA LEU I 27 -7.29 -21.18 -53.67
C LEU I 27 -6.13 -20.32 -54.13
N HIS I 28 -6.29 -19.00 -54.15
CA HIS I 28 -5.14 -18.14 -54.44
C HIS I 28 -4.00 -18.37 -53.45
N SER I 29 -4.32 -18.68 -52.19
CA SER I 29 -3.26 -18.96 -51.21
C SER I 29 -2.49 -20.20 -51.63
N ARG I 30 -3.21 -21.27 -51.89
CA ARG I 30 -2.57 -22.56 -52.13
C ARG I 30 -1.95 -22.62 -53.53
N MET I 31 -2.50 -21.89 -54.49
CA MET I 31 -1.79 -21.69 -55.74
C MET I 31 -0.49 -20.96 -55.50
N TRP I 32 -0.55 -19.85 -54.79
CA TRP I 32 0.66 -19.07 -54.61
C TRP I 32 1.75 -19.91 -53.93
N ASN I 33 1.36 -20.60 -52.85
CA ASN I 33 2.30 -21.50 -52.20
C ASN I 33 2.90 -22.46 -53.22
N ASP I 34 2.03 -23.10 -54.00
CA ASP I 34 2.44 -24.05 -55.02
C ASP I 34 3.51 -23.50 -55.95
N TRP I 35 3.49 -22.21 -56.25
CA TRP I 35 4.52 -21.63 -57.10
C TRP I 35 5.73 -21.16 -56.31
N GLY I 36 5.82 -21.52 -55.03
CA GLY I 36 6.92 -21.07 -54.20
C GLY I 36 6.93 -19.61 -53.84
N LEU I 37 5.76 -18.96 -53.81
CA LEU I 37 5.67 -17.60 -53.35
C LEU I 37 4.90 -17.61 -52.03
N LYS I 38 5.54 -18.18 -51.01
CA LYS I 38 4.86 -18.50 -49.77
C LYS I 38 4.51 -17.25 -48.97
N ARG I 39 5.11 -16.12 -49.30
CA ARG I 39 4.75 -14.89 -48.61
C ARG I 39 3.40 -14.36 -49.10
N LEU I 40 3.10 -14.52 -50.39
CA LEU I 40 1.76 -14.23 -50.87
C LEU I 40 0.81 -15.31 -50.41
N GLY I 41 1.27 -16.54 -50.36
CA GLY I 41 0.41 -17.61 -49.89
C GLY I 41 0.00 -17.42 -48.44
N ALA I 42 0.93 -16.96 -47.60
CA ALA I 42 0.63 -16.75 -46.18
C ALA I 42 -0.39 -15.63 -46.00
N HIS I 43 -0.07 -14.44 -46.52
CA HIS I 43 -0.98 -13.31 -46.41
C HIS I 43 -2.37 -13.69 -46.90
N GLU I 44 -2.49 -14.08 -48.16
CA GLU I 44 -3.77 -14.51 -48.70
C GLU I 44 -4.45 -15.53 -47.80
N TYR I 45 -3.67 -16.36 -47.10
CA TYR I 45 -4.29 -17.34 -46.20
C TYR I 45 -5.01 -16.65 -45.06
N HIS I 46 -4.44 -15.57 -44.54
CA HIS I 46 -5.10 -14.87 -43.44
C HIS I 46 -6.31 -14.09 -43.93
N GLU I 47 -6.18 -13.41 -45.07
CA GLU I 47 -7.34 -12.82 -45.72
C GLU I 47 -8.48 -13.83 -45.79
N SER I 48 -8.17 -15.04 -46.22
CA SER I 48 -9.20 -16.06 -46.26
C SER I 48 -9.79 -16.29 -44.88
N ILE I 49 -8.94 -16.29 -43.85
CA ILE I 49 -9.42 -16.63 -42.51
C ILE I 49 -10.34 -15.53 -41.97
N ASP I 50 -9.93 -14.27 -42.10
CA ASP I 50 -10.80 -13.12 -41.87
C ASP I 50 -12.22 -13.36 -42.34
N GLU I 51 -12.34 -13.67 -43.64
CA GLU I 51 -13.65 -13.84 -44.24
C GLU I 51 -14.35 -15.05 -43.66
N MET I 52 -13.60 -16.00 -43.11
CA MET I 52 -14.21 -17.09 -42.36
C MET I 52 -14.81 -16.58 -41.06
N LYS I 53 -14.13 -15.62 -40.42
CA LYS I 53 -14.62 -15.08 -39.16
C LYS I 53 -15.83 -14.18 -39.39
N HIS I 54 -15.69 -13.19 -40.27
CA HIS I 54 -16.83 -12.45 -40.81
C HIS I 54 -18.02 -13.35 -41.04
N ALA I 55 -17.86 -14.39 -41.87
CA ALA I 55 -18.95 -15.30 -42.15
C ALA I 55 -19.57 -15.86 -40.88
N ASP I 56 -18.75 -16.21 -39.90
CA ASP I 56 -19.26 -16.87 -38.70
C ASP I 56 -20.05 -15.87 -37.84
N LYS I 57 -19.61 -14.63 -37.80
CA LYS I 57 -20.42 -13.64 -37.11
C LYS I 57 -21.77 -13.48 -37.79
N LEU I 58 -21.78 -13.45 -39.13
CA LEU I 58 -23.03 -13.27 -39.86
C LEU I 58 -23.97 -14.44 -39.64
N ILE I 59 -23.45 -15.66 -39.60
CA ILE I 59 -24.31 -16.81 -39.39
C ILE I 59 -24.97 -16.76 -38.02
N GLU I 60 -24.22 -16.31 -37.00
CA GLU I 60 -24.72 -16.35 -35.63
C GLU I 60 -25.83 -15.32 -35.46
N ARG I 61 -25.65 -14.16 -36.07
CA ARG I 61 -26.66 -13.11 -36.05
C ARG I 61 -27.95 -13.60 -36.68
N ILE I 62 -27.86 -14.16 -37.89
CA ILE I 62 -29.04 -14.64 -38.61
C ILE I 62 -29.83 -15.59 -37.73
N LEU I 63 -29.17 -16.60 -37.17
CA LEU I 63 -29.89 -17.54 -36.33
C LEU I 63 -30.54 -16.86 -35.14
N PHE I 64 -29.97 -15.74 -34.70
CA PHE I 64 -30.52 -15.03 -33.55
C PHE I 64 -31.84 -14.40 -33.92
N LEU I 65 -31.89 -13.77 -35.10
CA LEU I 65 -33.09 -13.17 -35.65
C LEU I 65 -34.07 -14.21 -36.20
N GLU I 66 -33.97 -15.45 -35.75
CA GLU I 66 -34.85 -16.54 -36.13
C GLU I 66 -34.79 -16.86 -37.63
N GLY I 67 -33.89 -16.22 -38.38
CA GLY I 67 -33.71 -16.50 -39.79
C GLY I 67 -33.01 -17.84 -40.04
N ALA I 68 -32.64 -18.05 -41.31
CA ALA I 68 -32.14 -19.35 -41.77
C ALA I 68 -30.94 -19.13 -42.67
N PRO I 69 -29.73 -19.26 -42.16
CA PRO I 69 -28.57 -18.91 -42.97
C PRO I 69 -28.36 -19.94 -44.06
N ASN I 70 -28.08 -19.44 -45.26
CA ASN I 70 -27.94 -20.27 -46.44
C ASN I 70 -26.46 -20.36 -46.83
N LEU I 71 -25.86 -21.52 -46.61
CA LEU I 71 -24.51 -21.82 -47.08
C LEU I 71 -24.51 -22.82 -48.24
N GLN I 72 -25.51 -22.71 -49.12
CA GLN I 72 -25.64 -23.59 -50.28
C GLN I 72 -25.31 -22.90 -51.58
N ASP I 73 -25.52 -21.59 -51.67
CA ASP I 73 -25.39 -20.86 -52.93
C ASP I 73 -24.05 -20.15 -52.99
N LEU I 74 -23.33 -20.37 -54.08
CA LEU I 74 -21.97 -19.91 -54.24
C LEU I 74 -21.86 -19.29 -55.62
N GLY I 75 -21.36 -18.05 -55.67
CA GLY I 75 -21.18 -17.34 -56.91
C GLY I 75 -19.89 -17.70 -57.63
N LYS I 76 -19.62 -16.96 -58.72
CA LYS I 76 -18.46 -17.24 -59.53
C LYS I 76 -17.20 -16.85 -58.75
N LEU I 77 -16.33 -17.84 -58.51
CA LEU I 77 -15.02 -17.55 -57.97
C LEU I 77 -14.16 -16.88 -59.03
N LEU I 78 -13.74 -15.67 -58.76
CA LEU I 78 -12.85 -14.98 -59.69
C LEU I 78 -11.44 -15.49 -59.43
N ILE I 79 -11.03 -16.51 -60.19
CA ILE I 79 -9.73 -17.17 -60.03
C ILE I 79 -8.82 -16.72 -61.17
N GLY I 80 -7.74 -16.03 -60.82
CA GLY I 80 -6.78 -15.59 -61.80
C GLY I 80 -5.86 -16.71 -62.27
N GLU I 81 -4.95 -16.34 -63.18
CA GLU I 81 -4.01 -17.28 -63.79
C GLU I 81 -2.57 -16.88 -63.56
N ASN I 82 -2.28 -15.60 -63.36
CA ASN I 82 -0.99 -15.12 -62.84
C ASN I 82 -1.22 -14.28 -61.57
N THR I 83 -0.13 -13.87 -60.91
CA THR I 83 -0.26 -13.08 -59.68
C THR I 83 -1.13 -11.85 -59.93
N GLN I 84 -0.64 -10.97 -60.79
CA GLN I 84 -1.26 -9.69 -61.16
C GLN I 84 -2.74 -9.81 -61.39
N GLU I 85 -3.15 -10.88 -62.07
CA GLU I 85 -4.55 -11.12 -62.33
C GLU I 85 -5.28 -11.68 -61.11
N MET I 86 -4.58 -12.35 -60.20
CA MET I 86 -5.25 -12.94 -59.05
C MET I 86 -5.52 -11.88 -58.00
N LEU I 87 -4.63 -10.91 -57.89
CA LEU I 87 -4.87 -9.74 -57.06
C LEU I 87 -6.04 -8.93 -57.59
N GLN I 88 -6.20 -8.89 -58.91
CA GLN I 88 -7.26 -8.08 -59.49
C GLN I 88 -8.62 -8.76 -59.31
N CYS I 89 -8.68 -10.07 -59.45
CA CYS I 89 -9.90 -10.79 -59.10
C CYS I 89 -10.30 -10.50 -57.66
N ASP I 90 -9.38 -10.71 -56.73
CA ASP I 90 -9.71 -10.45 -55.33
C ASP I 90 -10.26 -9.04 -55.19
N LEU I 91 -9.66 -8.08 -55.90
CA LEU I 91 -10.07 -6.70 -55.78
C LEU I 91 -11.44 -6.45 -56.41
N ASN I 92 -11.83 -7.30 -57.37
CA ASN I 92 -13.14 -7.15 -57.98
C ASN I 92 -14.21 -7.68 -57.05
N LEU I 93 -13.94 -8.82 -56.41
CA LEU I 93 -14.90 -9.39 -55.48
C LEU I 93 -15.16 -8.44 -54.32
N GLU I 94 -14.13 -7.70 -53.90
CA GLU I 94 -14.28 -6.81 -52.75
C GLU I 94 -15.08 -5.58 -53.13
N LEU I 95 -14.70 -4.93 -54.23
CA LEU I 95 -15.45 -3.77 -54.70
C LEU I 95 -16.93 -4.09 -54.85
N LYS I 96 -17.27 -5.31 -55.27
CA LYS I 96 -18.67 -5.73 -55.26
C LYS I 96 -19.15 -6.05 -53.86
N ALA I 97 -18.25 -6.48 -52.97
CA ALA I 97 -18.64 -6.78 -51.59
C ALA I 97 -18.91 -5.50 -50.81
N THR I 98 -18.16 -4.43 -51.06
CA THR I 98 -18.39 -3.18 -50.34
C THR I 98 -19.71 -2.51 -50.78
N LYS I 99 -19.95 -2.41 -52.10
CA LYS I 99 -21.23 -1.85 -52.54
C LYS I 99 -22.40 -2.61 -51.93
N ASP I 100 -22.28 -3.93 -51.79
CA ASP I 100 -23.39 -4.68 -51.20
C ASP I 100 -23.55 -4.34 -49.72
N LEU I 101 -22.44 -4.10 -49.01
CA LEU I 101 -22.51 -3.83 -47.58
C LEU I 101 -23.13 -2.46 -47.31
N ARG I 102 -22.92 -1.50 -48.21
CA ARG I 102 -23.57 -0.20 -48.06
C ARG I 102 -25.07 -0.33 -48.25
N GLU I 103 -25.50 -0.96 -49.35
CA GLU I 103 -26.91 -1.26 -49.57
C GLU I 103 -27.57 -1.80 -48.29
N ALA I 104 -26.89 -2.72 -47.60
CA ALA I 104 -27.53 -3.42 -46.49
C ALA I 104 -27.49 -2.66 -45.17
N ILE I 105 -26.66 -1.62 -45.07
CA ILE I 105 -26.60 -0.85 -43.83
C ILE I 105 -27.72 0.19 -43.82
N VAL I 106 -27.77 0.98 -44.89
CA VAL I 106 -28.90 1.82 -45.27
C VAL I 106 -30.21 1.20 -44.83
N HIS I 107 -30.49 -0.02 -45.29
CA HIS I 107 -31.73 -0.66 -44.87
C HIS I 107 -31.74 -0.90 -43.36
N CYS I 108 -30.59 -1.22 -42.77
CA CYS I 108 -30.57 -1.46 -41.33
C CYS I 108 -30.89 -0.19 -40.56
N GLU I 109 -30.34 0.93 -41.00
CA GLU I 109 -30.66 2.18 -40.34
C GLU I 109 -32.16 2.44 -40.42
N GLN I 110 -32.71 2.40 -41.63
CA GLN I 110 -34.12 2.71 -41.82
C GLN I 110 -35.03 1.85 -40.96
N VAL I 111 -34.65 0.60 -40.63
CA VAL I 111 -35.53 -0.25 -39.82
C VAL I 111 -35.12 -0.30 -38.35
N HIS I 112 -34.10 0.44 -37.95
CA HIS I 112 -33.66 0.62 -36.56
C HIS I 112 -32.97 -0.61 -35.97
N ASP I 113 -32.59 -1.57 -36.80
CA ASP I 113 -31.83 -2.74 -36.35
C ASP I 113 -30.37 -2.33 -36.27
N TYR I 114 -30.03 -1.60 -35.20
CA TYR I 114 -28.78 -0.85 -35.13
C TYR I 114 -27.60 -1.72 -34.69
N VAL I 115 -27.88 -2.84 -34.04
CA VAL I 115 -26.84 -3.80 -33.73
C VAL I 115 -26.31 -4.41 -35.03
N SER I 116 -27.22 -4.80 -35.93
CA SER I 116 -26.80 -5.38 -37.21
C SER I 116 -26.03 -4.37 -38.05
N ARG I 117 -26.48 -3.10 -38.06
CA ARG I 117 -25.69 -2.11 -38.77
C ARG I 117 -24.27 -2.08 -38.24
N ASP I 118 -24.11 -2.19 -36.92
CA ASP I 118 -22.78 -2.08 -36.34
C ASP I 118 -21.89 -3.25 -36.76
N LEU I 119 -22.46 -4.42 -36.98
CA LEU I 119 -21.64 -5.54 -37.43
C LEU I 119 -21.09 -5.28 -38.83
N LEU I 120 -21.97 -4.93 -39.77
CA LEU I 120 -21.57 -4.73 -41.15
C LEU I 120 -20.61 -3.57 -41.29
N LYS I 121 -20.69 -2.60 -40.38
CA LYS I 121 -19.67 -1.56 -40.40
C LYS I 121 -18.31 -2.14 -40.03
N ASP I 122 -18.28 -3.09 -39.12
CA ASP I 122 -17.00 -3.70 -38.75
C ASP I 122 -16.46 -4.56 -39.88
N ILE I 123 -17.33 -5.33 -40.53
CA ILE I 123 -16.94 -6.09 -41.71
C ILE I 123 -16.47 -5.15 -42.81
N LEU I 124 -17.21 -4.08 -43.05
CA LEU I 124 -16.84 -3.11 -44.08
C LEU I 124 -15.46 -2.52 -43.82
N GLU I 125 -15.10 -2.37 -42.56
CA GLU I 125 -13.81 -1.78 -42.25
C GLU I 125 -12.69 -2.74 -42.60
N SER I 126 -12.89 -4.04 -42.34
CA SER I 126 -11.93 -5.04 -42.84
C SER I 126 -11.86 -4.99 -44.36
N GLU I 127 -13.02 -5.06 -45.01
CA GLU I 127 -13.06 -5.11 -46.47
C GLU I 127 -12.39 -3.89 -47.10
N GLU I 128 -12.36 -2.75 -46.40
CA GLU I 128 -11.59 -1.64 -46.94
C GLU I 128 -10.13 -1.72 -46.55
N GLU I 129 -9.83 -2.45 -45.47
CA GLU I 129 -8.43 -2.75 -45.17
C GLU I 129 -7.86 -3.68 -46.23
N HIS I 130 -8.62 -4.73 -46.57
CA HIS I 130 -8.25 -5.64 -47.64
C HIS I 130 -8.09 -4.91 -48.96
N ILE I 131 -9.04 -4.05 -49.30
CA ILE I 131 -8.96 -3.33 -50.58
C ILE I 131 -7.71 -2.47 -50.62
N ASP I 132 -7.35 -1.85 -49.50
CA ASP I 132 -6.11 -1.07 -49.47
C ASP I 132 -4.89 -1.94 -49.81
N TYR I 133 -4.80 -3.13 -49.19
CA TYR I 133 -3.71 -4.05 -49.45
C TYR I 133 -3.56 -4.29 -50.95
N LEU I 134 -4.61 -4.81 -51.58
CA LEU I 134 -4.60 -5.16 -52.98
C LEU I 134 -4.15 -3.98 -53.81
N GLU I 135 -4.91 -2.88 -53.74
CA GLU I 135 -4.54 -1.69 -54.50
C GLU I 135 -3.06 -1.37 -54.35
N THR I 136 -2.49 -1.64 -53.17
CA THR I 136 -1.10 -1.28 -52.92
C THR I 136 -0.14 -2.30 -53.53
N GLN I 137 -0.55 -3.56 -53.57
CA GLN I 137 0.24 -4.59 -54.26
C GLN I 137 0.35 -4.26 -55.74
N LEU I 138 -0.79 -3.96 -56.37
CA LEU I 138 -0.78 -3.76 -57.80
C LEU I 138 0.04 -2.53 -58.15
N GLY I 139 0.01 -1.53 -57.29
CA GLY I 139 0.85 -0.37 -57.48
C GLY I 139 2.32 -0.61 -57.16
N LEU I 140 2.62 -1.60 -56.30
CA LEU I 140 4.03 -1.91 -56.04
C LEU I 140 4.64 -2.63 -57.22
N ILE I 141 3.88 -3.58 -57.78
CA ILE I 141 4.30 -4.28 -59.00
C ILE I 141 4.77 -3.27 -60.03
N GLN I 142 4.07 -2.13 -60.12
CA GLN I 142 4.43 -1.11 -61.09
C GLN I 142 5.66 -0.33 -60.65
N LYS I 143 5.87 -0.18 -59.33
CA LYS I 143 6.98 0.66 -58.88
C LYS I 143 8.32 -0.09 -58.89
N VAL I 144 8.29 -1.43 -58.72
CA VAL I 144 9.50 -2.24 -58.63
C VAL I 144 9.55 -3.32 -59.69
N GLY I 145 8.64 -3.31 -60.66
CA GLY I 145 8.60 -4.37 -61.65
C GLY I 145 8.12 -5.70 -61.09
N LEU I 146 7.45 -6.51 -61.90
CA LEU I 146 6.84 -7.72 -61.35
C LEU I 146 7.89 -8.73 -60.91
N GLU I 147 9.06 -8.73 -61.53
CA GLU I 147 10.08 -9.70 -61.15
C GLU I 147 10.55 -9.44 -59.73
N ASN I 148 10.94 -8.21 -59.43
CA ASN I 148 11.33 -7.86 -58.07
C ASN I 148 10.18 -8.05 -57.09
N TYR I 149 8.94 -7.82 -57.52
CA TYR I 149 7.84 -7.99 -56.58
C TYR I 149 7.68 -9.44 -56.19
N LEU I 150 7.68 -10.35 -57.17
CA LEU I 150 7.49 -11.75 -56.82
C LEU I 150 8.67 -12.29 -56.02
N GLN I 151 9.88 -11.80 -56.31
CA GLN I 151 11.04 -12.19 -55.53
C GLN I 151 10.88 -11.83 -54.07
N SER I 152 10.37 -10.62 -53.80
CA SER I 152 10.19 -10.18 -52.43
C SER I 152 9.14 -10.97 -51.70
N HIS I 153 8.36 -11.81 -52.41
CA HIS I 153 7.34 -12.66 -51.82
C HIS I 153 7.66 -14.16 -51.95
N MET I 154 8.92 -14.52 -52.24
CA MET I 154 9.29 -15.93 -52.31
C MET I 154 9.30 -16.56 -50.92
N HIS I 155 10.12 -16.02 -50.04
CA HIS I 155 10.31 -16.50 -48.67
C HIS I 155 9.52 -15.64 -47.68
N GLU I 156 9.05 -16.25 -46.60
CA GLU I 156 8.49 -15.48 -45.49
C GLU I 156 9.58 -14.74 -44.72
N MET J 1 15.09 35.09 -17.60
CA MET J 1 16.41 35.71 -17.90
C MET J 1 16.31 36.44 -19.25
N LYS J 2 16.55 37.74 -19.25
CA LYS J 2 16.35 38.53 -20.46
C LYS J 2 17.41 38.13 -21.49
N GLY J 3 16.95 37.56 -22.62
CA GLY J 3 17.85 37.23 -23.70
C GLY J 3 17.97 38.35 -24.74
N ASP J 4 18.96 38.18 -25.60
CA ASP J 4 19.23 39.12 -26.68
C ASP J 4 18.11 39.02 -27.73
N LYS J 5 17.50 40.17 -28.04
CA LYS J 5 16.36 40.23 -28.96
C LYS J 5 16.62 39.52 -30.29
N LYS J 6 17.80 39.70 -30.88
CA LYS J 6 18.08 39.06 -32.16
C LYS J 6 18.36 37.56 -32.00
N VAL J 7 18.98 37.14 -30.89
CA VAL J 7 19.08 35.71 -30.55
C VAL J 7 17.71 35.06 -30.67
N ILE J 8 16.71 35.67 -30.03
CA ILE J 8 15.36 35.12 -29.99
C ILE J 8 14.77 35.03 -31.39
N GLN J 9 14.92 36.11 -32.18
CA GLN J 9 14.43 36.07 -33.55
C GLN J 9 15.13 34.97 -34.36
N HIS J 10 16.43 34.81 -34.16
CA HIS J 10 17.10 33.66 -34.78
C HIS J 10 16.44 32.35 -34.34
N LEU J 11 16.33 32.15 -33.02
CA LEU J 11 15.76 30.91 -32.50
C LEU J 11 14.35 30.68 -33.05
N ASN J 12 13.57 31.77 -33.22
CA ASN J 12 12.23 31.58 -33.76
C ASN J 12 12.28 31.19 -35.23
N LYS J 13 13.32 31.63 -35.95
CA LYS J 13 13.38 31.27 -37.36
C LYS J 13 13.79 29.81 -37.51
N ILE J 14 14.76 29.34 -36.71
CA ILE J 14 15.06 27.91 -36.68
C ILE J 14 13.81 27.13 -36.34
N LEU J 15 13.07 27.60 -35.33
CA LEU J 15 11.82 26.93 -34.98
C LEU J 15 10.91 26.87 -36.18
N GLY J 16 10.84 27.96 -36.95
CA GLY J 16 10.01 27.96 -38.15
C GLY J 16 10.52 26.94 -39.14
N ASN J 17 11.82 26.83 -39.26
CA ASN J 17 12.39 25.76 -40.09
C ASN J 17 11.99 24.37 -39.57
N GLU J 18 12.20 24.11 -38.27
CA GLU J 18 11.81 22.81 -37.72
C GLU J 18 10.33 22.54 -37.95
N LEU J 19 9.48 23.58 -37.94
CA LEU J 19 8.05 23.36 -38.11
C LEU J 19 7.70 22.96 -39.54
N ILE J 20 8.36 23.54 -40.54
CA ILE J 20 8.21 23.02 -41.91
C ILE J 20 8.68 21.56 -41.94
N ALA J 21 9.85 21.31 -41.36
CA ALA J 21 10.41 19.97 -41.43
C ALA J 21 9.48 18.95 -40.80
N ILE J 22 8.88 19.30 -39.64
CA ILE J 22 7.99 18.35 -38.96
C ILE J 22 6.91 17.87 -39.92
N ASN J 23 6.31 18.77 -40.67
CA ASN J 23 5.12 18.44 -41.44
C ASN J 23 5.46 17.85 -42.82
N GLN J 24 6.51 18.35 -43.47
CA GLN J 24 6.98 17.72 -44.71
C GLN J 24 7.32 16.26 -44.48
N TYR J 25 8.18 15.99 -43.51
CA TYR J 25 8.56 14.62 -43.22
C TYR J 25 7.36 13.79 -42.81
N PHE J 26 6.40 14.37 -42.06
CA PHE J 26 5.32 13.52 -41.60
C PHE J 26 4.45 13.10 -42.76
N LEU J 27 4.24 14.00 -43.71
CA LEU J 27 3.38 13.66 -44.84
C LEU J 27 4.10 12.72 -45.81
N HIS J 28 5.40 12.95 -46.04
CA HIS J 28 6.20 12.03 -46.86
C HIS J 28 6.19 10.64 -46.25
N SER J 29 6.36 10.56 -44.93
CA SER J 29 6.33 9.26 -44.27
C SER J 29 5.01 8.53 -44.53
N ARG J 30 3.89 9.26 -44.47
CA ARG J 30 2.58 8.64 -44.63
C ARG J 30 2.22 8.40 -46.10
N MET J 31 2.85 9.11 -47.04
CA MET J 31 2.76 8.77 -48.46
C MET J 31 3.46 7.43 -48.72
N TRP J 32 4.73 7.35 -48.33
CA TRP J 32 5.46 6.08 -48.44
C TRP J 32 4.70 4.95 -47.78
N ASN J 33 4.28 5.11 -46.51
CA ASN J 33 3.46 4.05 -45.93
C ASN J 33 2.26 3.75 -46.84
N ASP J 34 1.64 4.79 -47.42
CA ASP J 34 0.43 4.61 -48.22
C ASP J 34 0.70 3.84 -49.51
N TRP J 35 1.84 4.07 -50.16
CA TRP J 35 2.24 3.34 -51.36
C TRP J 35 2.77 1.93 -51.09
N GLY J 36 3.00 1.58 -49.83
CA GLY J 36 3.49 0.26 -49.48
C GLY J 36 4.98 0.19 -49.27
N LEU J 37 5.63 1.33 -49.07
CA LEU J 37 7.06 1.42 -48.94
C LEU J 37 7.39 1.67 -47.48
N LYS J 38 7.08 0.67 -46.65
CA LYS J 38 7.02 0.85 -45.20
C LYS J 38 8.37 1.24 -44.62
N ARG J 39 9.47 0.69 -45.15
CA ARG J 39 10.76 0.96 -44.56
C ARG J 39 11.09 2.42 -44.65
N LEU J 40 10.68 3.05 -45.76
CA LEU J 40 10.89 4.48 -45.94
C LEU J 40 9.88 5.24 -45.09
N GLY J 41 8.61 4.88 -45.20
CA GLY J 41 7.62 5.41 -44.27
C GLY J 41 8.16 5.50 -42.85
N ALA J 42 8.52 4.36 -42.25
CA ALA J 42 9.07 4.34 -40.90
C ALA J 42 10.32 5.22 -40.75
N HIS J 43 11.27 5.16 -41.67
CA HIS J 43 12.46 5.97 -41.42
C HIS J 43 12.14 7.46 -41.42
N GLU J 44 11.16 7.87 -42.21
CA GLU J 44 10.88 9.28 -42.39
C GLU J 44 10.01 9.78 -41.25
N TYR J 45 9.18 8.88 -40.73
CA TYR J 45 8.51 9.14 -39.46
C TYR J 45 9.52 9.53 -38.40
N HIS J 46 10.60 8.76 -38.26
CA HIS J 46 11.53 9.05 -37.17
C HIS J 46 12.26 10.36 -37.39
N GLU J 47 12.56 10.70 -38.65
CA GLU J 47 13.12 12.01 -38.94
C GLU J 47 12.18 13.12 -38.47
N SER J 48 10.89 12.97 -38.76
CA SER J 48 9.89 13.94 -38.34
C SER J 48 9.90 14.12 -36.83
N ILE J 49 9.75 13.01 -36.08
CA ILE J 49 9.81 13.02 -34.62
C ILE J 49 11.03 13.76 -34.12
N ASP J 50 12.18 13.48 -34.75
CA ASP J 50 13.40 14.16 -34.36
C ASP J 50 13.23 15.67 -34.41
N GLU J 51 12.58 16.18 -35.46
CA GLU J 51 12.47 17.63 -35.58
C GLU J 51 11.50 18.18 -34.52
N MET J 52 10.43 17.44 -34.22
CA MET J 52 9.55 17.77 -33.11
C MET J 52 10.31 18.06 -31.82
N LYS J 53 11.23 17.17 -31.46
CA LYS J 53 11.98 17.32 -30.23
C LYS J 53 12.95 18.49 -30.31
N HIS J 54 13.49 18.75 -31.50
CA HIS J 54 14.24 20.00 -31.70
C HIS J 54 13.33 21.21 -31.50
N ALA J 55 12.12 21.14 -32.05
CA ALA J 55 11.18 22.25 -31.91
C ALA J 55 10.89 22.51 -30.44
N ASP J 56 10.62 21.45 -29.68
CA ASP J 56 10.39 21.50 -28.24
C ASP J 56 11.52 22.24 -27.53
N LYS J 57 12.77 21.83 -27.76
CA LYS J 57 13.89 22.48 -27.09
C LYS J 57 13.97 23.95 -27.47
N LEU J 58 13.54 24.27 -28.68
CA LEU J 58 13.64 25.67 -29.12
C LEU J 58 12.53 26.49 -28.46
N ILE J 59 11.31 25.95 -28.44
CA ILE J 59 10.22 26.58 -27.69
C ILE J 59 10.64 26.82 -26.24
N GLU J 60 11.24 25.80 -25.62
CA GLU J 60 11.55 25.92 -24.20
C GLU J 60 12.54 27.05 -23.95
N ARG J 61 13.54 27.17 -24.82
CA ARG J 61 14.60 28.15 -24.64
C ARG J 61 14.11 29.57 -24.92
N ILE J 62 13.25 29.73 -25.92
CA ILE J 62 12.65 31.04 -26.16
C ILE J 62 11.95 31.54 -24.90
N LEU J 63 11.12 30.67 -24.30
CA LEU J 63 10.34 31.07 -23.12
C LEU J 63 11.24 31.46 -21.97
N PHE J 64 12.26 30.66 -21.69
CA PHE J 64 13.22 31.01 -20.65
C PHE J 64 13.78 32.41 -20.89
N LEU J 65 14.03 32.76 -22.15
CA LEU J 65 14.70 34.01 -22.51
C LEU J 65 13.72 35.16 -22.65
N GLU J 66 12.50 34.95 -22.15
CA GLU J 66 11.43 35.93 -22.05
C GLU J 66 10.97 36.41 -23.42
N GLY J 67 10.99 35.49 -24.39
CA GLY J 67 10.42 35.72 -25.69
C GLY J 67 9.12 34.96 -25.92
N ALA J 68 8.67 35.02 -27.16
CA ALA J 68 7.34 34.52 -27.51
C ALA J 68 7.51 33.50 -28.63
N PRO J 69 7.42 32.19 -28.35
CA PRO J 69 7.58 31.22 -29.43
C PRO J 69 6.52 31.45 -30.50
N ASN J 70 6.92 31.29 -31.76
CA ASN J 70 6.05 31.49 -32.91
C ASN J 70 5.75 30.17 -33.60
N LEU J 71 4.58 29.62 -33.31
CA LEU J 71 4.08 28.42 -33.97
C LEU J 71 2.96 28.72 -34.98
N GLN J 72 2.70 29.99 -35.28
CA GLN J 72 1.63 30.33 -36.21
C GLN J 72 2.09 30.31 -37.68
N ASP J 73 3.26 30.86 -37.95
CA ASP J 73 3.72 31.02 -39.33
C ASP J 73 4.38 29.75 -39.84
N LEU J 74 3.72 29.08 -40.79
CA LEU J 74 4.19 27.83 -41.36
C LEU J 74 4.60 28.06 -42.81
N GLY J 75 5.92 28.02 -43.07
CA GLY J 75 6.48 28.18 -44.40
C GLY J 75 6.07 27.16 -45.47
N LYS J 76 6.83 27.13 -46.56
CA LYS J 76 6.50 26.32 -47.73
C LYS J 76 6.97 24.87 -47.54
N LEU J 77 6.02 23.94 -47.56
CA LEU J 77 6.40 22.53 -47.53
C LEU J 77 6.69 22.06 -48.96
N LEU J 78 7.87 21.45 -49.14
CA LEU J 78 8.27 20.91 -50.43
C LEU J 78 7.87 19.43 -50.47
N ILE J 79 6.83 19.12 -51.25
CA ILE J 79 6.19 17.82 -51.27
C ILE J 79 6.44 17.18 -52.64
N GLY J 80 7.38 16.23 -52.72
CA GLY J 80 7.62 15.52 -53.97
C GLY J 80 6.43 14.68 -54.41
N GLU J 81 6.45 14.28 -55.69
CA GLU J 81 5.40 13.44 -56.24
C GLU J 81 5.88 12.01 -56.50
N ASN J 82 7.17 11.74 -56.31
CA ASN J 82 7.68 10.36 -56.24
C ASN J 82 8.85 10.30 -55.25
N THR J 83 9.28 9.05 -54.96
CA THR J 83 10.34 8.79 -53.99
C THR J 83 11.56 9.66 -54.24
N GLN J 84 12.04 9.67 -55.48
CA GLN J 84 13.23 10.46 -55.78
C GLN J 84 13.00 11.94 -55.53
N GLU J 85 11.83 12.45 -55.94
CA GLU J 85 11.50 13.85 -55.66
C GLU J 85 11.40 14.11 -54.14
N MET J 86 10.74 13.21 -53.40
CA MET J 86 10.53 13.43 -51.97
C MET J 86 11.86 13.56 -51.26
N LEU J 87 12.80 12.67 -51.57
CA LEU J 87 14.12 12.72 -50.94
C LEU J 87 14.82 14.03 -51.25
N GLN J 88 14.75 14.50 -52.51
CA GLN J 88 15.48 15.73 -52.80
C GLN J 88 14.76 16.95 -52.22
N CYS J 89 13.42 16.92 -52.17
CA CYS J 89 12.71 17.97 -51.43
C CYS J 89 13.22 18.08 -49.98
N ASP J 90 13.32 16.94 -49.25
CA ASP J 90 13.84 16.98 -47.87
C ASP J 90 15.28 17.47 -47.84
N LEU J 91 16.07 17.12 -48.85
CA LEU J 91 17.46 17.58 -48.86
C LEU J 91 17.53 19.08 -49.13
N ASN J 92 16.70 19.59 -50.05
CA ASN J 92 16.67 21.02 -50.27
C ASN J 92 16.31 21.75 -48.98
N LEU J 93 15.30 21.24 -48.24
CA LEU J 93 14.87 21.86 -46.99
C LEU J 93 15.98 21.83 -45.94
N GLU J 94 16.72 20.72 -45.88
CA GLU J 94 17.79 20.64 -44.89
C GLU J 94 18.92 21.60 -45.20
N LEU J 95 19.27 21.78 -46.48
CA LEU J 95 20.32 22.74 -46.84
C LEU J 95 19.93 24.19 -46.52
N LYS J 96 18.68 24.58 -46.80
CA LYS J 96 18.21 25.87 -46.27
C LYS J 96 18.34 25.93 -44.75
N ALA J 97 17.99 24.82 -44.07
CA ALA J 97 18.00 24.80 -42.60
C ALA J 97 19.41 24.99 -42.05
N THR J 98 20.41 24.37 -42.68
CA THR J 98 21.78 24.40 -42.17
C THR J 98 22.40 25.79 -42.26
N LYS J 99 22.24 26.48 -43.38
CA LYS J 99 22.82 27.83 -43.41
C LYS J 99 22.10 28.75 -42.41
N ASP J 100 20.78 28.61 -42.27
CA ASP J 100 20.07 29.42 -41.26
C ASP J 100 20.63 29.15 -39.87
N LEU J 101 20.86 27.87 -39.53
CA LEU J 101 21.46 27.55 -38.24
C LEU J 101 22.82 28.20 -38.11
N ARG J 102 23.64 28.07 -39.15
CA ARG J 102 24.96 28.69 -39.16
C ARG J 102 24.88 30.19 -38.91
N GLU J 103 23.91 30.86 -39.56
CA GLU J 103 23.70 32.29 -39.30
C GLU J 103 23.54 32.56 -37.81
N ALA J 104 22.69 31.77 -37.16
CA ALA J 104 22.33 32.06 -35.77
C ALA J 104 23.51 31.87 -34.84
N ILE J 105 24.34 30.85 -35.10
CA ILE J 105 25.44 30.56 -34.18
C ILE J 105 26.43 31.71 -34.16
N VAL J 106 26.81 32.20 -35.35
CA VAL J 106 27.65 33.41 -35.44
C VAL J 106 27.14 34.50 -34.50
N HIS J 107 25.85 34.80 -34.58
CA HIS J 107 25.27 35.84 -33.73
C HIS J 107 25.37 35.49 -32.24
N CYS J 108 25.00 34.24 -31.86
CA CYS J 108 25.04 33.87 -30.44
C CYS J 108 26.42 34.09 -29.87
N GLU J 109 27.45 33.79 -30.67
CA GLU J 109 28.84 33.98 -30.27
C GLU J 109 29.17 35.45 -30.07
N GLN J 110 28.66 36.32 -30.97
CA GLN J 110 28.87 37.77 -30.83
C GLN J 110 28.39 38.26 -29.47
N VAL J 111 27.16 37.88 -29.09
CA VAL J 111 26.56 38.42 -27.87
C VAL J 111 26.82 37.56 -26.65
N HIS J 112 27.54 36.44 -26.81
CA HIS J 112 27.94 35.60 -25.68
C HIS J 112 26.80 34.75 -25.14
N ASP J 113 25.84 34.37 -25.98
CA ASP J 113 24.81 33.41 -25.58
C ASP J 113 25.28 32.01 -25.99
N TYR J 114 26.30 31.56 -25.24
CA TYR J 114 26.98 30.30 -25.49
C TYR J 114 26.06 29.08 -25.28
N VAL J 115 25.22 29.10 -24.26
CA VAL J 115 24.21 28.06 -24.08
C VAL J 115 23.35 27.92 -25.33
N SER J 116 22.89 29.03 -25.91
CA SER J 116 22.05 28.93 -27.10
C SER J 116 22.86 28.46 -28.30
N ARG J 117 24.12 28.88 -28.38
CA ARG J 117 25.00 28.38 -29.42
C ARG J 117 25.08 26.85 -29.37
N ASP J 118 25.34 26.33 -28.18
CA ASP J 118 25.47 24.88 -28.00
C ASP J 118 24.17 24.16 -28.36
N LEU J 119 23.02 24.70 -27.95
CA LEU J 119 21.77 24.10 -28.38
C LEU J 119 21.70 24.00 -29.89
N LEU J 120 22.07 25.09 -30.57
CA LEU J 120 22.00 25.14 -32.03
C LEU J 120 23.01 24.18 -32.69
N LYS J 121 24.26 24.16 -32.21
CA LYS J 121 25.23 23.17 -32.65
C LYS J 121 24.70 21.74 -32.55
N ASP J 122 24.12 21.36 -31.39
CA ASP J 122 23.59 20.00 -31.29
C ASP J 122 22.48 19.77 -32.33
N ILE J 123 21.62 20.78 -32.55
CA ILE J 123 20.64 20.67 -33.64
C ILE J 123 21.36 20.54 -34.99
N LEU J 124 22.49 21.24 -35.16
CA LEU J 124 23.14 21.29 -36.46
C LEU J 124 23.84 19.97 -36.78
N GLU J 125 24.54 19.42 -35.77
CA GLU J 125 24.96 18.01 -35.78
C GLU J 125 23.88 17.07 -36.30
N SER J 126 22.64 17.24 -35.83
CA SER J 126 21.56 16.33 -36.24
C SER J 126 21.06 16.60 -37.66
N GLU J 127 21.11 17.85 -38.14
CA GLU J 127 20.63 18.09 -39.49
C GLU J 127 21.69 17.68 -40.50
N GLU J 128 22.97 17.82 -40.15
CA GLU J 128 24.04 17.24 -40.99
C GLU J 128 23.91 15.73 -41.11
N GLU J 129 23.47 15.03 -40.05
CA GLU J 129 23.27 13.58 -40.19
C GLU J 129 22.10 13.26 -41.12
N HIS J 130 21.05 14.10 -41.11
CA HIS J 130 19.91 13.88 -42.03
C HIS J 130 20.33 14.14 -43.47
N ILE J 131 21.21 15.09 -43.69
CA ILE J 131 21.73 15.37 -45.04
C ILE J 131 22.48 14.15 -45.57
N ASP J 132 23.41 13.64 -44.76
CA ASP J 132 24.13 12.42 -45.10
C ASP J 132 23.15 11.29 -45.43
N TYR J 133 22.21 11.01 -44.53
CA TYR J 133 21.19 10.01 -44.84
C TYR J 133 20.57 10.26 -46.22
N LEU J 134 20.20 11.51 -46.49
CA LEU J 134 19.40 11.83 -47.68
C LEU J 134 20.22 11.71 -48.94
N GLU J 135 21.40 12.33 -48.96
CA GLU J 135 22.33 12.23 -50.07
C GLU J 135 22.63 10.78 -50.39
N THR J 136 22.92 9.99 -49.35
CA THR J 136 23.26 8.59 -49.53
C THR J 136 22.11 7.83 -50.15
N GLN J 137 20.87 8.22 -49.86
CA GLN J 137 19.77 7.47 -50.47
C GLN J 137 19.67 7.81 -51.93
N LEU J 138 20.07 9.01 -52.32
CA LEU J 138 20.07 9.37 -53.73
C LEU J 138 21.19 8.61 -54.43
N GLY J 139 22.36 8.54 -53.80
CA GLY J 139 23.44 7.73 -54.34
C GLY J 139 23.04 6.29 -54.56
N LEU J 140 22.46 5.67 -53.53
CA LEU J 140 22.07 4.27 -53.65
C LEU J 140 21.05 4.07 -54.76
N ILE J 141 20.25 5.08 -55.05
CA ILE J 141 19.31 4.96 -56.16
C ILE J 141 20.06 4.88 -57.49
N GLN J 142 21.24 5.50 -57.57
CA GLN J 142 22.04 5.38 -58.77
C GLN J 142 22.79 4.05 -58.79
N LYS J 143 23.35 3.63 -57.64
CA LYS J 143 24.17 2.42 -57.60
C LYS J 143 23.36 1.15 -57.78
N VAL J 144 22.13 1.10 -57.25
CA VAL J 144 21.30 -0.11 -57.34
C VAL J 144 20.11 0.05 -58.27
N GLY J 145 19.79 1.27 -58.69
CA GLY J 145 18.65 1.50 -59.54
C GLY J 145 17.32 1.58 -58.82
N LEU J 146 16.51 2.58 -59.18
CA LEU J 146 15.30 2.90 -58.45
C LEU J 146 14.49 1.68 -58.03
N GLU J 147 14.23 0.74 -58.96
CA GLU J 147 13.34 -0.37 -58.64
C GLU J 147 13.89 -1.20 -57.48
N ASN J 148 15.15 -1.62 -57.57
CA ASN J 148 15.77 -2.30 -56.44
C ASN J 148 15.66 -1.48 -55.16
N TYR J 149 15.91 -0.16 -55.26
CA TYR J 149 15.86 0.71 -54.09
C TYR J 149 14.50 0.60 -53.42
N LEU J 150 13.46 0.88 -54.17
CA LEU J 150 12.11 0.75 -53.65
C LEU J 150 11.84 -0.65 -53.11
N GLN J 151 12.33 -1.66 -53.80
CA GLN J 151 12.13 -3.03 -53.32
C GLN J 151 12.72 -3.20 -51.93
N SER J 152 13.96 -2.76 -51.76
CA SER J 152 14.65 -2.85 -50.48
C SER J 152 13.95 -2.06 -49.39
N HIS J 153 12.89 -1.33 -49.73
CA HIS J 153 12.18 -0.51 -48.75
C HIS J 153 10.69 -0.77 -48.74
N MET J 154 10.24 -1.95 -49.18
CA MET J 154 8.84 -2.29 -48.94
C MET J 154 8.58 -2.71 -47.50
N HIS J 155 9.46 -3.54 -46.94
CA HIS J 155 9.24 -4.14 -45.62
C HIS J 155 10.26 -3.63 -44.60
N GLU J 156 9.94 -3.86 -43.33
CA GLU J 156 10.83 -3.50 -42.23
C GLU J 156 11.57 -4.72 -41.68
N MET K 1 50.93 20.63 -17.87
CA MET K 1 50.79 21.45 -19.12
C MET K 1 50.64 22.96 -18.82
N LYS K 2 51.57 23.78 -19.32
CA LYS K 2 51.54 25.22 -19.04
C LYS K 2 50.27 25.86 -19.59
N GLY K 3 49.47 26.41 -18.70
CA GLY K 3 48.29 27.16 -19.11
C GLY K 3 48.62 28.63 -19.19
N ASP K 4 47.86 29.32 -20.04
CA ASP K 4 47.79 30.78 -20.05
C ASP K 4 47.49 31.31 -18.64
N LYS K 5 48.25 32.32 -18.22
CA LYS K 5 48.17 32.79 -16.83
C LYS K 5 46.85 33.52 -16.56
N LYS K 6 46.25 34.13 -17.58
CA LYS K 6 44.99 34.83 -17.38
C LYS K 6 43.77 33.92 -17.58
N VAL K 7 43.92 32.77 -18.25
CA VAL K 7 42.90 31.72 -18.10
C VAL K 7 42.87 31.25 -16.65
N ILE K 8 44.03 30.94 -16.11
CA ILE K 8 44.07 30.44 -14.75
C ILE K 8 43.44 31.45 -13.80
N GLN K 9 43.64 32.73 -14.07
CA GLN K 9 43.08 33.78 -13.22
C GLN K 9 41.57 33.76 -13.26
N HIS K 10 41.01 33.61 -14.47
CA HIS K 10 39.57 33.50 -14.59
C HIS K 10 39.07 32.22 -13.91
N LEU K 11 39.72 31.08 -14.17
CA LEU K 11 39.30 29.85 -13.51
C LEU K 11 39.20 30.05 -12.01
N ASN K 12 40.23 30.68 -11.41
CA ASN K 12 40.24 30.89 -9.97
C ASN K 12 39.16 31.88 -9.54
N LYS K 13 38.72 32.74 -10.45
CA LYS K 13 37.66 33.69 -10.11
C LYS K 13 36.32 32.98 -10.14
N ILE K 14 36.12 32.12 -11.14
CA ILE K 14 34.94 31.26 -11.12
C ILE K 14 34.96 30.35 -9.89
N LEU K 15 36.11 29.76 -9.59
CA LEU K 15 36.22 29.01 -8.35
C LEU K 15 35.76 29.84 -7.19
N GLY K 16 36.18 31.11 -7.17
CA GLY K 16 35.85 31.96 -6.07
C GLY K 16 34.35 32.16 -5.93
N ASN K 17 33.67 32.39 -7.07
CA ASN K 17 32.21 32.49 -7.06
C ASN K 17 31.60 31.18 -6.58
N GLU K 18 32.07 30.04 -7.12
CA GLU K 18 31.55 28.76 -6.68
C GLU K 18 31.66 28.61 -5.19
N LEU K 19 32.77 29.08 -4.60
CA LEU K 19 32.93 28.89 -3.15
C LEU K 19 31.93 29.72 -2.37
N ILE K 20 31.54 30.88 -2.89
CA ILE K 20 30.50 31.66 -2.25
C ILE K 20 29.17 30.92 -2.31
N ALA K 21 28.82 30.44 -3.51
CA ALA K 21 27.53 29.79 -3.66
C ALA K 21 27.44 28.54 -2.78
N ILE K 22 28.49 27.74 -2.73
CA ILE K 22 28.46 26.56 -1.89
C ILE K 22 28.03 26.93 -0.49
N ASN K 23 28.72 27.90 0.12
CA ASN K 23 28.43 28.24 1.51
C ASN K 23 27.06 28.88 1.64
N GLN K 24 26.69 29.71 0.67
CA GLN K 24 25.44 30.45 0.74
C GLN K 24 24.25 29.54 0.54
N TYR K 25 24.33 28.62 -0.43
CA TYR K 25 23.22 27.68 -0.68
C TYR K 25 23.12 26.66 0.44
N PHE K 26 24.25 26.21 0.95
CA PHE K 26 24.17 25.28 2.07
C PHE K 26 23.50 25.93 3.27
N LEU K 27 23.90 27.17 3.60
CA LEU K 27 23.34 27.83 4.76
C LEU K 27 21.85 28.09 4.55
N HIS K 28 21.47 28.48 3.34
CA HIS K 28 20.06 28.66 3.04
C HIS K 28 19.28 27.36 3.17
N SER K 29 19.89 26.26 2.69
CA SER K 29 19.24 24.96 2.79
C SER K 29 18.97 24.61 4.23
N ARG K 30 19.95 24.86 5.12
CA ARG K 30 19.77 24.50 6.51
C ARG K 30 18.85 25.46 7.27
N MET K 31 18.72 26.69 6.80
CA MET K 31 17.70 27.57 7.36
C MET K 31 16.33 27.07 6.97
N TRP K 32 16.16 26.71 5.71
CA TRP K 32 14.83 26.33 5.28
C TRP K 32 14.41 25.05 5.98
N ASN K 33 15.33 24.06 6.09
CA ASN K 33 15.06 22.83 6.84
C ASN K 33 14.69 23.16 8.26
N ASP K 34 15.44 24.08 8.86
CA ASP K 34 15.25 24.44 10.26
C ASP K 34 13.90 25.10 10.50
N TRP K 35 13.33 25.75 9.48
CA TRP K 35 12.00 26.34 9.52
C TRP K 35 10.91 25.36 9.11
N GLY K 36 11.27 24.15 8.74
CA GLY K 36 10.29 23.17 8.33
C GLY K 36 9.85 23.30 6.91
N LEU K 37 10.60 24.02 6.08
CA LEU K 37 10.33 24.12 4.65
C LEU K 37 11.25 23.16 3.91
N LYS K 38 10.97 21.87 4.16
CA LYS K 38 11.94 20.82 3.88
C LYS K 38 12.09 20.53 2.39
N ARG K 39 11.06 20.77 1.59
CA ARG K 39 11.22 20.68 0.14
C ARG K 39 12.14 21.78 -0.38
N LEU K 40 12.01 23.01 0.19
CA LEU K 40 12.98 24.05 -0.16
C LEU K 40 14.37 23.65 0.32
N GLY K 41 14.45 23.08 1.52
CA GLY K 41 15.76 22.72 2.06
C GLY K 41 16.47 21.71 1.19
N ALA K 42 15.74 20.69 0.72
CA ALA K 42 16.36 19.65 -0.09
C ALA K 42 16.77 20.20 -1.43
N HIS K 43 15.91 20.99 -2.06
CA HIS K 43 16.29 21.47 -3.37
C HIS K 43 17.51 22.37 -3.25
N GLU K 44 17.50 23.26 -2.27
CA GLU K 44 18.65 24.11 -2.06
C GLU K 44 19.87 23.29 -1.72
N TYR K 45 19.68 22.17 -1.02
CA TYR K 45 20.82 21.34 -0.69
C TYR K 45 21.51 20.84 -1.94
N HIS K 46 20.74 20.45 -2.95
CA HIS K 46 21.31 19.87 -4.15
C HIS K 46 21.92 20.93 -5.05
N GLU K 47 21.44 22.19 -4.98
CA GLU K 47 22.13 23.27 -5.66
C GLU K 47 23.51 23.51 -5.05
N SER K 48 23.60 23.49 -3.72
CA SER K 48 24.88 23.52 -3.04
C SER K 48 25.80 22.43 -3.57
N ILE K 49 25.31 21.18 -3.59
CA ILE K 49 26.17 20.06 -3.97
C ILE K 49 26.66 20.24 -5.38
N ASP K 50 25.78 20.67 -6.27
CA ASP K 50 26.17 20.83 -7.67
C ASP K 50 27.30 21.85 -7.81
N GLU K 51 27.25 22.95 -7.04
CA GLU K 51 28.34 23.93 -7.02
C GLU K 51 29.63 23.34 -6.48
N MET K 52 29.53 22.45 -5.49
CA MET K 52 30.73 21.75 -5.00
C MET K 52 31.35 20.91 -6.10
N LYS K 53 30.52 20.36 -6.97
CA LYS K 53 31.02 19.60 -8.11
C LYS K 53 31.72 20.52 -9.12
N HIS K 54 31.19 21.73 -9.35
CA HIS K 54 31.86 22.66 -10.27
C HIS K 54 33.20 23.09 -9.69
N ALA K 55 33.24 23.39 -8.40
CA ALA K 55 34.50 23.73 -7.74
C ALA K 55 35.54 22.64 -7.96
N ASP K 56 35.13 21.41 -7.71
CA ASP K 56 36.03 20.27 -7.85
C ASP K 56 36.65 20.23 -9.25
N LYS K 57 35.81 20.38 -10.28
CA LYS K 57 36.35 20.37 -11.63
C LYS K 57 37.29 21.56 -11.83
N LEU K 58 36.89 22.74 -11.34
CA LEU K 58 37.74 23.91 -11.55
C LEU K 58 39.09 23.75 -10.85
N ILE K 59 39.09 23.25 -9.61
CA ILE K 59 40.37 23.02 -8.94
C ILE K 59 41.21 22.02 -9.74
N GLU K 60 40.55 20.99 -10.27
CA GLU K 60 41.23 19.92 -10.97
C GLU K 60 41.92 20.46 -12.22
N ARG K 61 41.22 21.32 -12.97
CA ARG K 61 41.75 21.89 -14.19
C ARG K 61 42.89 22.85 -13.88
N ILE K 62 42.71 23.70 -12.88
CA ILE K 62 43.76 24.65 -12.53
C ILE K 62 45.05 23.94 -12.15
N LEU K 63 44.98 22.84 -11.42
CA LEU K 63 46.22 22.16 -11.06
C LEU K 63 46.89 21.55 -12.30
N PHE K 64 46.10 21.03 -13.22
CA PHE K 64 46.63 20.49 -14.46
C PHE K 64 47.36 21.54 -15.28
N LEU K 65 46.82 22.77 -15.32
CA LEU K 65 47.43 23.86 -16.07
C LEU K 65 48.56 24.53 -15.29
N GLU K 66 48.96 23.97 -14.16
CA GLU K 66 50.06 24.43 -13.34
C GLU K 66 49.66 25.68 -12.55
N GLY K 67 48.38 26.04 -12.56
CA GLY K 67 47.85 27.06 -11.66
C GLY K 67 47.86 26.63 -10.21
N ALA K 68 47.60 27.60 -9.34
CA ALA K 68 47.46 27.35 -7.91
C ALA K 68 46.04 27.72 -7.44
N PRO K 69 45.17 26.76 -7.10
CA PRO K 69 43.78 27.12 -6.78
C PRO K 69 43.65 27.95 -5.52
N ASN K 70 42.80 28.95 -5.60
CA ASN K 70 42.54 29.84 -4.47
C ASN K 70 41.28 29.35 -3.75
N LEU K 71 41.46 28.73 -2.59
CA LEU K 71 40.35 28.39 -1.71
C LEU K 71 40.44 29.12 -0.40
N GLN K 72 41.46 29.97 -0.25
CA GLN K 72 41.57 30.81 0.94
C GLN K 72 40.59 31.98 0.92
N ASP K 73 40.22 32.48 -0.25
CA ASP K 73 39.53 33.78 -0.37
C ASP K 73 38.05 33.53 -0.60
N LEU K 74 37.23 34.06 0.30
CA LEU K 74 35.80 33.84 0.26
C LEU K 74 35.16 35.22 0.26
N GLY K 75 34.51 35.57 -0.87
CA GLY K 75 33.63 36.72 -1.01
C GLY K 75 32.39 36.78 -0.12
N LYS K 76 31.46 37.67 -0.45
CA LYS K 76 30.41 38.05 0.49
C LYS K 76 29.21 37.13 0.27
N LEU K 77 28.89 36.34 1.30
CA LEU K 77 27.63 35.60 1.27
C LEU K 77 26.47 36.58 1.26
N LEU K 78 25.45 36.29 0.45
CA LEU K 78 24.18 37.01 0.50
C LEU K 78 23.14 36.11 1.18
N ILE K 79 23.10 36.19 2.51
CA ILE K 79 22.10 35.50 3.34
C ILE K 79 20.81 36.31 3.45
N GLY K 80 19.72 35.80 2.84
CA GLY K 80 18.40 36.39 3.03
C GLY K 80 17.82 36.14 4.40
N GLU K 81 16.71 36.84 4.68
CA GLU K 81 16.03 36.86 5.99
C GLU K 81 14.69 36.12 5.94
N ASN K 82 14.19 35.83 4.74
CA ASN K 82 12.95 35.08 4.57
C ASN K 82 12.99 34.48 3.16
N THR K 83 11.92 33.75 2.79
CA THR K 83 12.02 32.91 1.60
C THR K 83 12.21 33.74 0.36
N GLN K 84 11.54 34.89 0.27
CA GLN K 84 11.71 35.72 -0.93
C GLN K 84 13.10 36.31 -0.96
N GLU K 85 13.55 36.85 0.16
CA GLU K 85 14.87 37.46 0.22
C GLU K 85 15.95 36.42 -0.12
N MET K 86 15.83 35.20 0.41
CA MET K 86 16.85 34.20 0.14
C MET K 86 16.88 33.84 -1.36
N LEU K 87 15.72 33.71 -1.98
CA LEU K 87 15.70 33.34 -3.37
C LEU K 87 16.29 34.46 -4.22
N GLN K 88 15.97 35.72 -3.88
CA GLN K 88 16.47 36.84 -4.64
C GLN K 88 17.97 36.98 -4.46
N CYS K 89 18.48 36.71 -3.25
CA CYS K 89 19.93 36.69 -3.05
C CYS K 89 20.59 35.65 -3.93
N ASP K 90 19.99 34.46 -4.05
CA ASP K 90 20.60 33.42 -4.88
C ASP K 90 20.60 33.85 -6.32
N LEU K 91 19.56 34.57 -6.73
CA LEU K 91 19.48 35.05 -8.10
C LEU K 91 20.52 36.15 -8.35
N ASN K 92 20.62 37.14 -7.46
CA ASN K 92 21.66 38.16 -7.59
C ASN K 92 23.02 37.49 -7.72
N LEU K 93 23.30 36.51 -6.86
CA LEU K 93 24.59 35.81 -6.89
C LEU K 93 24.82 35.13 -8.23
N GLU K 94 23.80 34.44 -8.73
CA GLU K 94 23.89 33.76 -10.03
C GLU K 94 24.11 34.73 -11.18
N LEU K 95 23.59 35.95 -11.07
CA LEU K 95 23.73 36.89 -12.17
C LEU K 95 25.15 37.40 -12.25
N LYS K 96 25.76 37.74 -11.09
CA LYS K 96 27.19 37.97 -11.10
C LYS K 96 27.94 36.74 -11.67
N ALA K 97 27.54 35.50 -11.31
CA ALA K 97 28.31 34.33 -11.74
C ALA K 97 28.22 34.10 -13.25
N THR K 98 27.06 34.31 -13.87
CA THR K 98 27.01 34.12 -15.31
C THR K 98 27.79 35.22 -16.06
N LYS K 99 27.82 36.45 -15.53
CA LYS K 99 28.58 37.51 -16.20
C LYS K 99 30.06 37.15 -16.26
N ASP K 100 30.65 36.80 -15.11
CA ASP K 100 32.05 36.39 -15.08
C ASP K 100 32.34 35.15 -15.93
N LEU K 101 31.34 34.29 -16.12
CA LEU K 101 31.54 33.11 -16.95
C LEU K 101 31.63 33.48 -18.42
N ARG K 102 30.76 34.38 -18.89
CA ARG K 102 30.89 34.84 -20.26
C ARG K 102 32.25 35.50 -20.47
N GLU K 103 32.65 36.39 -19.56
CA GLU K 103 33.94 37.07 -19.71
C GLU K 103 35.07 36.06 -19.81
N ALA K 104 35.05 35.04 -18.94
CA ALA K 104 36.10 34.04 -18.98
C ALA K 104 36.08 33.25 -20.28
N ILE K 105 34.89 32.99 -20.82
CA ILE K 105 34.82 32.21 -22.05
C ILE K 105 35.41 32.98 -23.23
N VAL K 106 35.03 34.27 -23.38
CA VAL K 106 35.64 35.11 -24.43
C VAL K 106 37.16 34.96 -24.41
N HIS K 107 37.76 35.08 -23.22
CA HIS K 107 39.21 34.99 -23.10
C HIS K 107 39.74 33.61 -23.48
N CYS K 108 39.08 32.54 -23.01
CA CYS K 108 39.50 31.18 -23.39
C CYS K 108 39.52 31.02 -24.90
N GLU K 109 38.48 31.51 -25.58
CA GLU K 109 38.46 31.44 -27.03
C GLU K 109 39.65 32.16 -27.62
N GLN K 110 39.96 33.35 -27.10
CA GLN K 110 41.04 34.17 -27.67
C GLN K 110 42.36 33.43 -27.67
N VAL K 111 42.74 32.85 -26.52
CA VAL K 111 44.02 32.15 -26.38
C VAL K 111 43.91 30.67 -26.71
N HIS K 112 42.80 30.25 -27.31
CA HIS K 112 42.64 28.91 -27.88
C HIS K 112 42.62 27.80 -26.81
N ASP K 113 42.23 28.11 -25.57
CA ASP K 113 42.05 27.09 -24.53
C ASP K 113 40.62 26.58 -24.66
N TYR K 114 40.40 25.75 -25.69
CA TYR K 114 39.04 25.34 -26.00
C TYR K 114 38.48 24.31 -25.00
N VAL K 115 39.33 23.69 -24.18
CA VAL K 115 38.86 22.71 -23.20
C VAL K 115 38.39 23.43 -21.96
N SER K 116 39.19 24.38 -21.48
CA SER K 116 38.69 25.29 -20.46
C SER K 116 37.40 25.93 -20.92
N ARG K 117 37.32 26.31 -22.19
CA ARG K 117 36.07 26.88 -22.68
C ARG K 117 34.93 25.91 -22.44
N ASP K 118 35.10 24.66 -22.88
CA ASP K 118 34.01 23.71 -22.85
C ASP K 118 33.56 23.45 -21.41
N LEU K 119 34.50 23.38 -20.47
CA LEU K 119 34.13 23.21 -19.08
C LEU K 119 33.30 24.40 -18.59
N LEU K 120 33.85 25.62 -18.75
CA LEU K 120 33.12 26.82 -18.34
C LEU K 120 31.72 26.86 -18.96
N LYS K 121 31.59 26.46 -20.22
CA LYS K 121 30.28 26.43 -20.85
C LYS K 121 29.32 25.48 -20.13
N ASP K 122 29.82 24.30 -19.73
CA ASP K 122 28.95 23.33 -19.07
C ASP K 122 28.43 23.90 -17.78
N ILE K 123 29.29 24.58 -17.02
CA ILE K 123 28.87 25.24 -15.79
C ILE K 123 27.83 26.29 -16.11
N LEU K 124 28.14 27.17 -17.07
CA LEU K 124 27.21 28.24 -17.43
C LEU K 124 25.82 27.67 -17.70
N GLU K 125 25.74 26.54 -18.38
CA GLU K 125 24.46 25.90 -18.65
C GLU K 125 23.79 25.51 -17.34
N SER K 126 24.58 25.06 -16.37
CA SER K 126 24.04 24.74 -15.06
C SER K 126 23.61 26.00 -14.32
N GLU K 127 24.49 27.02 -14.28
CA GLU K 127 24.09 28.27 -13.64
C GLU K 127 22.80 28.80 -14.27
N GLU K 128 22.67 28.76 -15.60
CA GLU K 128 21.45 29.26 -16.22
C GLU K 128 20.23 28.46 -15.78
N GLU K 129 20.37 27.14 -15.56
CA GLU K 129 19.26 26.34 -15.04
C GLU K 129 18.87 26.79 -13.63
N HIS K 130 19.86 27.03 -12.78
CA HIS K 130 19.54 27.57 -11.47
C HIS K 130 18.83 28.93 -11.59
N ILE K 131 19.19 29.73 -12.59
CA ILE K 131 18.53 31.03 -12.73
C ILE K 131 17.06 30.80 -13.09
N ASP K 132 16.80 29.85 -13.99
CA ASP K 132 15.41 29.59 -14.34
C ASP K 132 14.64 29.11 -13.11
N TYR K 133 15.25 28.24 -12.30
CA TYR K 133 14.56 27.76 -11.12
C TYR K 133 14.17 28.92 -10.19
N LEU K 134 15.14 29.78 -9.89
CA LEU K 134 14.90 30.91 -9.00
C LEU K 134 13.84 31.88 -9.55
N GLU K 135 14.04 32.36 -10.78
CA GLU K 135 13.05 33.27 -11.34
C GLU K 135 11.68 32.63 -11.25
N THR K 136 11.63 31.31 -11.43
CA THR K 136 10.37 30.58 -11.51
C THR K 136 9.72 30.45 -10.14
N GLN K 137 10.51 30.22 -9.08
CA GLN K 137 9.93 30.23 -7.74
C GLN K 137 9.38 31.60 -7.43
N LEU K 138 10.16 32.66 -7.69
CA LEU K 138 9.70 34.04 -7.46
C LEU K 138 8.40 34.33 -8.21
N GLY K 139 8.26 33.81 -9.43
CA GLY K 139 7.01 33.99 -10.16
C GLY K 139 5.84 33.23 -9.56
N LEU K 140 6.10 32.00 -9.08
CA LEU K 140 5.06 31.18 -8.46
C LEU K 140 4.55 31.82 -7.16
N ILE K 141 5.46 32.34 -6.35
CA ILE K 141 5.08 33.10 -5.17
C ILE K 141 4.03 34.13 -5.52
N GLN K 142 4.12 34.70 -6.72
CA GLN K 142 3.16 35.72 -7.12
C GLN K 142 1.87 35.10 -7.65
N LYS K 143 1.94 33.95 -8.31
CA LYS K 143 0.72 33.35 -8.87
C LYS K 143 -0.13 32.66 -7.79
N VAL K 144 0.51 32.04 -6.80
CA VAL K 144 -0.21 31.21 -5.82
C VAL K 144 -0.30 31.86 -4.45
N GLY K 145 0.43 32.94 -4.20
CA GLY K 145 0.54 33.57 -2.90
C GLY K 145 1.63 32.96 -2.04
N LEU K 146 2.26 33.79 -1.20
CA LEU K 146 3.38 33.31 -0.39
C LEU K 146 2.97 32.17 0.56
N GLU K 147 1.77 32.25 1.16
CA GLU K 147 1.36 31.24 2.14
C GLU K 147 1.25 29.89 1.47
N ASN K 148 0.53 29.83 0.36
CA ASN K 148 0.44 28.60 -0.40
C ASN K 148 1.81 28.15 -0.88
N TYR K 149 2.63 29.08 -1.41
CA TYR K 149 3.93 28.67 -1.95
C TYR K 149 4.72 27.95 -0.87
N LEU K 150 4.76 28.53 0.32
CA LEU K 150 5.48 27.89 1.41
C LEU K 150 4.78 26.60 1.83
N GLN K 151 3.45 26.60 1.91
CA GLN K 151 2.73 25.38 2.20
C GLN K 151 3.24 24.25 1.28
N SER K 152 3.38 24.53 0.00
CA SER K 152 3.73 23.48 -0.96
C SER K 152 5.15 22.95 -0.78
N HIS K 153 5.96 23.60 0.05
CA HIS K 153 7.36 23.22 0.26
C HIS K 153 7.62 22.83 1.70
N MET K 154 6.57 22.50 2.46
CA MET K 154 6.78 22.05 3.84
C MET K 154 7.30 20.61 3.87
N HIS K 155 6.60 19.69 3.18
CA HIS K 155 6.88 18.25 3.17
C HIS K 155 7.63 17.87 1.89
N GLU K 156 8.46 16.83 1.98
CA GLU K 156 9.28 16.47 0.82
C GLU K 156 8.50 15.76 -0.30
N MET L 1 49.92 11.04 19.75
CA MET L 1 49.33 12.04 20.68
C MET L 1 49.78 11.82 22.11
N LYS L 2 50.45 12.82 22.68
CA LYS L 2 50.87 12.74 24.07
C LYS L 2 49.63 12.75 24.93
N GLY L 3 49.51 11.76 25.80
CA GLY L 3 48.38 11.67 26.69
C GLY L 3 48.83 12.00 28.08
N ASP L 4 47.87 12.36 28.92
CA ASP L 4 48.15 12.60 30.32
C ASP L 4 48.70 11.34 30.97
N LYS L 5 49.77 11.48 31.75
CA LYS L 5 50.44 10.29 32.27
C LYS L 5 49.57 9.53 33.27
N LYS L 6 48.70 10.22 34.02
CA LYS L 6 47.86 9.52 34.98
C LYS L 6 46.62 8.91 34.34
N VAL L 7 46.13 9.48 33.25
CA VAL L 7 45.14 8.77 32.44
C VAL L 7 45.69 7.41 32.03
N ILE L 8 46.87 7.39 31.44
CA ILE L 8 47.47 6.13 30.99
C ILE L 8 47.62 5.16 32.15
N GLN L 9 48.00 5.66 33.33
CA GLN L 9 48.07 4.77 34.48
C GLN L 9 46.71 4.14 34.77
N HIS L 10 45.65 4.95 34.68
CA HIS L 10 44.30 4.42 34.95
C HIS L 10 43.96 3.38 33.91
N LEU L 11 44.17 3.71 32.63
CA LEU L 11 43.94 2.75 31.56
C LEU L 11 44.64 1.43 31.86
N ASN L 12 45.91 1.47 32.23
CA ASN L 12 46.60 0.24 32.57
C ASN L 12 45.99 -0.44 33.79
N LYS L 13 45.52 0.33 34.78
CA LYS L 13 44.89 -0.28 35.94
C LYS L 13 43.59 -0.98 35.57
N ILE L 14 42.75 -0.33 34.77
CA ILE L 14 41.55 -0.98 34.27
C ILE L 14 41.94 -2.16 33.39
N LEU L 15 42.95 -1.99 32.53
CA LEU L 15 43.41 -3.09 31.69
C LEU L 15 43.75 -4.30 32.54
N GLY L 16 44.44 -4.09 33.66
CA GLY L 16 44.78 -5.21 34.53
C GLY L 16 43.58 -5.93 35.11
N ASN L 17 42.52 -5.17 35.45
CA ASN L 17 41.30 -5.78 35.98
C ASN L 17 40.59 -6.61 34.94
N GLU L 18 40.55 -6.12 33.70
CA GLU L 18 40.05 -6.94 32.59
C GLU L 18 40.88 -8.19 32.41
N LEU L 19 42.21 -8.10 32.58
CA LEU L 19 43.03 -9.31 32.42
C LEU L 19 42.69 -10.36 33.48
N ILE L 20 42.48 -9.94 34.72
CA ILE L 20 42.01 -10.90 35.71
C ILE L 20 40.69 -11.51 35.25
N ALA L 21 39.73 -10.67 34.87
CA ALA L 21 38.40 -11.17 34.54
C ALA L 21 38.43 -12.18 33.40
N ILE L 22 39.16 -11.87 32.33
CA ILE L 22 39.29 -12.80 31.21
C ILE L 22 39.60 -14.19 31.72
N ASN L 23 40.68 -14.31 32.50
CA ASN L 23 41.12 -15.63 32.93
C ASN L 23 40.12 -16.23 33.92
N GLN L 24 39.64 -15.41 34.87
CA GLN L 24 38.68 -15.91 35.84
C GLN L 24 37.41 -16.40 35.16
N TYR L 25 36.86 -15.62 34.22
CA TYR L 25 35.66 -16.09 33.56
C TYR L 25 35.95 -17.29 32.68
N PHE L 26 37.08 -17.26 31.96
CA PHE L 26 37.35 -18.38 31.06
C PHE L 26 37.51 -19.66 31.86
N LEU L 27 38.13 -19.59 33.04
CA LEU L 27 38.28 -20.79 33.85
C LEU L 27 36.94 -21.23 34.39
N HIS L 28 36.17 -20.31 34.96
CA HIS L 28 34.83 -20.65 35.43
C HIS L 28 33.98 -21.24 34.30
N SER L 29 34.04 -20.65 33.10
CA SER L 29 33.28 -21.19 31.98
C SER L 29 33.61 -22.66 31.78
N ARG L 30 34.91 -23.00 31.81
CA ARG L 30 35.37 -24.36 31.51
C ARG L 30 35.11 -25.33 32.65
N MET L 31 35.20 -24.86 33.90
CA MET L 31 34.72 -25.67 35.02
C MET L 31 33.25 -26.04 34.84
N TRP L 32 32.42 -25.05 34.52
CA TRP L 32 31.00 -25.29 34.36
C TRP L 32 30.72 -26.26 33.21
N ASN L 33 31.40 -26.08 32.06
CA ASN L 33 31.32 -27.09 31.00
C ASN L 33 31.79 -28.44 31.52
N ASP L 34 32.84 -28.43 32.34
CA ASP L 34 33.42 -29.67 32.80
C ASP L 34 32.45 -30.45 33.68
N TRP L 35 31.54 -29.74 34.38
CA TRP L 35 30.58 -30.36 35.29
C TRP L 35 29.26 -30.67 34.64
N GLY L 36 29.13 -30.43 33.35
CA GLY L 36 27.88 -30.73 32.67
C GLY L 36 26.92 -29.56 32.62
N LEU L 37 27.34 -28.39 33.09
CA LEU L 37 26.45 -27.24 33.18
C LEU L 37 26.76 -26.32 32.00
N LYS L 38 26.26 -26.75 30.84
CA LYS L 38 26.72 -26.14 29.61
C LYS L 38 26.15 -24.73 29.45
N ARG L 39 24.94 -24.49 29.96
CA ARG L 39 24.34 -23.17 29.83
C ARG L 39 25.14 -22.15 30.59
N LEU L 40 25.64 -22.51 31.76
CA LEU L 40 26.47 -21.58 32.52
C LEU L 40 27.83 -21.41 31.85
N GLY L 41 28.37 -22.48 31.31
CA GLY L 41 29.64 -22.36 30.63
C GLY L 41 29.54 -21.46 29.42
N ALA L 42 28.51 -21.65 28.61
CA ALA L 42 28.34 -20.80 27.44
C ALA L 42 28.28 -19.34 27.85
N HIS L 43 27.38 -18.99 28.76
CA HIS L 43 27.27 -17.60 29.19
C HIS L 43 28.60 -17.08 29.72
N GLU L 44 29.21 -17.80 30.66
CA GLU L 44 30.48 -17.38 31.22
C GLU L 44 31.54 -17.24 30.12
N TYR L 45 31.44 -18.03 29.05
CA TYR L 45 32.36 -17.86 27.95
C TYR L 45 32.15 -16.52 27.26
N HIS L 46 30.89 -16.13 27.02
CA HIS L 46 30.64 -14.87 26.37
C HIS L 46 31.04 -13.71 27.25
N GLU L 47 30.96 -13.88 28.58
CA GLU L 47 31.48 -12.85 29.47
C GLU L 47 32.99 -12.72 29.34
N SER L 48 33.69 -13.86 29.25
CA SER L 48 35.13 -13.80 29.03
C SER L 48 35.46 -13.08 27.72
N ILE L 49 34.80 -13.48 26.63
CA ILE L 49 35.01 -12.83 25.33
C ILE L 49 34.77 -11.30 25.45
N ASP L 50 33.70 -10.92 26.13
CA ASP L 50 33.40 -9.50 26.37
C ASP L 50 34.60 -8.77 26.95
N GLU L 51 35.19 -9.33 28.02
CA GLU L 51 36.35 -8.69 28.62
C GLU L 51 37.55 -8.65 27.66
N MET L 52 37.71 -9.68 26.81
CA MET L 52 38.80 -9.62 25.85
C MET L 52 38.61 -8.46 24.91
N LYS L 53 37.36 -8.14 24.59
CA LYS L 53 37.09 -7.03 23.68
C LYS L 53 37.42 -5.69 24.34
N HIS L 54 37.02 -5.51 25.61
CA HIS L 54 37.41 -4.30 26.32
C HIS L 54 38.93 -4.17 26.42
N ALA L 55 39.62 -5.22 26.86
CA ALA L 55 41.08 -5.17 26.97
C ALA L 55 41.72 -4.66 25.67
N ASP L 56 41.29 -5.20 24.54
CA ASP L 56 41.79 -4.76 23.24
C ASP L 56 41.64 -3.25 23.07
N LYS L 57 40.42 -2.73 23.24
CA LYS L 57 40.22 -1.31 23.03
C LYS L 57 41.12 -0.49 23.95
N LEU L 58 41.34 -0.96 25.17
CA LEU L 58 42.21 -0.24 26.10
C LEU L 58 43.64 -0.25 25.62
N ILE L 59 44.15 -1.44 25.28
CA ILE L 59 45.50 -1.56 24.73
C ILE L 59 45.68 -0.59 23.56
N GLU L 60 44.77 -0.66 22.61
CA GLU L 60 44.75 0.25 21.48
C GLU L 60 44.83 1.71 21.92
N ARG L 61 43.97 2.13 22.86
CA ARG L 61 43.96 3.53 23.32
C ARG L 61 45.26 3.88 24.01
N ILE L 62 45.77 2.99 24.87
CA ILE L 62 47.02 3.26 25.57
C ILE L 62 48.15 3.50 24.57
N LEU L 63 48.28 2.62 23.58
CA LEU L 63 49.26 2.79 22.51
C LEU L 63 49.07 4.10 21.75
N PHE L 64 47.82 4.47 21.45
CA PHE L 64 47.61 5.72 20.71
C PHE L 64 48.10 6.92 21.50
N LEU L 65 47.92 6.89 22.82
CA LEU L 65 48.31 8.00 23.71
C LEU L 65 49.77 7.92 24.09
N GLU L 66 50.52 7.01 23.46
CA GLU L 66 51.97 6.91 23.53
C GLU L 66 52.43 6.35 24.86
N GLY L 67 51.56 5.60 25.54
CA GLY L 67 51.97 4.76 26.65
C GLY L 67 52.35 3.35 26.22
N ALA L 68 52.58 2.51 27.22
CA ALA L 68 53.01 1.13 27.05
C ALA L 68 52.06 0.18 27.75
N PRO L 69 51.25 -0.58 27.04
CA PRO L 69 50.32 -1.48 27.73
C PRO L 69 51.08 -2.48 28.58
N ASN L 70 50.52 -2.74 29.76
CA ASN L 70 51.07 -3.72 30.70
C ASN L 70 50.19 -4.98 30.71
N LEU L 71 50.62 -6.00 29.96
CA LEU L 71 49.95 -7.30 30.00
C LEU L 71 50.73 -8.31 30.83
N GLN L 72 51.73 -7.86 31.59
CA GLN L 72 52.64 -8.70 32.33
C GLN L 72 52.13 -8.97 33.73
N ASP L 73 51.50 -7.98 34.36
CA ASP L 73 51.08 -8.12 35.74
C ASP L 73 49.62 -8.57 35.82
N LEU L 74 49.37 -9.52 36.71
CA LEU L 74 48.11 -10.22 36.80
C LEU L 74 47.79 -10.39 38.28
N GLY L 75 46.69 -9.80 38.72
CA GLY L 75 46.23 -9.93 40.08
C GLY L 75 45.64 -11.30 40.41
N LYS L 76 45.13 -11.41 41.64
CA LYS L 76 44.58 -12.66 42.14
C LYS L 76 43.31 -12.97 41.38
N LEU L 77 43.31 -14.13 40.71
CA LEU L 77 42.07 -14.71 40.25
C LEU L 77 41.26 -15.20 41.46
N LEU L 78 40.01 -14.79 41.54
CA LEU L 78 39.09 -15.27 42.57
C LEU L 78 38.33 -16.43 41.95
N ILE L 79 38.76 -17.65 42.25
CA ILE L 79 38.24 -18.85 41.63
C ILE L 79 37.38 -19.55 42.68
N GLY L 80 36.10 -19.76 42.35
CA GLY L 80 35.22 -20.50 43.24
C GLY L 80 35.36 -22.02 43.08
N GLU L 81 34.91 -22.74 44.09
CA GLU L 81 34.90 -24.19 44.07
C GLU L 81 33.53 -24.78 43.78
N ASN L 82 32.48 -23.96 43.71
CA ASN L 82 31.12 -24.42 43.41
C ASN L 82 30.35 -23.27 42.75
N THR L 83 29.16 -23.59 42.21
CA THR L 83 28.43 -22.62 41.38
C THR L 83 28.13 -21.31 42.12
N GLN L 84 27.65 -21.40 43.36
CA GLN L 84 27.35 -20.20 44.11
C GLN L 84 28.62 -19.41 44.38
N GLU L 85 29.68 -20.10 44.80
CA GLU L 85 30.94 -19.43 45.06
C GLU L 85 31.47 -18.71 43.81
N MET L 86 31.31 -19.31 42.62
CA MET L 86 31.88 -18.72 41.41
C MET L 86 31.08 -17.49 40.98
N LEU L 87 29.74 -17.58 41.04
CA LEU L 87 28.94 -16.39 40.78
C LEU L 87 29.32 -15.26 41.73
N GLN L 88 29.37 -15.55 43.04
CA GLN L 88 29.74 -14.49 43.98
C GLN L 88 31.16 -14.01 43.73
N CYS L 89 32.03 -14.87 43.19
CA CYS L 89 33.41 -14.46 42.96
C CYS L 89 33.52 -13.51 41.77
N ASP L 90 32.75 -13.74 40.71
CA ASP L 90 32.69 -12.78 39.62
C ASP L 90 32.13 -11.45 40.12
N LEU L 91 31.11 -11.51 40.98
CA LEU L 91 30.49 -10.28 41.44
C LEU L 91 31.46 -9.46 42.27
N ASN L 92 32.17 -10.11 43.19
CA ASN L 92 33.19 -9.40 43.94
C ASN L 92 34.13 -8.69 42.99
N LEU L 93 34.60 -9.42 41.96
CA LEU L 93 35.57 -8.88 41.01
C LEU L 93 34.99 -7.68 40.28
N GLU L 94 33.76 -7.81 39.77
CA GLU L 94 33.11 -6.72 39.05
C GLU L 94 32.96 -5.47 39.91
N LEU L 95 32.72 -5.63 41.21
CA LEU L 95 32.52 -4.46 42.06
C LEU L 95 33.83 -3.73 42.33
N LYS L 96 34.94 -4.48 42.48
CA LYS L 96 36.25 -3.86 42.44
C LYS L 96 36.43 -3.06 41.15
N ALA L 97 35.98 -3.63 40.03
CA ALA L 97 36.25 -3.05 38.71
C ALA L 97 35.41 -1.80 38.45
N THR L 98 34.15 -1.76 38.89
CA THR L 98 33.39 -0.52 38.73
C THR L 98 33.97 0.59 39.58
N LYS L 99 34.41 0.29 40.82
CA LYS L 99 35.03 1.32 41.64
C LYS L 99 36.22 1.93 40.91
N ASP L 100 37.09 1.09 40.34
CA ASP L 100 38.26 1.59 39.65
C ASP L 100 37.89 2.32 38.36
N LEU L 101 36.76 1.98 37.74
CA LEU L 101 36.33 2.67 36.52
C LEU L 101 35.85 4.09 36.84
N ARG L 102 35.08 4.25 37.90
CA ARG L 102 34.57 5.55 38.28
C ARG L 102 35.72 6.52 38.58
N GLU L 103 36.67 6.09 39.43
CA GLU L 103 37.84 6.92 39.71
C GLU L 103 38.60 7.30 38.44
N ALA L 104 38.74 6.35 37.51
CA ALA L 104 39.39 6.66 36.24
C ALA L 104 38.60 7.69 35.45
N ILE L 105 37.28 7.61 35.49
CA ILE L 105 36.48 8.56 34.73
C ILE L 105 36.64 9.95 35.33
N VAL L 106 36.67 10.04 36.67
CA VAL L 106 36.85 11.33 37.31
C VAL L 106 38.12 11.98 36.80
N HIS L 107 39.24 11.22 36.80
CA HIS L 107 40.50 11.83 36.41
C HIS L 107 40.48 12.20 34.94
N CYS L 108 39.85 11.40 34.09
CA CYS L 108 39.77 11.80 32.67
C CYS L 108 38.96 13.09 32.52
N GLU L 109 37.95 13.29 33.36
CA GLU L 109 37.14 14.49 33.26
C GLU L 109 37.94 15.72 33.64
N GLN L 110 38.76 15.62 34.69
CA GLN L 110 39.46 16.81 35.20
C GLN L 110 40.56 17.28 34.25
N VAL L 111 41.16 16.36 33.49
CA VAL L 111 42.17 16.74 32.51
C VAL L 111 41.61 16.77 31.10
N HIS L 112 40.29 16.71 30.95
CA HIS L 112 39.61 16.94 29.67
C HIS L 112 39.89 15.84 28.64
N ASP L 113 40.15 14.58 29.06
CA ASP L 113 40.36 13.47 28.12
C ASP L 113 39.02 12.77 27.87
N TYR L 114 38.20 13.44 27.07
CA TYR L 114 36.78 13.06 26.97
C TYR L 114 36.57 11.80 26.13
N VAL L 115 37.46 11.52 25.18
CA VAL L 115 37.35 10.28 24.42
C VAL L 115 37.66 9.12 25.33
N SER L 116 38.72 9.23 26.14
CA SER L 116 39.01 8.15 27.09
C SER L 116 37.87 7.98 28.09
N ARG L 117 37.20 9.07 28.48
CA ARG L 117 36.12 8.91 29.45
C ARG L 117 34.97 8.13 28.84
N ASP L 118 34.67 8.43 27.58
CA ASP L 118 33.61 7.74 26.87
C ASP L 118 33.90 6.24 26.74
N LEU L 119 35.13 5.90 26.37
CA LEU L 119 35.51 4.52 26.32
C LEU L 119 35.24 3.84 27.65
N LEU L 120 35.62 4.51 28.75
CA LEU L 120 35.40 3.96 30.08
C LEU L 120 33.92 3.92 30.44
N LYS L 121 33.15 4.92 30.04
CA LYS L 121 31.72 4.86 30.23
C LYS L 121 31.14 3.58 29.64
N ASP L 122 31.46 3.31 28.38
CA ASP L 122 30.88 2.16 27.69
C ASP L 122 31.28 0.85 28.36
N ILE L 123 32.55 0.73 28.76
CA ILE L 123 32.98 -0.45 29.51
C ILE L 123 32.22 -0.55 30.81
N LEU L 124 32.00 0.60 31.47
CA LEU L 124 31.28 0.60 32.75
C LEU L 124 29.83 0.16 32.55
N GLU L 125 29.25 0.49 31.40
CA GLU L 125 27.91 0.03 31.08
C GLU L 125 27.88 -1.49 30.96
N SER L 126 28.90 -2.11 30.36
CA SER L 126 28.95 -3.57 30.23
C SER L 126 29.24 -4.22 31.56
N GLU L 127 30.12 -3.62 32.37
CA GLU L 127 30.37 -4.22 33.68
C GLU L 127 29.10 -4.16 34.55
N GLU L 128 28.34 -3.06 34.49
CA GLU L 128 27.08 -2.98 35.25
C GLU L 128 26.02 -3.97 34.75
N GLU L 129 25.99 -4.26 33.43
CA GLU L 129 25.22 -5.38 32.87
C GLU L 129 25.59 -6.71 33.52
N HIS L 130 26.89 -6.96 33.71
CA HIS L 130 27.31 -8.24 34.28
C HIS L 130 26.96 -8.30 35.77
N ILE L 131 27.06 -7.17 36.47
CA ILE L 131 26.61 -7.14 37.86
C ILE L 131 25.14 -7.51 37.94
N ASP L 132 24.33 -6.98 37.03
CA ASP L 132 22.91 -7.32 37.01
C ASP L 132 22.71 -8.81 36.69
N TYR L 133 23.52 -9.38 35.78
CA TYR L 133 23.36 -10.79 35.50
C TYR L 133 23.66 -11.61 36.74
N LEU L 134 24.74 -11.27 37.44
CA LEU L 134 25.22 -12.09 38.55
C LEU L 134 24.28 -11.99 39.76
N GLU L 135 23.95 -10.77 40.18
CA GLU L 135 23.01 -10.60 41.26
C GLU L 135 21.73 -11.35 40.98
N THR L 136 21.28 -11.33 39.73
CA THR L 136 20.03 -11.99 39.41
C THR L 136 20.16 -13.51 39.53
N GLN L 137 21.28 -14.06 39.07
CA GLN L 137 21.48 -15.52 39.16
C GLN L 137 21.50 -15.96 40.62
N LEU L 138 22.20 -15.21 41.46
CA LEU L 138 22.23 -15.51 42.88
C LEU L 138 20.82 -15.40 43.47
N GLY L 139 20.06 -14.41 43.02
CA GLY L 139 18.69 -14.28 43.51
C GLY L 139 17.82 -15.40 43.00
N LEU L 140 18.00 -15.77 41.74
CA LEU L 140 17.22 -16.86 41.18
C LEU L 140 17.50 -18.17 41.89
N ILE L 141 18.72 -18.33 42.42
CA ILE L 141 19.02 -19.58 43.11
C ILE L 141 18.22 -19.68 44.39
N GLN L 142 17.98 -18.53 45.06
CA GLN L 142 17.14 -18.51 46.24
C GLN L 142 15.68 -18.76 45.88
N LYS L 143 15.25 -18.25 44.74
CA LYS L 143 13.85 -18.42 44.38
C LYS L 143 13.52 -19.85 43.95
N VAL L 144 14.39 -20.51 43.18
CA VAL L 144 14.04 -21.79 42.57
C VAL L 144 14.70 -22.97 43.25
N GLY L 145 15.70 -22.76 44.10
CA GLY L 145 16.41 -23.85 44.74
C GLY L 145 17.63 -24.18 43.91
N LEU L 146 18.76 -24.46 44.55
CA LEU L 146 19.98 -24.68 43.77
C LEU L 146 19.81 -25.83 42.80
N GLU L 147 19.13 -26.90 43.23
CA GLU L 147 18.97 -28.07 42.35
C GLU L 147 18.24 -27.68 41.08
N ASN L 148 17.14 -26.93 41.21
CA ASN L 148 16.40 -26.48 40.03
C ASN L 148 17.23 -25.50 39.20
N TYR L 149 17.92 -24.55 39.86
CA TYR L 149 18.76 -23.61 39.11
C TYR L 149 19.81 -24.34 38.29
N LEU L 150 20.48 -25.32 38.90
CA LEU L 150 21.48 -26.09 38.17
C LEU L 150 20.84 -26.93 37.09
N GLN L 151 19.69 -27.53 37.40
CA GLN L 151 19.01 -28.30 36.37
C GLN L 151 18.76 -27.44 35.16
N SER L 152 18.47 -26.17 35.40
CA SER L 152 18.07 -25.31 34.30
C SER L 152 19.26 -24.84 33.48
N HIS L 153 20.49 -25.08 33.92
CA HIS L 153 21.67 -24.67 33.17
C HIS L 153 22.50 -25.87 32.69
N MET L 154 21.86 -27.02 32.53
CA MET L 154 22.49 -28.25 32.04
C MET L 154 22.68 -28.24 30.53
N HIS L 155 21.59 -28.01 29.80
CA HIS L 155 21.53 -27.94 28.34
C HIS L 155 21.31 -26.48 27.93
N GLU L 156 21.72 -26.16 26.69
CA GLU L 156 21.48 -24.81 26.12
C GLU L 156 20.18 -24.70 25.35
AS ARS M . -4.05 26.02 0.09
MG MG N . 18.50 -6.86 40.79
MG MG O . 13.33 26.41 15.50
AS ARS P . 12.32 -29.34 38.57
CHA HEM Q . 2.93 0.46 22.82
CHB HEM Q . -1.19 2.90 24.06
CHC HEM Q . 0.83 3.65 28.48
CHD HEM Q . 4.86 1.22 27.26
C1A HEM Q . 1.64 1.02 22.82
C2A HEM Q . 0.68 0.86 21.75
C3A HEM Q . -0.43 1.53 22.08
C4A HEM Q . -0.24 2.13 23.38
CMA HEM Q . -1.74 1.63 21.29
CAA HEM Q . 0.98 0.03 20.47
CBA HEM Q . 0.32 -1.34 20.58
CGA HEM Q . 0.74 -2.19 19.43
O1A HEM Q . 1.89 -2.72 19.49
O2A HEM Q . -0.06 -2.29 18.46
C1B HEM Q . -1.01 3.35 25.37
C2B HEM Q . -1.90 4.19 26.13
C3B HEM Q . -1.31 4.36 27.34
C4B HEM Q . -0.04 3.67 27.38
CMB HEM Q . -3.27 4.69 25.60
CAB HEM Q . -1.74 5.12 28.57
CBB HEM Q . -2.69 6.04 28.48
C1C HEM Q . 2.06 3.07 28.57
C2C HEM Q . 2.94 3.16 29.71
C3C HEM Q . 4.07 2.48 29.36
C4C HEM Q . 3.94 1.97 28.00
CMC HEM Q . 2.49 3.94 30.99
CAC HEM Q . 5.39 2.18 30.10
CBC HEM Q . 5.68 2.66 31.31
C1D HEM Q . 4.71 0.82 25.93
C2D HEM Q . 5.66 0.09 25.13
C3D HEM Q . 5.13 -0.14 23.93
C4D HEM Q . 3.82 0.47 23.88
CMD HEM Q . 7.04 -0.35 25.66
CAD HEM Q . 5.79 -0.87 22.74
CBD HEM Q . 6.28 0.18 21.75
CGD HEM Q . 7.11 -0.43 20.63
O1D HEM Q . 6.66 -0.27 19.46
O2D HEM Q . 8.18 -1.08 20.88
NA HEM Q . 1.04 1.82 23.80
NB HEM Q . 0.10 3.08 26.14
NC HEM Q . 2.69 2.35 27.54
ND HEM Q . 3.60 1.02 25.12
FE HEM Q . 1.83 2.04 25.73
MG MG R . -16.81 13.87 15.57
AS ARS S . -31.03 -35.93 -15.46
CHA HEM T . -12.31 -34.50 14.13
CHB HEM T . -14.99 -38.62 14.10
CHC HEM T . -17.05 -37.26 18.31
CHD HEM T . -14.29 -33.19 18.38
C1A HEM T . -12.85 -35.74 13.76
C2A HEM T . -12.53 -36.52 12.58
C3A HEM T . -13.26 -37.66 12.58
C4A HEM T . -14.09 -37.63 13.75
CMA HEM T . -13.26 -38.82 11.55
CAA HEM T . -11.48 -36.09 11.55
CBA HEM T . -10.14 -36.36 12.25
CGA HEM T . -9.03 -36.32 11.23
O1A HEM T . -8.09 -35.50 11.38
O2A HEM T . -9.13 -37.09 10.25
C1B HEM T . -15.82 -38.61 15.19
C2B HEM T . -16.87 -39.55 15.46
C3B HEM T . -17.46 -39.18 16.62
C4B HEM T . -16.79 -37.98 17.14
CMB HEM T . -17.15 -40.71 14.48
CAB HEM T . -18.63 -39.83 17.37
CBB HEM T . -19.39 -40.78 16.84
C1C HEM T . -16.48 -36.05 18.72
C2C HEM T . -16.79 -35.31 19.94
C3C HEM T . -16.02 -34.19 19.94
C4C HEM T . -15.21 -34.17 18.74
CMC HEM T . -17.83 -35.80 20.98
CAC HEM T . -15.89 -33.02 20.94
CBC HEM T . -16.48 -32.98 22.13
C1D HEM T . -13.53 -33.10 17.22
C2D HEM T . -12.68 -32.01 16.73
C3D HEM T . -12.15 -32.40 15.55
C4D HEM T . -12.61 -33.74 15.25
CMD HEM T . -12.45 -30.62 17.41
CAD HEM T . -11.21 -31.60 14.66
CBD HEM T . -12.02 -30.67 13.77
CGD HEM T . -11.08 -29.68 13.09
O1D HEM T . -10.64 -29.94 11.94
O2D HEM T . -10.80 -28.64 13.73
NA HEM T . -13.81 -36.47 14.44
NB HEM T . -15.79 -37.68 16.22
NC HEM T . -15.53 -35.30 18.03
ND HEM T . -13.44 -34.11 16.29
FE HEM T . -14.63 -35.85 16.28
MG MG U . -35.49 -21.60 2.08
MG MG V . -9.99 -22.34 35.45
MG MG W . -18.90 19.92 -16.72
CHA HEM X . -21.79 -3.10 -7.59
CHB HEM X . -23.87 0.88 -9.52
CHC HEM X . -27.95 -0.49 -7.21
CHD HEM X . -25.94 -4.51 -5.31
C1A HEM X . -21.96 -1.93 -8.36
C2A HEM X . -21.00 -1.26 -9.25
C3A HEM X . -21.59 -0.17 -9.78
C4A HEM X . -22.93 -0.08 -9.25
CMA HEM X . -20.97 0.84 -10.78
CAA HEM X . -19.56 -1.70 -9.56
CBA HEM X . -19.53 -3.13 -10.03
CGA HEM X . -18.16 -3.39 -10.62
O1A HEM X . -17.30 -4.06 -9.98
O2A HEM X . -17.91 -2.90 -11.75
C1B HEM X . -25.19 0.88 -9.06
C2B HEM X . -26.21 1.88 -9.31
C3B HEM X . -27.32 1.46 -8.65
C4B HEM X . -27.04 0.22 -7.97
CMB HEM X . -25.98 3.13 -10.18
CAB HEM X . -28.71 2.06 -8.54
CBB HEM X . -29.06 3.24 -9.05
C1C HEM X . -27.78 -1.68 -6.49
C2C HEM X . -28.81 -2.32 -5.68
C3C HEM X . -28.24 -3.43 -5.15
C4C HEM X . -26.87 -3.54 -5.62
CMC HEM X . -30.23 -1.70 -5.51
CAC HEM X . -28.83 -4.49 -4.21
CBC HEM X . -30.12 -4.58 -3.85
C1D HEM X . -24.60 -4.46 -5.72
C2D HEM X . -23.51 -5.34 -5.30
C3D HEM X . -22.39 -4.93 -5.92
C4D HEM X . -22.71 -3.80 -6.79
CMD HEM X . -23.62 -6.53 -4.30
CAD HEM X . -21.00 -5.57 -5.80
CBD HEM X . -20.18 -4.95 -4.67
CGD HEM X . -18.73 -5.40 -4.81
O1D HEM X . -17.98 -4.88 -5.68
O2D HEM X . -18.33 -6.29 -4.02
NA HEM X . -23.12 -1.17 -8.40
NB HEM X . -25.73 -0.10 -8.25
NC HEM X . -26.63 -2.45 -6.43
ND HEM X . -24.07 -3.54 -6.61
FE HEM X . -24.85 -1.72 -7.35
MG MG Y . -23.68 -52.05 0.43
CHA HEM Z . -9.88 -21.65 -39.89
CHB HEM Z . -14.64 -20.65 -40.30
CHC HEM Z . -14.51 -22.01 -44.94
CHD HEM Z . -9.84 -23.37 -44.47
C1A HEM Z . -11.17 -21.20 -39.59
C2A HEM Z . -11.65 -20.64 -38.34
C3A HEM Z . -12.96 -20.36 -38.46
C4A HEM Z . -13.36 -20.76 -39.79
CMA HEM Z . -13.89 -19.73 -37.39
CAA HEM Z . -10.81 -20.37 -37.07
CBA HEM Z . -9.73 -19.34 -37.39
CGA HEM Z . -9.58 -18.36 -36.26
O1A HEM Z . -8.46 -17.78 -36.13
O2A HEM Z . -10.55 -18.16 -35.48
C1B HEM Z . -15.00 -20.90 -41.60
C2B HEM Z . -16.29 -20.59 -42.17
C3B HEM Z . -16.27 -20.95 -43.46
C4B HEM Z . -14.96 -21.51 -43.74
CMB HEM Z . -17.41 -19.94 -41.33
CAB HEM Z . -17.38 -20.85 -44.52
CBB HEM Z . -18.65 -20.67 -44.20
C1C HEM Z . -13.24 -22.51 -45.22
C2C HEM Z . -12.82 -23.09 -46.48
C3C HEM Z . -11.56 -23.47 -46.39
C4C HEM Z . -11.09 -23.16 -45.04
CMC HEM Z . -13.75 -23.21 -47.71
CAC HEM Z . -10.83 -24.11 -47.59
CBC HEM Z . -9.63 -24.64 -47.50
C1D HEM Z . -9.44 -23.08 -43.18
C2D HEM Z . -8.17 -23.43 -42.55
C3D HEM Z . -8.18 -22.96 -41.28
C4D HEM Z . -9.45 -22.29 -41.05
CMD HEM Z . -7.05 -24.23 -43.25
CAD HEM Z . -7.03 -23.10 -40.24
CBD HEM Z . -7.42 -24.05 -39.11
CGD HEM Z . -6.27 -24.13 -38.12
O1D HEM Z . -6.53 -24.49 -36.94
O2D HEM Z . -5.13 -23.80 -38.50
NA HEM Z . -12.26 -21.27 -40.45
NB HEM Z . -14.22 -21.46 -42.58
NC HEM Z . -12.15 -22.59 -44.38
ND HEM Z . -10.18 -22.40 -42.22
FE HEM Z . -12.27 -22.25 -42.31
MG MG AA . 4.68 -27.87 -59.60
MG MG BA . -3.66 3.56 -52.45
CHA HEM CA . 5.17 12.78 -30.77
CHB HEM CA . 2.54 13.31 -34.89
CHC HEM CA . 3.33 18.16 -34.65
CHD HEM CA . 6.26 17.60 -30.74
C1A HEM CA . 4.36 12.50 -31.88
C2A HEM CA . 3.79 11.22 -32.26
C3A HEM CA . 3.07 11.36 -33.37
C4A HEM CA . 3.15 12.75 -33.78
CMA HEM CA . 2.28 10.26 -34.10
CAA HEM CA . 3.97 9.90 -31.48
CBA HEM CA . 3.02 9.95 -30.30
CGA HEM CA . 3.10 8.62 -29.62
O1A HEM CA . 3.95 8.51 -28.69
O2A HEM CA . 2.35 7.70 -30.04
C1B HEM CA . 2.52 14.67 -35.20
C2B HEM CA . 1.89 15.29 -36.35
C3B HEM CA . 2.08 16.61 -36.27
C4B HEM CA . 2.88 16.91 -35.09
CMB HEM CA . 1.09 14.49 -37.39
CAB HEM CA . 1.61 17.63 -37.30
CBB HEM CA . 1.55 17.26 -38.59
C1C HEM CA . 4.19 18.45 -33.58
C2C HEM CA . 4.67 19.77 -33.19
C3C HEM CA . 5.48 19.62 -32.12
C4C HEM CA . 5.55 18.20 -31.79
CMC HEM CA . 4.24 21.05 -33.94
CAC HEM CA . 6.24 20.69 -31.30
CBC HEM CA . 6.21 22.02 -31.52
C1D HEM CA . 6.26 16.24 -30.40
C2D HEM CA . 7.02 15.57 -29.35
C3D HEM CA . 6.70 14.27 -29.37
C4D HEM CA . 5.74 14.01 -30.42
CMD HEM CA . 8.02 16.23 -28.39
CAD HEM CA . 7.28 13.18 -28.46
CBD HEM CA . 8.29 12.42 -29.30
CGD HEM CA . 8.89 11.31 -28.50
O1D HEM CA . 8.63 10.13 -28.88
O2D HEM CA . 9.62 11.60 -27.53
NA HEM CA . 3.96 13.40 -32.86
NB HEM CA . 3.12 15.69 -34.47
NC HEM CA . 4.76 17.53 -32.71
ND HEM CA . 5.49 15.25 -31.02
FE HEM CA . 4.33 15.43 -32.75
CHA HEM DA . 29.63 16.42 -0.54
CHB HEM DA . 33.13 19.21 -2.58
CHC HEM DA . 32.23 22.70 0.80
CHD HEM DA . 28.77 19.85 2.81
C1A HEM DA . 30.62 16.88 -1.42
C2A HEM DA . 31.08 16.21 -2.63
C3A HEM DA . 32.03 16.97 -3.21
C4A HEM DA . 32.24 18.16 -2.37
CMA HEM DA . 32.80 16.67 -4.51
CAA HEM DA . 30.50 14.88 -3.13
CBA HEM DA . 29.38 15.20 -4.12
CGA HEM DA . 28.86 13.95 -4.78
O1A HEM DA . 27.76 13.50 -4.38
O2A HEM DA . 29.53 13.42 -5.70
C1B HEM DA . 33.23 20.39 -1.85
C2B HEM DA . 34.20 21.47 -2.03
C3B HEM DA . 33.93 22.42 -1.11
C4B HEM DA . 32.82 22.00 -0.27
CMB HEM DA . 35.30 21.52 -3.12
CAB HEM DA . 34.72 23.73 -0.90
CBB HEM DA . 36.06 23.59 -0.93
C1C HEM DA . 31.23 22.23 1.66
C2C HEM DA . 30.72 22.89 2.86
C3C HEM DA . 29.77 22.08 3.41
C4C HEM DA . 29.64 20.90 2.59
CMC HEM DA . 31.26 24.25 3.34
CAC HEM DA . 28.91 22.24 4.67
CBC HEM DA . 28.89 23.31 5.48
C1D HEM DA . 28.70 18.63 2.15
C2D HEM DA . 27.90 17.45 2.47
C3D HEM DA . 28.14 16.52 1.54
C4D HEM DA . 29.10 17.05 0.58
CMD HEM DA . 26.92 17.31 3.67
CAD HEM DA . 27.52 15.11 1.45
CBD HEM DA . 28.35 14.09 2.24
CGD HEM DA . 27.69 12.76 2.00
O1D HEM DA . 27.95 12.14 0.92
O2D HEM DA . 26.87 12.35 2.87
NA HEM DA . 31.37 18.04 -1.29
NB HEM DA . 32.43 20.76 -0.79
NC HEM DA . 30.53 21.03 1.53
ND HEM DA . 29.40 18.35 1.00
FE HEM DA . 30.91 19.51 0.12
MG MG EA . 11.02 32.02 -16.38
MG MG FA . 50.56 17.81 -14.14
CHA HEM GA . 38.96 -14.56 20.94
CHB HEM GA . 40.11 -17.71 24.46
CHC HEM GA . 43.03 -14.43 26.55
CHD HEM GA . 41.77 -11.23 23.12
C1A HEM GA . 39.06 -15.73 21.67
C2A HEM GA . 38.48 -17.02 21.32
C3A HEM GA . 38.80 -17.89 22.29
C4A HEM GA . 39.58 -17.17 23.30
CMA HEM GA . 38.40 -19.38 22.35
CAA HEM GA . 37.66 -17.30 20.04
CBA HEM GA . 38.56 -17.91 18.96
CGA HEM GA . 37.72 -18.31 17.77
O1A HEM GA . 37.64 -17.51 16.81
O2A HEM GA . 37.15 -19.43 17.78
C1B HEM GA . 41.07 -17.13 25.26
C2B HEM GA . 41.91 -17.81 26.23
C3B HEM GA . 42.74 -16.91 26.79
C4B HEM GA . 42.43 -15.62 26.23
CMB HEM GA . 41.85 -19.33 26.46
CAB HEM GA . 43.81 -17.10 27.89
CBB HEM GA . 43.71 -18.08 28.79
C1C HEM GA . 42.94 -13.28 25.83
C2C HEM GA . 43.63 -12.04 26.12
C3C HEM GA . 43.30 -11.14 25.17
C4C HEM GA . 42.36 -11.79 24.24
CMC HEM GA . 44.56 -11.95 27.35
CAC HEM GA . 43.72 -9.67 24.97
CBC HEM GA . 44.62 -9.01 25.70
C1D HEM GA . 40.85 -11.81 22.25
C2D HEM GA . 40.06 -11.16 21.21
C3D HEM GA . 39.29 -12.09 20.63
C4D HEM GA . 39.55 -13.36 21.26
CMD HEM GA . 40.10 -9.66 20.84
CAD HEM GA . 38.29 -11.89 19.46
CBD HEM GA . 36.86 -12.08 19.97
CGD HEM GA . 35.87 -11.96 18.83
O1D HEM GA . 35.32 -13.01 18.39
O2D HEM GA . 35.65 -10.82 18.35
NA HEM GA . 39.72 -15.87 22.88
NB HEM GA . 41.42 -15.79 25.29
NC HEM GA . 42.19 -13.09 24.68
ND HEM GA . 40.50 -13.15 22.24
FE HEM GA . 40.98 -14.45 23.84
MG MG HA . 34.81 -34.80 35.11
#